data_1PEE
# 
_entry.id   1PEE 
# 
_audit_conform.dict_name       mmcif_pdbx.dic 
_audit_conform.dict_version    5.397 
_audit_conform.dict_location   http://mmcif.pdb.org/dictionaries/ascii/mmcif_pdbx.dic 
# 
loop_
_database_2.database_id 
_database_2.database_code 
_database_2.pdbx_database_accession 
_database_2.pdbx_DOI 
PDB   1PEE         pdb_00001pee 10.2210/pdb1pee/pdb 
RCSB  RCSB019271   ?            ?                   
WWPDB D_1000019271 ?            ?                   
# 
loop_
_pdbx_audit_revision_history.ordinal 
_pdbx_audit_revision_history.data_content_type 
_pdbx_audit_revision_history.major_revision 
_pdbx_audit_revision_history.minor_revision 
_pdbx_audit_revision_history.revision_date 
1 'Structure model' 1 0 2004-06-01 
2 'Structure model' 1 1 2008-04-29 
3 'Structure model' 1 2 2011-07-13 
4 'Structure model' 1 3 2023-08-16 
5 'Structure model' 1 4 2024-10-16 
# 
_pdbx_audit_revision_details.ordinal             1 
_pdbx_audit_revision_details.revision_ordinal    1 
_pdbx_audit_revision_details.data_content_type   'Structure model' 
_pdbx_audit_revision_details.provider            repository 
_pdbx_audit_revision_details.type                'Initial release' 
_pdbx_audit_revision_details.description         ? 
_pdbx_audit_revision_details.details             ? 
# 
loop_
_pdbx_audit_revision_group.ordinal 
_pdbx_audit_revision_group.revision_ordinal 
_pdbx_audit_revision_group.data_content_type 
_pdbx_audit_revision_group.group 
1 2 'Structure model' 'Version format compliance' 
2 3 'Structure model' 'Version format compliance' 
3 4 'Structure model' 'Data collection'           
4 4 'Structure model' 'Database references'       
5 4 'Structure model' 'Derived calculations'      
6 4 'Structure model' 'Refinement description'    
7 5 'Structure model' 'Structure summary'         
# 
loop_
_pdbx_audit_revision_category.ordinal 
_pdbx_audit_revision_category.revision_ordinal 
_pdbx_audit_revision_category.data_content_type 
_pdbx_audit_revision_category.category 
1 4 'Structure model' chem_comp_atom                
2 4 'Structure model' chem_comp_bond                
3 4 'Structure model' database_2                    
4 4 'Structure model' pdbx_initial_refinement_model 
5 4 'Structure model' struct_conn                   
6 4 'Structure model' struct_ref_seq_dif            
7 4 'Structure model' struct_site                   
8 5 'Structure model' pdbx_entry_details            
9 5 'Structure model' pdbx_modification_feature     
# 
loop_
_pdbx_audit_revision_item.ordinal 
_pdbx_audit_revision_item.revision_ordinal 
_pdbx_audit_revision_item.data_content_type 
_pdbx_audit_revision_item.item 
1  4 'Structure model' '_database_2.pdbx_DOI'                
2  4 'Structure model' '_database_2.pdbx_database_accession' 
3  4 'Structure model' '_struct_conn.ptnr1_auth_comp_id'     
4  4 'Structure model' '_struct_conn.ptnr1_auth_seq_id'      
5  4 'Structure model' '_struct_conn.ptnr1_label_asym_id'    
6  4 'Structure model' '_struct_conn.ptnr1_label_atom_id'    
7  4 'Structure model' '_struct_conn.ptnr1_label_comp_id'    
8  4 'Structure model' '_struct_conn.ptnr1_label_seq_id'     
9  4 'Structure model' '_struct_conn.ptnr2_auth_comp_id'     
10 4 'Structure model' '_struct_conn.ptnr2_auth_seq_id'      
11 4 'Structure model' '_struct_conn.ptnr2_label_asym_id'    
12 4 'Structure model' '_struct_conn.ptnr2_label_atom_id'    
13 4 'Structure model' '_struct_conn.ptnr2_label_comp_id'    
14 4 'Structure model' '_struct_conn.ptnr2_label_seq_id'     
15 4 'Structure model' '_struct_ref_seq_dif.details'         
16 4 'Structure model' '_struct_site.pdbx_auth_asym_id'      
17 4 'Structure model' '_struct_site.pdbx_auth_comp_id'      
18 4 'Structure model' '_struct_site.pdbx_auth_seq_id'       
# 
_pdbx_database_status.status_code                     REL 
_pdbx_database_status.entry_id                        1PEE 
_pdbx_database_status.recvd_initial_deposition_date   2003-05-21 
_pdbx_database_status.deposit_site                    RCSB 
_pdbx_database_status.process_site                    RCSB 
_pdbx_database_status.status_code_sf                  REL 
_pdbx_database_status.SG_entry                        . 
_pdbx_database_status.pdb_format_compatible           Y 
_pdbx_database_status.status_code_mr                  ? 
_pdbx_database_status.status_code_cs                  ? 
_pdbx_database_status.status_code_nmr_data            ? 
_pdbx_database_status.methods_development_category    ? 
# 
loop_
_pdbx_database_related.db_name 
_pdbx_database_related.db_id 
_pdbx_database_related.details 
_pdbx_database_related.content_type 
PDB 1EUO 
;The same protein  
complexed with ammonia
;
unspecified 
PDB 1IKJ 
;Imidazole complex of  
a closely related protein
;
unspecified 
# 
loop_
_audit_author.name 
_audit_author.pdbx_ordinal 
'Weihsel, A.'    1 
'Montfort, W.R.' 2 
# 
loop_
_citation.id 
_citation.title 
_citation.journal_abbrev 
_citation.journal_volume 
_citation.page_first 
_citation.page_last 
_citation.year 
_citation.journal_id_ASTM 
_citation.country 
_citation.journal_id_ISSN 
_citation.journal_id_CSD 
_citation.book_publisher 
_citation.pdbx_database_id_PubMed 
_citation.pdbx_database_id_DOI 
primary 'Conformational change and heme ruffling in nitrophorin 2, a nitric oxide carrier from kissing bug.'     'To be Published' 
?   ?     ?     ?    ?      ?  ?         0353 ? ? ?                      
1       'The Crystal Structure of Nitrophorin 2'                                                                 J.Biol.Chem.      
275 30496 30503 2000 JBCHA3 US 0021-9258 0071 ? ? 10.1074/jbc.M002857200 
2       'Ligand-induced Heme Ruffling and Bent NO Geometry in Ultra-High-Resolution Structures of Nitrophorin 4' Biochemistry      
40  11327 11337 2001 BICHAW US 0006-2960 0033 ? ? 10.1021/bi0109257      
# 
loop_
_citation_author.citation_id 
_citation_author.name 
_citation_author.ordinal 
_citation_author.identifier_ORCID 
primary 'Weihsel, A.'    1  ? 
primary 'Montfort, W.R.' 2  ? 
1       'Andersen, J.F.' 3  ? 
1       'Montfort, W.R.' 4  ? 
2       'Roberts, S.A.'  5  ? 
2       'Weichsel, A.'   6  ? 
2       'Qiu, Y.'        7  ? 
2       'Shelnutt, J.A.' 8  ? 
2       'Walker, F.A.'   9  ? 
2       'Montfort, W.R.' 10 ? 
# 
loop_
_entity.id 
_entity.type 
_entity.src_method 
_entity.pdbx_description 
_entity.formula_weight 
_entity.pdbx_number_of_molecules 
_entity.pdbx_ec 
_entity.pdbx_mutation 
_entity.pdbx_fragment 
_entity.details 
1 polymer     man 'Nitrophorin 2'                   20080.391 1   ? ? ? ? 
2 non-polymer syn 'PROTOPORPHYRIN IX CONTAINING FE' 616.487   1   ? ? ? ? 
3 non-polymer syn IMIDAZOLE                         69.085    1   ? ? ? ? 
4 water       nat water                             18.015    169 ? ? ? ? 
# 
_entity_name_com.entity_id   1 
_entity_name_com.name        'NP2, Prolixin-S' 
# 
_entity_poly.entity_id                      1 
_entity_poly.type                           'polypeptide(L)' 
_entity_poly.nstd_linkage                   no 
_entity_poly.nstd_monomer                   no 
_entity_poly.pdbx_seq_one_letter_code       
;MDCSTNISPKQGLDKAKYFSGKWYVTHFLDKDPQVTDQYCSSFTPRESDGTVKEALYHYNANKKTSFYNIGEGKLESSGL
QYTAKYKTVDKKKAVLKEADEKNSYTLTVLEADDSSALVHICLREGSKDLGDLYTVLTHQKDAEPSAKVKSAVTQAGLQL
SQFVGTKDLGCQYDDQFTSL
;
_entity_poly.pdbx_seq_one_letter_code_can   
;MDCSTNISPKQGLDKAKYFSGKWYVTHFLDKDPQVTDQYCSSFTPRESDGTVKEALYHYNANKKTSFYNIGEGKLESSGL
QYTAKYKTVDKKKAVLKEADEKNSYTLTVLEADDSSALVHICLREGSKDLGDLYTVLTHQKDAEPSAKVKSAVTQAGLQL
SQFVGTKDLGCQYDDQFTSL
;
_entity_poly.pdbx_strand_id                 A 
_entity_poly.pdbx_target_identifier         ? 
# 
loop_
_pdbx_entity_nonpoly.entity_id 
_pdbx_entity_nonpoly.name 
_pdbx_entity_nonpoly.comp_id 
2 'PROTOPORPHYRIN IX CONTAINING FE' HEM 
3 IMIDAZOLE                         IMD 
4 water                             HOH 
# 
loop_
_entity_poly_seq.entity_id 
_entity_poly_seq.num 
_entity_poly_seq.mon_id 
_entity_poly_seq.hetero 
1 1   MET n 
1 2   ASP n 
1 3   CYS n 
1 4   SER n 
1 5   THR n 
1 6   ASN n 
1 7   ILE n 
1 8   SER n 
1 9   PRO n 
1 10  LYS n 
1 11  GLN n 
1 12  GLY n 
1 13  LEU n 
1 14  ASP n 
1 15  LYS n 
1 16  ALA n 
1 17  LYS n 
1 18  TYR n 
1 19  PHE n 
1 20  SER n 
1 21  GLY n 
1 22  LYS n 
1 23  TRP n 
1 24  TYR n 
1 25  VAL n 
1 26  THR n 
1 27  HIS n 
1 28  PHE n 
1 29  LEU n 
1 30  ASP n 
1 31  LYS n 
1 32  ASP n 
1 33  PRO n 
1 34  GLN n 
1 35  VAL n 
1 36  THR n 
1 37  ASP n 
1 38  GLN n 
1 39  TYR n 
1 40  CYS n 
1 41  SER n 
1 42  SER n 
1 43  PHE n 
1 44  THR n 
1 45  PRO n 
1 46  ARG n 
1 47  GLU n 
1 48  SER n 
1 49  ASP n 
1 50  GLY n 
1 51  THR n 
1 52  VAL n 
1 53  LYS n 
1 54  GLU n 
1 55  ALA n 
1 56  LEU n 
1 57  TYR n 
1 58  HIS n 
1 59  TYR n 
1 60  ASN n 
1 61  ALA n 
1 62  ASN n 
1 63  LYS n 
1 64  LYS n 
1 65  THR n 
1 66  SER n 
1 67  PHE n 
1 68  TYR n 
1 69  ASN n 
1 70  ILE n 
1 71  GLY n 
1 72  GLU n 
1 73  GLY n 
1 74  LYS n 
1 75  LEU n 
1 76  GLU n 
1 77  SER n 
1 78  SER n 
1 79  GLY n 
1 80  LEU n 
1 81  GLN n 
1 82  TYR n 
1 83  THR n 
1 84  ALA n 
1 85  LYS n 
1 86  TYR n 
1 87  LYS n 
1 88  THR n 
1 89  VAL n 
1 90  ASP n 
1 91  LYS n 
1 92  LYS n 
1 93  LYS n 
1 94  ALA n 
1 95  VAL n 
1 96  LEU n 
1 97  LYS n 
1 98  GLU n 
1 99  ALA n 
1 100 ASP n 
1 101 GLU n 
1 102 LYS n 
1 103 ASN n 
1 104 SER n 
1 105 TYR n 
1 106 THR n 
1 107 LEU n 
1 108 THR n 
1 109 VAL n 
1 110 LEU n 
1 111 GLU n 
1 112 ALA n 
1 113 ASP n 
1 114 ASP n 
1 115 SER n 
1 116 SER n 
1 117 ALA n 
1 118 LEU n 
1 119 VAL n 
1 120 HIS n 
1 121 ILE n 
1 122 CYS n 
1 123 LEU n 
1 124 ARG n 
1 125 GLU n 
1 126 GLY n 
1 127 SER n 
1 128 LYS n 
1 129 ASP n 
1 130 LEU n 
1 131 GLY n 
1 132 ASP n 
1 133 LEU n 
1 134 TYR n 
1 135 THR n 
1 136 VAL n 
1 137 LEU n 
1 138 THR n 
1 139 HIS n 
1 140 GLN n 
1 141 LYS n 
1 142 ASP n 
1 143 ALA n 
1 144 GLU n 
1 145 PRO n 
1 146 SER n 
1 147 ALA n 
1 148 LYS n 
1 149 VAL n 
1 150 LYS n 
1 151 SER n 
1 152 ALA n 
1 153 VAL n 
1 154 THR n 
1 155 GLN n 
1 156 ALA n 
1 157 GLY n 
1 158 LEU n 
1 159 GLN n 
1 160 LEU n 
1 161 SER n 
1 162 GLN n 
1 163 PHE n 
1 164 VAL n 
1 165 GLY n 
1 166 THR n 
1 167 LYS n 
1 168 ASP n 
1 169 LEU n 
1 170 GLY n 
1 171 CYS n 
1 172 GLN n 
1 173 TYR n 
1 174 ASP n 
1 175 ASP n 
1 176 GLN n 
1 177 PHE n 
1 178 THR n 
1 179 SER n 
1 180 LEU n 
# 
_entity_src_gen.entity_id                          1 
_entity_src_gen.pdbx_src_id                        1 
_entity_src_gen.pdbx_alt_source_flag               sample 
_entity_src_gen.pdbx_seq_type                      ? 
_entity_src_gen.pdbx_beg_seq_num                   ? 
_entity_src_gen.pdbx_end_seq_num                   ? 
_entity_src_gen.gene_src_common_name               ? 
_entity_src_gen.gene_src_genus                     Rhodnius 
_entity_src_gen.pdbx_gene_src_gene                 ? 
_entity_src_gen.gene_src_species                   ? 
_entity_src_gen.gene_src_strain                    ? 
_entity_src_gen.gene_src_tissue                    ? 
_entity_src_gen.gene_src_tissue_fraction           ? 
_entity_src_gen.gene_src_details                   ? 
_entity_src_gen.pdbx_gene_src_fragment             ? 
_entity_src_gen.pdbx_gene_src_scientific_name      'Rhodnius prolixus' 
_entity_src_gen.pdbx_gene_src_ncbi_taxonomy_id     13249 
_entity_src_gen.pdbx_gene_src_variant              ? 
_entity_src_gen.pdbx_gene_src_cell_line            ? 
_entity_src_gen.pdbx_gene_src_atcc                 ? 
_entity_src_gen.pdbx_gene_src_organ                ? 
_entity_src_gen.pdbx_gene_src_organelle            ? 
_entity_src_gen.pdbx_gene_src_cell                 ? 
_entity_src_gen.pdbx_gene_src_cellular_location    ? 
_entity_src_gen.host_org_common_name               ? 
_entity_src_gen.pdbx_host_org_scientific_name      'Escherichia coli BL21(DE3)' 
_entity_src_gen.pdbx_host_org_ncbi_taxonomy_id     469008 
_entity_src_gen.host_org_genus                     Escherichia 
_entity_src_gen.pdbx_host_org_gene                 ? 
_entity_src_gen.pdbx_host_org_organ                ? 
_entity_src_gen.host_org_species                   'Escherichia coli' 
_entity_src_gen.pdbx_host_org_tissue               ? 
_entity_src_gen.pdbx_host_org_tissue_fraction      ? 
_entity_src_gen.pdbx_host_org_strain               BL21DE3 
_entity_src_gen.pdbx_host_org_variant              ? 
_entity_src_gen.pdbx_host_org_cell_line            ? 
_entity_src_gen.pdbx_host_org_atcc                 ? 
_entity_src_gen.pdbx_host_org_culture_collection   ? 
_entity_src_gen.pdbx_host_org_cell                 ? 
_entity_src_gen.pdbx_host_org_organelle            ? 
_entity_src_gen.pdbx_host_org_cellular_location    ? 
_entity_src_gen.pdbx_host_org_vector_type          plasmid 
_entity_src_gen.pdbx_host_org_vector               ? 
_entity_src_gen.host_org_details                   ? 
_entity_src_gen.expression_system_id               ? 
_entity_src_gen.plasmid_name                       pET17b 
_entity_src_gen.plasmid_details                    ? 
_entity_src_gen.pdbx_description                   ? 
# 
loop_
_chem_comp.id 
_chem_comp.type 
_chem_comp.mon_nstd_flag 
_chem_comp.name 
_chem_comp.pdbx_synonyms 
_chem_comp.formula 
_chem_comp.formula_weight 
ALA 'L-peptide linking' y ALANINE                           ?    'C3 H7 N O2'       89.093  
ARG 'L-peptide linking' y ARGININE                          ?    'C6 H15 N4 O2 1'   175.209 
ASN 'L-peptide linking' y ASPARAGINE                        ?    'C4 H8 N2 O3'      132.118 
ASP 'L-peptide linking' y 'ASPARTIC ACID'                   ?    'C4 H7 N O4'       133.103 
CYS 'L-peptide linking' y CYSTEINE                          ?    'C3 H7 N O2 S'     121.158 
GLN 'L-peptide linking' y GLUTAMINE                         ?    'C5 H10 N2 O3'     146.144 
GLU 'L-peptide linking' y 'GLUTAMIC ACID'                   ?    'C5 H9 N O4'       147.129 
GLY 'peptide linking'   y GLYCINE                           ?    'C2 H5 N O2'       75.067  
HEM non-polymer         . 'PROTOPORPHYRIN IX CONTAINING FE' HEME 'C34 H32 Fe N4 O4' 616.487 
HIS 'L-peptide linking' y HISTIDINE                         ?    'C6 H10 N3 O2 1'   156.162 
HOH non-polymer         . WATER                             ?    'H2 O'             18.015  
ILE 'L-peptide linking' y ISOLEUCINE                        ?    'C6 H13 N O2'      131.173 
IMD non-polymer         . IMIDAZOLE                         ?    'C3 H5 N2 1'       69.085  
LEU 'L-peptide linking' y LEUCINE                           ?    'C6 H13 N O2'      131.173 
LYS 'L-peptide linking' y LYSINE                            ?    'C6 H15 N2 O2 1'   147.195 
MET 'L-peptide linking' y METHIONINE                        ?    'C5 H11 N O2 S'    149.211 
PHE 'L-peptide linking' y PHENYLALANINE                     ?    'C9 H11 N O2'      165.189 
PRO 'L-peptide linking' y PROLINE                           ?    'C5 H9 N O2'       115.130 
SER 'L-peptide linking' y SERINE                            ?    'C3 H7 N O3'       105.093 
THR 'L-peptide linking' y THREONINE                         ?    'C4 H9 N O3'       119.119 
TRP 'L-peptide linking' y TRYPTOPHAN                        ?    'C11 H12 N2 O2'    204.225 
TYR 'L-peptide linking' y TYROSINE                          ?    'C9 H11 N O3'      181.189 
VAL 'L-peptide linking' y VALINE                            ?    'C5 H11 N O2'      117.146 
# 
loop_
_pdbx_poly_seq_scheme.asym_id 
_pdbx_poly_seq_scheme.entity_id 
_pdbx_poly_seq_scheme.seq_id 
_pdbx_poly_seq_scheme.mon_id 
_pdbx_poly_seq_scheme.ndb_seq_num 
_pdbx_poly_seq_scheme.pdb_seq_num 
_pdbx_poly_seq_scheme.auth_seq_num 
_pdbx_poly_seq_scheme.pdb_mon_id 
_pdbx_poly_seq_scheme.auth_mon_id 
_pdbx_poly_seq_scheme.pdb_strand_id 
_pdbx_poly_seq_scheme.pdb_ins_code 
_pdbx_poly_seq_scheme.hetero 
A 1 1   MET 1   0   0   MET MET A . n 
A 1 2   ASP 2   1   1   ASP ASP A . n 
A 1 3   CYS 3   2   2   CYS CYS A . n 
A 1 4   SER 4   3   3   SER SER A . n 
A 1 5   THR 5   4   4   THR THR A . n 
A 1 6   ASN 6   5   5   ASN ASN A . n 
A 1 7   ILE 7   6   6   ILE ILE A . n 
A 1 8   SER 8   7   7   SER SER A . n 
A 1 9   PRO 9   8   8   PRO PRO A . n 
A 1 10  LYS 10  9   9   LYS LYS A . n 
A 1 11  GLN 11  10  10  GLN GLN A . n 
A 1 12  GLY 12  11  11  GLY GLY A . n 
A 1 13  LEU 13  12  12  LEU LEU A . n 
A 1 14  ASP 14  13  13  ASP ASP A . n 
A 1 15  LYS 15  14  14  LYS LYS A . n 
A 1 16  ALA 16  15  15  ALA ALA A . n 
A 1 17  LYS 17  16  16  LYS LYS A . n 
A 1 18  TYR 18  17  17  TYR TYR A . n 
A 1 19  PHE 19  18  18  PHE PHE A . n 
A 1 20  SER 20  19  19  SER SER A . n 
A 1 21  GLY 21  20  20  GLY GLY A . n 
A 1 22  LYS 22  21  21  LYS LYS A . n 
A 1 23  TRP 23  22  22  TRP TRP A . n 
A 1 24  TYR 24  23  23  TYR TYR A . n 
A 1 25  VAL 25  24  24  VAL VAL A . n 
A 1 26  THR 26  25  25  THR THR A . n 
A 1 27  HIS 27  26  26  HIS HIS A . n 
A 1 28  PHE 28  27  27  PHE PHE A . n 
A 1 29  LEU 29  28  28  LEU LEU A . n 
A 1 30  ASP 30  29  29  ASP ASP A . n 
A 1 31  LYS 31  30  30  LYS LYS A . n 
A 1 32  ASP 32  31  31  ASP ASP A . n 
A 1 33  PRO 33  32  32  PRO PRO A . n 
A 1 34  GLN 34  33  33  GLN GLN A . n 
A 1 35  VAL 35  34  34  VAL VAL A . n 
A 1 36  THR 36  35  35  THR THR A . n 
A 1 37  ASP 37  36  36  ASP ASP A . n 
A 1 38  GLN 38  37  37  GLN GLN A . n 
A 1 39  TYR 39  38  38  TYR TYR A . n 
A 1 40  CYS 40  39  39  CYS CYS A . n 
A 1 41  SER 41  40  40  SER SER A . n 
A 1 42  SER 42  41  41  SER SER A . n 
A 1 43  PHE 43  42  42  PHE PHE A . n 
A 1 44  THR 44  43  43  THR THR A . n 
A 1 45  PRO 45  44  44  PRO PRO A . n 
A 1 46  ARG 46  45  45  ARG ARG A . n 
A 1 47  GLU 47  46  46  GLU GLU A . n 
A 1 48  SER 48  47  47  SER SER A . n 
A 1 49  ASP 49  48  48  ASP ASP A . n 
A 1 50  GLY 50  49  49  GLY GLY A . n 
A 1 51  THR 51  50  50  THR THR A . n 
A 1 52  VAL 52  51  51  VAL VAL A . n 
A 1 53  LYS 53  52  52  LYS LYS A . n 
A 1 54  GLU 54  53  53  GLU GLU A . n 
A 1 55  ALA 55  54  54  ALA ALA A . n 
A 1 56  LEU 56  55  55  LEU LEU A . n 
A 1 57  TYR 57  56  56  TYR TYR A . n 
A 1 58  HIS 58  57  57  HIS HIS A . n 
A 1 59  TYR 59  58  58  TYR TYR A . n 
A 1 60  ASN 60  59  59  ASN ASN A . n 
A 1 61  ALA 61  60  60  ALA ALA A . n 
A 1 62  ASN 62  61  61  ASN ASN A . n 
A 1 63  LYS 63  62  62  LYS LYS A . n 
A 1 64  LYS 64  63  63  LYS LYS A . n 
A 1 65  THR 65  64  64  THR THR A . n 
A 1 66  SER 66  65  65  SER SER A . n 
A 1 67  PHE 67  66  66  PHE PHE A . n 
A 1 68  TYR 68  67  67  TYR TYR A . n 
A 1 69  ASN 69  68  68  ASN ASN A . n 
A 1 70  ILE 70  69  69  ILE ILE A . n 
A 1 71  GLY 71  70  70  GLY GLY A . n 
A 1 72  GLU 72  71  71  GLU GLU A . n 
A 1 73  GLY 73  72  72  GLY GLY A . n 
A 1 74  LYS 74  73  73  LYS LYS A . n 
A 1 75  LEU 75  74  74  LEU LEU A . n 
A 1 76  GLU 76  75  75  GLU GLU A . n 
A 1 77  SER 77  76  76  SER SER A . n 
A 1 78  SER 78  77  77  SER SER A . n 
A 1 79  GLY 79  78  78  GLY GLY A . n 
A 1 80  LEU 80  79  79  LEU LEU A . n 
A 1 81  GLN 81  80  80  GLN GLN A . n 
A 1 82  TYR 82  81  81  TYR TYR A . n 
A 1 83  THR 83  82  82  THR THR A . n 
A 1 84  ALA 84  83  83  ALA ALA A . n 
A 1 85  LYS 85  84  84  LYS LYS A . n 
A 1 86  TYR 86  85  85  TYR TYR A . n 
A 1 87  LYS 87  86  86  LYS LYS A . n 
A 1 88  THR 88  87  87  THR THR A . n 
A 1 89  VAL 89  88  88  VAL VAL A . n 
A 1 90  ASP 90  89  89  ASP ASP A . n 
A 1 91  LYS 91  90  90  LYS LYS A . n 
A 1 92  LYS 92  91  91  LYS LYS A . n 
A 1 93  LYS 93  92  92  LYS LYS A . n 
A 1 94  ALA 94  93  93  ALA ALA A . n 
A 1 95  VAL 95  94  94  VAL VAL A . n 
A 1 96  LEU 96  95  95  LEU LEU A . n 
A 1 97  LYS 97  96  96  LYS LYS A . n 
A 1 98  GLU 98  97  97  GLU GLU A . n 
A 1 99  ALA 99  98  98  ALA ALA A . n 
A 1 100 ASP 100 99  99  ASP ASP A . n 
A 1 101 GLU 101 100 100 GLU GLU A . n 
A 1 102 LYS 102 101 101 LYS LYS A . n 
A 1 103 ASN 103 102 102 ASN ASN A . n 
A 1 104 SER 104 103 103 SER SER A . n 
A 1 105 TYR 105 104 104 TYR TYR A . n 
A 1 106 THR 106 105 105 THR THR A . n 
A 1 107 LEU 107 106 106 LEU LEU A . n 
A 1 108 THR 108 107 107 THR THR A . n 
A 1 109 VAL 109 108 108 VAL VAL A . n 
A 1 110 LEU 110 109 109 LEU LEU A . n 
A 1 111 GLU 111 110 110 GLU GLU A . n 
A 1 112 ALA 112 111 111 ALA ALA A . n 
A 1 113 ASP 113 112 112 ASP ASP A . n 
A 1 114 ASP 114 113 113 ASP ASP A . n 
A 1 115 SER 115 114 114 SER SER A . n 
A 1 116 SER 116 115 115 SER SER A . n 
A 1 117 ALA 117 116 116 ALA ALA A . n 
A 1 118 LEU 118 117 117 LEU LEU A . n 
A 1 119 VAL 119 118 118 VAL VAL A . n 
A 1 120 HIS 120 119 119 HIS HIS A . n 
A 1 121 ILE 121 120 120 ILE ILE A . n 
A 1 122 CYS 122 121 121 CYS CYS A . n 
A 1 123 LEU 123 122 122 LEU LEU A . n 
A 1 124 ARG 124 123 123 ARG ARG A . n 
A 1 125 GLU 125 124 124 GLU GLU A . n 
A 1 126 GLY 126 125 125 GLY GLY A . n 
A 1 127 SER 127 126 126 SER SER A . n 
A 1 128 LYS 128 127 127 LYS LYS A . n 
A 1 129 ASP 129 128 128 ASP ASP A . n 
A 1 130 LEU 130 129 129 LEU LEU A . n 
A 1 131 GLY 131 130 130 GLY GLY A . n 
A 1 132 ASP 132 131 131 ASP ASP A . n 
A 1 133 LEU 133 132 132 LEU LEU A . n 
A 1 134 TYR 134 133 133 TYR TYR A . n 
A 1 135 THR 135 134 134 THR THR A . n 
A 1 136 VAL 136 135 135 VAL VAL A . n 
A 1 137 LEU 137 136 136 LEU LEU A . n 
A 1 138 THR 138 137 137 THR THR A . n 
A 1 139 HIS 139 138 138 HIS HIS A . n 
A 1 140 GLN 140 139 139 GLN GLN A . n 
A 1 141 LYS 141 140 140 LYS LYS A . n 
A 1 142 ASP 142 141 141 ASP ASP A . n 
A 1 143 ALA 143 142 142 ALA ALA A . n 
A 1 144 GLU 144 143 143 GLU GLU A . n 
A 1 145 PRO 145 144 144 PRO PRO A . n 
A 1 146 SER 146 145 145 SER SER A . n 
A 1 147 ALA 147 146 146 ALA ALA A . n 
A 1 148 LYS 148 147 147 LYS LYS A . n 
A 1 149 VAL 149 148 148 VAL VAL A . n 
A 1 150 LYS 150 149 149 LYS LYS A . n 
A 1 151 SER 151 150 150 SER SER A . n 
A 1 152 ALA 152 151 151 ALA ALA A . n 
A 1 153 VAL 153 152 152 VAL VAL A . n 
A 1 154 THR 154 153 153 THR THR A . n 
A 1 155 GLN 155 154 154 GLN GLN A . n 
A 1 156 ALA 156 155 155 ALA ALA A . n 
A 1 157 GLY 157 156 156 GLY GLY A . n 
A 1 158 LEU 158 157 157 LEU LEU A . n 
A 1 159 GLN 159 158 158 GLN GLN A . n 
A 1 160 LEU 160 159 159 LEU LEU A . n 
A 1 161 SER 161 160 160 SER SER A . n 
A 1 162 GLN 162 161 161 GLN GLN A . n 
A 1 163 PHE 163 162 162 PHE PHE A . n 
A 1 164 VAL 164 163 163 VAL VAL A . n 
A 1 165 GLY 165 164 164 GLY GLY A . n 
A 1 166 THR 166 165 165 THR THR A . n 
A 1 167 LYS 167 166 166 LYS LYS A . n 
A 1 168 ASP 168 167 167 ASP ASP A . n 
A 1 169 LEU 169 168 168 LEU LEU A . n 
A 1 170 GLY 170 169 169 GLY GLY A . n 
A 1 171 CYS 171 170 170 CYS CYS A . n 
A 1 172 GLN 172 171 171 GLN GLN A . n 
A 1 173 TYR 173 172 172 TYR TYR A . n 
A 1 174 ASP 174 173 173 ASP ASP A . n 
A 1 175 ASP 175 174 174 ASP ASP A . n 
A 1 176 GLN 176 175 175 GLN GLN A . n 
A 1 177 PHE 177 176 176 PHE PHE A . n 
A 1 178 THR 178 177 177 THR THR A . n 
A 1 179 SER 179 178 178 SER SER A . n 
A 1 180 LEU 180 179 179 LEU LEU A . n 
# 
loop_
_pdbx_nonpoly_scheme.asym_id 
_pdbx_nonpoly_scheme.entity_id 
_pdbx_nonpoly_scheme.mon_id 
_pdbx_nonpoly_scheme.ndb_seq_num 
_pdbx_nonpoly_scheme.pdb_seq_num 
_pdbx_nonpoly_scheme.auth_seq_num 
_pdbx_nonpoly_scheme.pdb_mon_id 
_pdbx_nonpoly_scheme.auth_mon_id 
_pdbx_nonpoly_scheme.pdb_strand_id 
_pdbx_nonpoly_scheme.pdb_ins_code 
B 2 HEM 1   201 201 HEM HEM A . 
C 3 IMD 1   202 202 IMD IMD A . 
D 4 HOH 1   301 301 HOH HOH A . 
D 4 HOH 2   302 302 HOH HOH A . 
D 4 HOH 3   308 308 HOH HOH A . 
D 4 HOH 4   309 309 HOH HOH A . 
D 4 HOH 5   310 310 HOH HOH A . 
D 4 HOH 6   311 311 HOH HOH A . 
D 4 HOH 7   312 312 HOH HOH A . 
D 4 HOH 8   313 313 HOH HOH A . 
D 4 HOH 9   314 314 HOH HOH A . 
D 4 HOH 10  316 316 HOH HOH A . 
D 4 HOH 11  317 317 HOH HOH A . 
D 4 HOH 12  318 318 HOH HOH A . 
D 4 HOH 13  319 319 HOH HOH A . 
D 4 HOH 14  320 320 HOH HOH A . 
D 4 HOH 15  321 321 HOH HOH A . 
D 4 HOH 16  322 322 HOH HOH A . 
D 4 HOH 17  323 323 HOH HOH A . 
D 4 HOH 18  324 324 HOH HOH A . 
D 4 HOH 19  325 325 HOH HOH A . 
D 4 HOH 20  347 347 HOH HOH A . 
D 4 HOH 21  348 348 HOH HOH A . 
D 4 HOH 22  349 349 HOH HOH A . 
D 4 HOH 23  350 350 HOH HOH A . 
D 4 HOH 24  351 351 HOH HOH A . 
D 4 HOH 25  352 352 HOH HOH A . 
D 4 HOH 26  353 353 HOH HOH A . 
D 4 HOH 27  354 354 HOH HOH A . 
D 4 HOH 28  355 355 HOH HOH A . 
D 4 HOH 29  356 356 HOH HOH A . 
D 4 HOH 30  357 357 HOH HOH A . 
D 4 HOH 31  358 358 HOH HOH A . 
D 4 HOH 32  359 359 HOH HOH A . 
D 4 HOH 33  360 360 HOH HOH A . 
D 4 HOH 34  361 361 HOH HOH A . 
D 4 HOH 35  362 362 HOH HOH A . 
D 4 HOH 36  363 363 HOH HOH A . 
D 4 HOH 37  365 365 HOH HOH A . 
D 4 HOH 38  366 366 HOH HOH A . 
D 4 HOH 39  367 367 HOH HOH A . 
D 4 HOH 40  368 368 HOH HOH A . 
D 4 HOH 41  369 369 HOH HOH A . 
D 4 HOH 42  370 370 HOH HOH A . 
D 4 HOH 43  371 371 HOH HOH A . 
D 4 HOH 44  421 421 HOH HOH A . 
D 4 HOH 45  422 422 HOH HOH A . 
D 4 HOH 46  423 423 HOH HOH A . 
D 4 HOH 47  424 424 HOH HOH A . 
D 4 HOH 48  425 425 HOH HOH A . 
D 4 HOH 49  426 426 HOH HOH A . 
D 4 HOH 50  427 427 HOH HOH A . 
D 4 HOH 51  428 428 HOH HOH A . 
D 4 HOH 52  429 429 HOH HOH A . 
D 4 HOH 53  430 430 HOH HOH A . 
D 4 HOH 54  431 431 HOH HOH A . 
D 4 HOH 55  432 432 HOH HOH A . 
D 4 HOH 56  433 433 HOH HOH A . 
D 4 HOH 57  434 434 HOH HOH A . 
D 4 HOH 58  435 435 HOH HOH A . 
D 4 HOH 59  436 436 HOH HOH A . 
D 4 HOH 60  437 437 HOH HOH A . 
D 4 HOH 61  438 438 HOH HOH A . 
D 4 HOH 62  439 439 HOH HOH A . 
D 4 HOH 63  440 440 HOH HOH A . 
D 4 HOH 64  441 441 HOH HOH A . 
D 4 HOH 65  442 442 HOH HOH A . 
D 4 HOH 66  443 443 HOH HOH A . 
D 4 HOH 67  444 444 HOH HOH A . 
D 4 HOH 68  445 445 HOH HOH A . 
D 4 HOH 69  446 446 HOH HOH A . 
D 4 HOH 70  447 447 HOH HOH A . 
D 4 HOH 71  448 448 HOH HOH A . 
D 4 HOH 72  449 449 HOH HOH A . 
D 4 HOH 73  450 450 HOH HOH A . 
D 4 HOH 74  451 451 HOH HOH A . 
D 4 HOH 75  452 452 HOH HOH A . 
D 4 HOH 76  453 453 HOH HOH A . 
D 4 HOH 77  454 454 HOH HOH A . 
D 4 HOH 78  455 455 HOH HOH A . 
D 4 HOH 79  456 456 HOH HOH A . 
D 4 HOH 80  459 459 HOH HOH A . 
D 4 HOH 81  460 460 HOH HOH A . 
D 4 HOH 82  461 461 HOH HOH A . 
D 4 HOH 83  462 462 HOH HOH A . 
D 4 HOH 84  463 463 HOH HOH A . 
D 4 HOH 85  464 464 HOH HOH A . 
D 4 HOH 86  465 465 HOH HOH A . 
D 4 HOH 87  466 466 HOH HOH A . 
D 4 HOH 88  467 467 HOH HOH A . 
D 4 HOH 89  468 468 HOH HOH A . 
D 4 HOH 90  470 470 HOH HOH A . 
D 4 HOH 91  471 471 HOH HOH A . 
D 4 HOH 92  472 472 HOH HOH A . 
D 4 HOH 93  475 475 HOH HOH A . 
D 4 HOH 94  476 476 HOH HOH A . 
D 4 HOH 95  477 477 HOH HOH A . 
D 4 HOH 96  478 478 HOH HOH A . 
D 4 HOH 97  480 480 HOH HOH A . 
D 4 HOH 98  481 481 HOH HOH A . 
D 4 HOH 99  482 482 HOH HOH A . 
D 4 HOH 100 483 483 HOH HOH A . 
D 4 HOH 101 484 484 HOH HOH A . 
D 4 HOH 102 485 485 HOH HOH A . 
D 4 HOH 103 486 486 HOH HOH A . 
D 4 HOH 104 487 487 HOH HOH A . 
D 4 HOH 105 488 488 HOH HOH A . 
D 4 HOH 106 489 489 HOH HOH A . 
D 4 HOH 107 490 490 HOH HOH A . 
D 4 HOH 108 491 491 HOH HOH A . 
D 4 HOH 109 492 492 HOH HOH A . 
D 4 HOH 110 493 493 HOH HOH A . 
D 4 HOH 111 494 494 HOH HOH A . 
D 4 HOH 112 495 495 HOH HOH A . 
D 4 HOH 113 496 496 HOH HOH A . 
D 4 HOH 114 497 497 HOH HOH A . 
D 4 HOH 115 498 498 HOH HOH A . 
D 4 HOH 116 499 499 HOH HOH A . 
D 4 HOH 117 500 500 HOH HOH A . 
D 4 HOH 118 501 501 HOH HOH A . 
D 4 HOH 119 502 502 HOH HOH A . 
D 4 HOH 120 503 503 HOH HOH A . 
D 4 HOH 121 504 504 HOH HOH A . 
D 4 HOH 122 505 505 HOH HOH A . 
D 4 HOH 123 506 506 HOH HOH A . 
D 4 HOH 124 507 507 HOH HOH A . 
D 4 HOH 125 508 508 HOH HOH A . 
D 4 HOH 126 509 509 HOH HOH A . 
D 4 HOH 127 510 510 HOH HOH A . 
D 4 HOH 128 511 511 HOH HOH A . 
D 4 HOH 129 512 512 HOH HOH A . 
D 4 HOH 130 514 514 HOH HOH A . 
D 4 HOH 131 515 515 HOH HOH A . 
D 4 HOH 132 516 516 HOH HOH A . 
D 4 HOH 133 517 517 HOH HOH A . 
D 4 HOH 134 518 518 HOH HOH A . 
D 4 HOH 135 519 519 HOH HOH A . 
D 4 HOH 136 520 520 HOH HOH A . 
D 4 HOH 137 521 521 HOH HOH A . 
D 4 HOH 138 522 522 HOH HOH A . 
D 4 HOH 139 523 523 HOH HOH A . 
D 4 HOH 140 524 524 HOH HOH A . 
D 4 HOH 141 525 525 HOH HOH A . 
D 4 HOH 142 526 526 HOH HOH A . 
D 4 HOH 143 527 527 HOH HOH A . 
D 4 HOH 144 528 528 HOH HOH A . 
D 4 HOH 145 529 529 HOH HOH A . 
D 4 HOH 146 530 530 HOH HOH A . 
D 4 HOH 147 531 531 HOH HOH A . 
D 4 HOH 148 532 532 HOH HOH A . 
D 4 HOH 149 533 533 HOH HOH A . 
D 4 HOH 150 534 534 HOH HOH A . 
D 4 HOH 151 535 535 HOH HOH A . 
D 4 HOH 152 536 536 HOH HOH A . 
D 4 HOH 153 537 537 HOH HOH A . 
D 4 HOH 154 538 538 HOH HOH A . 
D 4 HOH 155 539 539 HOH HOH A . 
D 4 HOH 156 540 540 HOH HOH A . 
D 4 HOH 157 543 543 HOH HOH A . 
D 4 HOH 158 544 544 HOH HOH A . 
D 4 HOH 159 545 545 HOH HOH A . 
D 4 HOH 160 546 546 HOH HOH A . 
D 4 HOH 161 547 547 HOH HOH A . 
D 4 HOH 162 548 548 HOH HOH A . 
D 4 HOH 163 549 549 HOH HOH A . 
D 4 HOH 164 550 550 HOH HOH A . 
D 4 HOH 165 551 551 HOH HOH A . 
D 4 HOH 166 552 552 HOH HOH A . 
D 4 HOH 167 553 553 HOH HOH A . 
D 4 HOH 168 554 554 HOH HOH A . 
D 4 HOH 169 555 555 HOH HOH A . 
# 
loop_
_software.name 
_software.classification 
_software.version 
_software.citation_id 
_software.pdbx_ordinal 
REFMAC  refinement        5.1.22   ? 1 
Blu-Ice 'data collection' .        ? 2 
d*TREK  'data scaling'    .        ? 3 
MOLREP  phasing           'V. 7.3' ? 4 
# 
_cell.entry_id           1PEE 
_cell.length_a           34.680 
_cell.length_b           34.680 
_cell.length_c           258.780 
_cell.angle_alpha        90.00 
_cell.angle_beta         90.00 
_cell.angle_gamma        90.00 
_cell.Z_PDB              8 
_cell.pdbx_unique_axis   ? 
# 
_symmetry.entry_id                         1PEE 
_symmetry.space_group_name_H-M             'P 41 21 2' 
_symmetry.pdbx_full_space_group_name_H-M   ? 
_symmetry.cell_setting                     ? 
_symmetry.Int_Tables_number                92 
# 
_exptl.entry_id          1PEE 
_exptl.method            'X-RAY DIFFRACTION' 
_exptl.crystals_number   1 
# 
_exptl_crystal.id                    1 
_exptl_crystal.density_meas          ? 
_exptl_crystal.density_Matthews      1.94 
_exptl_crystal.density_percent_sol   36.50 
_exptl_crystal.description           ? 
# 
_exptl_crystal_grow.crystal_id      1 
_exptl_crystal_grow.method          'VAPOR DIFFUSION, HANGING DROP' 
_exptl_crystal_grow.temp            298 
_exptl_crystal_grow.temp_details    ? 
_exptl_crystal_grow.pH              6.5 
_exptl_crystal_grow.pdbx_details    '1.6 M sodium citrate, pH 6.5, VAPOR DIFFUSION, HANGING DROP, temperature 298K' 
_exptl_crystal_grow.pdbx_pH_range   . 
# 
_diffrn.id                     1 
_diffrn.ambient_temp           100 
_diffrn.ambient_temp_details   ? 
_diffrn.crystal_id             1 
# 
_diffrn_detector.diffrn_id              1 
_diffrn_detector.detector               CCD 
_diffrn_detector.type                   'ADSC QUANTUM 315' 
_diffrn_detector.pdbx_collection_date   2002-05-07 
_diffrn_detector.details                ? 
# 
_diffrn_radiation.diffrn_id                        1 
_diffrn_radiation.wavelength_id                    1 
_diffrn_radiation.pdbx_monochromatic_or_laue_m_l   M 
_diffrn_radiation.monochromator                    
;Flat mirror (vertical focusing);   
single crystal Si(111) bent monochromator (horizontal focusing)
;
_diffrn_radiation.pdbx_diffrn_protocol             'SINGLE WAVELENGTH' 
_diffrn_radiation.pdbx_scattering_type             x-ray 
# 
_diffrn_radiation_wavelength.id           1 
_diffrn_radiation_wavelength.wavelength   0.827 
_diffrn_radiation_wavelength.wt           1.0 
# 
_diffrn_source.diffrn_id                   1 
_diffrn_source.source                      SYNCHROTRON 
_diffrn_source.type                        'SSRL BEAMLINE BL11-1' 
_diffrn_source.pdbx_synchrotron_site       SSRL 
_diffrn_source.pdbx_synchrotron_beamline   BL11-1 
_diffrn_source.pdbx_wavelength             ? 
_diffrn_source.pdbx_wavelength_list        0.827 
# 
_reflns.entry_id                     1PEE 
_reflns.observed_criterion_sigma_F   0.0 
_reflns.observed_criterion_sigma_I   0.0 
_reflns.d_resolution_high            1.5 
_reflns.d_resolution_low             34 
_reflns.number_all                   19111 
_reflns.number_obs                   19111 
_reflns.percent_possible_obs         74 
_reflns.pdbx_Rmerge_I_obs            0.054 
_reflns.pdbx_Rsym_value              0.057 
_reflns.pdbx_netI_over_sigmaI        26.2 
_reflns.B_iso_Wilson_estimate        12.2 
_reflns.pdbx_redundancy              4.1 
_reflns.R_free_details               ? 
_reflns.limit_h_max                  ? 
_reflns.limit_h_min                  ? 
_reflns.limit_k_max                  ? 
_reflns.limit_k_min                  ? 
_reflns.limit_l_max                  ? 
_reflns.limit_l_min                  ? 
_reflns.observed_criterion_F_max     ? 
_reflns.observed_criterion_F_min     ? 
_reflns.pdbx_diffrn_id               1 
_reflns.pdbx_ordinal                 1 
# 
_reflns_shell.d_res_high             1.50 
_reflns_shell.d_res_low              1.55 
_reflns_shell.percent_possible_all   43.4 
_reflns_shell.Rmerge_I_obs           0.125 
_reflns_shell.pdbx_Rsym_value        0.125 
_reflns_shell.meanI_over_sigI_obs    1.0 
_reflns_shell.pdbx_redundancy        1.84 
_reflns_shell.percent_possible_obs   ? 
_reflns_shell.number_unique_all      2600 
_reflns_shell.pdbx_diffrn_id         ? 
_reflns_shell.pdbx_ordinal           1 
# 
_refine.entry_id                                 1PEE 
_refine.ls_number_reflns_obs                     18110 
_refine.ls_number_reflns_all                     19111 
_refine.pdbx_ls_sigma_I                          ? 
_refine.pdbx_ls_sigma_F                          0.0 
_refine.pdbx_data_cutoff_high_absF               ? 
_refine.pdbx_data_cutoff_low_absF                ? 
_refine.pdbx_data_cutoff_high_rms_absF           ? 
_refine.ls_d_res_low                             34 
_refine.ls_d_res_high                            1.50 
_refine.ls_percent_reflns_obs                    71.03 
_refine.ls_R_factor_obs                          0.18831 
_refine.ls_R_factor_all                          0.1883 
_refine.ls_R_factor_R_work                       0.18559 
_refine.ls_R_factor_R_free                       0.2398 
_refine.ls_R_factor_R_free_error                 ? 
_refine.ls_R_factor_R_free_error_details         ? 
_refine.ls_percent_reflns_R_free                 5.1 
_refine.ls_number_reflns_R_free                  967 
_refine.ls_number_parameters                     ? 
_refine.ls_number_restraints                     ? 
_refine.occupancy_min                            ? 
_refine.occupancy_max                            ? 
_refine.correlation_coeff_Fo_to_Fc               0.957 
_refine.correlation_coeff_Fo_to_Fc_free          0.932 
_refine.B_iso_mean                               20.0 
_refine.aniso_B[1][1]                            0.05 
_refine.aniso_B[2][2]                            0.05 
_refine.aniso_B[3][3]                            -0.10 
_refine.aniso_B[1][2]                            0.00 
_refine.aniso_B[1][3]                            0.00 
_refine.aniso_B[2][3]                            0.00 
_refine.solvent_model_details                    'BABINET MODEL WITH MASK' 
_refine.solvent_model_param_ksol                 ? 
_refine.solvent_model_param_bsol                 ? 
_refine.pdbx_solvent_vdw_probe_radii             1.40 
_refine.pdbx_solvent_ion_probe_radii             0.80 
_refine.pdbx_solvent_shrinkage_radii             0.80 
_refine.pdbx_ls_cross_valid_method               THROUGHOUT 
_refine.details                                  
;HYDROGENS HAVE BEEN ADDED IN THE RIDING POSITIONS.    
ANISOTROPIC B REFINED FOR FE ATOM ONLY
;
_refine.pdbx_starting_model                      'PDB entry 1EUO' 
_refine.pdbx_method_to_determine_struct          'MOLECULAR REPLACEMENT' 
_refine.pdbx_isotropic_thermal_model             isotropic 
_refine.pdbx_stereochemistry_target_values       ? 
_refine.pdbx_stereochem_target_val_spec_case     ? 
_refine.pdbx_R_Free_selection_details            RANDOM 
_refine.pdbx_overall_ESU_R                       0.119 
_refine.pdbx_overall_ESU_R_Free                  0.123 
_refine.overall_SU_ML                            0.076 
_refine.overall_SU_B                             2.110 
_refine.ls_redundancy_reflns_obs                 ? 
_refine.B_iso_min                                ? 
_refine.B_iso_max                                ? 
_refine.overall_SU_R_Cruickshank_DPI             ? 
_refine.overall_SU_R_free                        ? 
_refine.pdbx_refine_id                           'X-RAY DIFFRACTION' 
_refine.pdbx_diffrn_id                           1 
_refine.pdbx_TLS_residual_ADP_flag               ? 
_refine.pdbx_overall_phase_error                 ? 
_refine.pdbx_overall_SU_R_free_Cruickshank_DPI   ? 
_refine.pdbx_overall_SU_R_Blow_DPI               ? 
_refine.pdbx_overall_SU_R_free_Blow_DPI          ? 
# 
_refine_analyze.entry_id                        1PEE 
_refine_analyze.Luzzati_coordinate_error_obs    0.119 
_refine_analyze.Luzzati_sigma_a_obs             0.076 
_refine_analyze.Luzzati_d_res_low_obs           ? 
_refine_analyze.Luzzati_coordinate_error_free   0.123 
_refine_analyze.Luzzati_sigma_a_free            ? 
_refine_analyze.Luzzati_d_res_low_free          ? 
_refine_analyze.number_disordered_residues      ? 
_refine_analyze.occupancy_sum_non_hydrogen      ? 
_refine_analyze.occupancy_sum_hydrogen          ? 
_refine_analyze.pdbx_Luzzati_d_res_high_obs     ? 
_refine_analyze.pdbx_refine_id                  'X-RAY DIFFRACTION' 
# 
_refine_hist.pdbx_refine_id                   'X-RAY DIFFRACTION' 
_refine_hist.cycle_id                         LAST 
_refine_hist.pdbx_number_atoms_protein        1412 
_refine_hist.pdbx_number_atoms_nucleic_acid   0 
_refine_hist.pdbx_number_atoms_ligand         48 
_refine_hist.number_atoms_solvent             169 
_refine_hist.number_atoms_total               1629 
_refine_hist.d_res_high                       1.50 
_refine_hist.d_res_low                        34 
# 
loop_
_refine_ls_restr.type 
_refine_ls_restr.dev_ideal 
_refine_ls_restr.dev_ideal_target 
_refine_ls_restr.weight 
_refine_ls_restr.number 
_refine_ls_restr.pdbx_refine_id 
_refine_ls_restr.pdbx_restraint_function 
r_bond_refined_d         0.020 0.021 ? 1495 'X-RAY DIFFRACTION' ? 
r_bond_other_d           0.002 0.020 ? 1267 'X-RAY DIFFRACTION' ? 
r_angle_refined_deg      1.917 2.056 ? 2030 'X-RAY DIFFRACTION' ? 
r_angle_other_deg        1.267 3.000 ? 2986 'X-RAY DIFFRACTION' ? 
r_dihedral_angle_1_deg   7.170 5.000 ? 179  'X-RAY DIFFRACTION' ? 
r_dihedral_angle_2_deg   ?     ?     ? ?    'X-RAY DIFFRACTION' ? 
r_chiral_restr           0.116 0.200 ? 215  'X-RAY DIFFRACTION' ? 
r_gen_planes_refined     0.009 0.020 ? 1644 'X-RAY DIFFRACTION' ? 
r_gen_planes_other       0.001 0.020 ? 267  'X-RAY DIFFRACTION' ? 
r_nbd_refined            0.188 0.200 ? 246  'X-RAY DIFFRACTION' ? 
r_nbd_other              0.249 0.200 ? 1352 'X-RAY DIFFRACTION' ? 
r_nbtor_other            0.086 0.200 ? 833  'X-RAY DIFFRACTION' ? 
r_xyhbond_nbd_refined    0.175 0.200 ? 100  'X-RAY DIFFRACTION' ? 
r_xyhbond_nbd_other      ?     ?     ? ?    'X-RAY DIFFRACTION' ? 
r_symmetry_vdw_refined   0.147 0.200 ? 16   'X-RAY DIFFRACTION' ? 
r_symmetry_vdw_other     0.260 0.200 ? 52   'X-RAY DIFFRACTION' ? 
r_symmetry_hbond_refined 0.149 0.200 ? 30   'X-RAY DIFFRACTION' ? 
r_symmetry_hbond_other   ?     ?     ? ?    'X-RAY DIFFRACTION' ? 
r_mcbond_it              1.216 1.500 ? 893  'X-RAY DIFFRACTION' ? 
r_mcangle_it             1.984 2.000 ? 1435 'X-RAY DIFFRACTION' ? 
r_scbond_it              2.775 3.000 ? 602  'X-RAY DIFFRACTION' ? 
r_scangle_it             4.068 4.500 ? 595  'X-RAY DIFFRACTION' ? 
r_rigid_bond_restr       ?     ?     ? ?    'X-RAY DIFFRACTION' ? 
r_sphericity_free        ?     ?     ? ?    'X-RAY DIFFRACTION' ? 
r_sphericity_bonded      1.380 2.000 ? 1    'X-RAY DIFFRACTION' ? 
# 
_refine_ls_shell.pdbx_total_number_of_bins_used   7 
_refine_ls_shell.d_res_high                       1.500 
_refine_ls_shell.d_res_low                        1.620 
_refine_ls_shell.number_reflns_R_work             2367 
_refine_ls_shell.R_factor_R_work                  0.241 
_refine_ls_shell.percent_reflns_obs               48 
_refine_ls_shell.R_factor_R_free                  0.345 
_refine_ls_shell.R_factor_R_free_error            ? 
_refine_ls_shell.percent_reflns_R_free            ? 
_refine_ls_shell.number_reflns_R_free             128 
_refine_ls_shell.number_reflns_obs                2367 
_refine_ls_shell.redundancy_reflns_obs            ? 
_refine_ls_shell.number_reflns_all                ? 
_refine_ls_shell.pdbx_refine_id                   'X-RAY DIFFRACTION' 
_refine_ls_shell.R_factor_all                     ? 
# 
_struct.entry_id                  1PEE 
_struct.title                     'Crystal Structure of Nitrophorin 2 complex with imidazole' 
_struct.pdbx_model_details        ? 
_struct.pdbx_CASP_flag            ? 
_struct.pdbx_model_type_details   ? 
# 
_struct_keywords.entry_id        1PEE 
_struct_keywords.pdbx_keywords   'SIGNALING PROTEIN' 
_struct_keywords.text            'beta barrel, lipocalin, imidazole, ferric heme, dimer, SIGNALING PROTEIN' 
# 
loop_
_struct_asym.id 
_struct_asym.pdbx_blank_PDB_chainid_flag 
_struct_asym.pdbx_modified 
_struct_asym.entity_id 
_struct_asym.details 
A N N 1 ? 
B N N 2 ? 
C N N 3 ? 
D N N 4 ? 
# 
_struct_ref.id                         1 
_struct_ref.db_name                    UNP 
_struct_ref.db_code                    NP2_RHOPR 
_struct_ref.pdbx_db_accession          Q26241 
_struct_ref.entity_id                  1 
_struct_ref.pdbx_seq_one_letter_code   
;GDCSTNISPKQGLDKAKYFSGKWYVTHFLDKDPQVTDQYCSSFTPRESDGTVKEALYHYNANKKTSFYNIGEGKLESSGL
QYTAKYKTVDKKKAVLKEADEKNSYTLTVLEADDSSALVHICLREGSKDLGDLYTVLTHQKDAEPSAKVKSAVTQAGLQL
SQFVGTKDLGCQYDDQFTSL
;
_struct_ref.pdbx_align_begin           23 
_struct_ref.pdbx_db_isoform            ? 
# 
_struct_ref_seq.align_id                      1 
_struct_ref_seq.ref_id                        1 
_struct_ref_seq.pdbx_PDB_id_code              1PEE 
_struct_ref_seq.pdbx_strand_id                A 
_struct_ref_seq.seq_align_beg                 1 
_struct_ref_seq.pdbx_seq_align_beg_ins_code   ? 
_struct_ref_seq.seq_align_end                 180 
_struct_ref_seq.pdbx_seq_align_end_ins_code   ? 
_struct_ref_seq.pdbx_db_accession             Q26241 
_struct_ref_seq.db_align_beg                  23 
_struct_ref_seq.pdbx_db_align_beg_ins_code    ? 
_struct_ref_seq.db_align_end                  202 
_struct_ref_seq.pdbx_db_align_end_ins_code    ? 
_struct_ref_seq.pdbx_auth_seq_align_beg       0 
_struct_ref_seq.pdbx_auth_seq_align_end       179 
# 
_struct_ref_seq_dif.align_id                     1 
_struct_ref_seq_dif.pdbx_pdb_id_code             1PEE 
_struct_ref_seq_dif.mon_id                       MET 
_struct_ref_seq_dif.pdbx_pdb_strand_id           A 
_struct_ref_seq_dif.seq_num                      1 
_struct_ref_seq_dif.pdbx_pdb_ins_code            ? 
_struct_ref_seq_dif.pdbx_seq_db_name             UNP 
_struct_ref_seq_dif.pdbx_seq_db_accession_code   Q26241 
_struct_ref_seq_dif.db_mon_id                    GLY 
_struct_ref_seq_dif.pdbx_seq_db_seq_num          23 
_struct_ref_seq_dif.details                      'cloning artifact' 
_struct_ref_seq_dif.pdbx_auth_seq_num            0 
_struct_ref_seq_dif.pdbx_ordinal                 1 
# 
_pdbx_struct_assembly.id                   1 
_pdbx_struct_assembly.details              author_defined_assembly 
_pdbx_struct_assembly.method_details       ? 
_pdbx_struct_assembly.oligomeric_details   monomeric 
_pdbx_struct_assembly.oligomeric_count     1 
# 
_pdbx_struct_assembly_gen.assembly_id       1 
_pdbx_struct_assembly_gen.oper_expression   1 
_pdbx_struct_assembly_gen.asym_id_list      A,B,C,D 
# 
_pdbx_struct_oper_list.id                   1 
_pdbx_struct_oper_list.type                 'identity operation' 
_pdbx_struct_oper_list.name                 1_555 
_pdbx_struct_oper_list.symmetry_operation   x,y,z 
_pdbx_struct_oper_list.matrix[1][1]         1.0000000000 
_pdbx_struct_oper_list.matrix[1][2]         0.0000000000 
_pdbx_struct_oper_list.matrix[1][3]         0.0000000000 
_pdbx_struct_oper_list.vector[1]            0.0000000000 
_pdbx_struct_oper_list.matrix[2][1]         0.0000000000 
_pdbx_struct_oper_list.matrix[2][2]         1.0000000000 
_pdbx_struct_oper_list.matrix[2][3]         0.0000000000 
_pdbx_struct_oper_list.vector[2]            0.0000000000 
_pdbx_struct_oper_list.matrix[3][1]         0.0000000000 
_pdbx_struct_oper_list.matrix[3][2]         0.0000000000 
_pdbx_struct_oper_list.matrix[3][3]         1.0000000000 
_pdbx_struct_oper_list.vector[3]            0.0000000000 
# 
loop_
_struct_conf.conf_type_id 
_struct_conf.id 
_struct_conf.pdbx_PDB_helix_id 
_struct_conf.beg_label_comp_id 
_struct_conf.beg_label_asym_id 
_struct_conf.beg_label_seq_id 
_struct_conf.pdbx_beg_PDB_ins_code 
_struct_conf.end_label_comp_id 
_struct_conf.end_label_asym_id 
_struct_conf.end_label_seq_id 
_struct_conf.pdbx_end_PDB_ins_code 
_struct_conf.beg_auth_comp_id 
_struct_conf.beg_auth_asym_id 
_struct_conf.beg_auth_seq_id 
_struct_conf.end_auth_comp_id 
_struct_conf.end_auth_asym_id 
_struct_conf.end_auth_seq_id 
_struct_conf.pdbx_PDB_helix_class 
_struct_conf.details 
_struct_conf.pdbx_PDB_helix_length 
HELX_P HELX_P1 1 ASP A 14  ? PHE A 19  ? ASP A 13  PHE A 18  1 ? 6  
HELX_P HELX_P2 2 SER A 146 ? ALA A 156 ? SER A 145 ALA A 155 1 ? 11 
HELX_P HELX_P3 3 GLN A 159 ? PHE A 163 ? GLN A 158 PHE A 162 5 ? 5  
HELX_P HELX_P4 4 LYS A 167 ? GLY A 170 ? LYS A 166 GLY A 169 5 ? 4  
HELX_P HELX_P5 5 ASP A 174 ? SER A 179 ? ASP A 173 SER A 178 1 ? 6  
# 
_struct_conf_type.id          HELX_P 
_struct_conf_type.criteria    ? 
_struct_conf_type.reference   ? 
# 
loop_
_struct_conn.id 
_struct_conn.conn_type_id 
_struct_conn.pdbx_leaving_atom_flag 
_struct_conn.pdbx_PDB_id 
_struct_conn.ptnr1_label_asym_id 
_struct_conn.ptnr1_label_comp_id 
_struct_conn.ptnr1_label_seq_id 
_struct_conn.ptnr1_label_atom_id 
_struct_conn.pdbx_ptnr1_label_alt_id 
_struct_conn.pdbx_ptnr1_PDB_ins_code 
_struct_conn.pdbx_ptnr1_standard_comp_id 
_struct_conn.ptnr1_symmetry 
_struct_conn.ptnr2_label_asym_id 
_struct_conn.ptnr2_label_comp_id 
_struct_conn.ptnr2_label_seq_id 
_struct_conn.ptnr2_label_atom_id 
_struct_conn.pdbx_ptnr2_label_alt_id 
_struct_conn.pdbx_ptnr2_PDB_ins_code 
_struct_conn.ptnr1_auth_asym_id 
_struct_conn.ptnr1_auth_comp_id 
_struct_conn.ptnr1_auth_seq_id 
_struct_conn.ptnr2_auth_asym_id 
_struct_conn.ptnr2_auth_comp_id 
_struct_conn.ptnr2_auth_seq_id 
_struct_conn.ptnr2_symmetry 
_struct_conn.pdbx_ptnr3_label_atom_id 
_struct_conn.pdbx_ptnr3_label_seq_id 
_struct_conn.pdbx_ptnr3_label_comp_id 
_struct_conn.pdbx_ptnr3_label_asym_id 
_struct_conn.pdbx_ptnr3_label_alt_id 
_struct_conn.pdbx_ptnr3_PDB_ins_code 
_struct_conn.details 
_struct_conn.pdbx_dist_value 
_struct_conn.pdbx_value_order 
_struct_conn.pdbx_role 
disulf1 disulf ? ? A CYS 3  SG  ? ? ? 1_555 A CYS 122 SG ? ? A CYS 2   A CYS 121 1_555 ? ? ? ? ? ? ? 2.000 ? ? 
disulf2 disulf ? ? A CYS 40 SG  ? ? ? 1_555 A CYS 171 SG ? ? A CYS 39  A CYS 170 1_555 ? ? ? ? ? ? ? 1.987 ? ? 
metalc1 metalc ? ? A HIS 58 NE2 ? ? ? 1_555 B HEM .   FE ? ? A HIS 57  A HEM 201 1_555 ? ? ? ? ? ? ? 2.040 ? ? 
metalc2 metalc ? ? B HEM .  FE  ? ? ? 1_555 C IMD .   N1 ? ? A HEM 201 A IMD 202 1_555 ? ? ? ? ? ? ? 2.104 ? ? 
# 
loop_
_struct_conn_type.id 
_struct_conn_type.criteria 
_struct_conn_type.reference 
disulf ? ? 
metalc ? ? 
# 
loop_
_pdbx_struct_conn_angle.id 
_pdbx_struct_conn_angle.ptnr1_label_atom_id 
_pdbx_struct_conn_angle.ptnr1_label_alt_id 
_pdbx_struct_conn_angle.ptnr1_label_asym_id 
_pdbx_struct_conn_angle.ptnr1_label_comp_id 
_pdbx_struct_conn_angle.ptnr1_label_seq_id 
_pdbx_struct_conn_angle.ptnr1_auth_atom_id 
_pdbx_struct_conn_angle.ptnr1_auth_asym_id 
_pdbx_struct_conn_angle.ptnr1_auth_comp_id 
_pdbx_struct_conn_angle.ptnr1_auth_seq_id 
_pdbx_struct_conn_angle.ptnr1_PDB_ins_code 
_pdbx_struct_conn_angle.ptnr1_symmetry 
_pdbx_struct_conn_angle.ptnr2_label_atom_id 
_pdbx_struct_conn_angle.ptnr2_label_alt_id 
_pdbx_struct_conn_angle.ptnr2_label_asym_id 
_pdbx_struct_conn_angle.ptnr2_label_comp_id 
_pdbx_struct_conn_angle.ptnr2_label_seq_id 
_pdbx_struct_conn_angle.ptnr2_auth_atom_id 
_pdbx_struct_conn_angle.ptnr2_auth_asym_id 
_pdbx_struct_conn_angle.ptnr2_auth_comp_id 
_pdbx_struct_conn_angle.ptnr2_auth_seq_id 
_pdbx_struct_conn_angle.ptnr2_PDB_ins_code 
_pdbx_struct_conn_angle.ptnr2_symmetry 
_pdbx_struct_conn_angle.ptnr3_label_atom_id 
_pdbx_struct_conn_angle.ptnr3_label_alt_id 
_pdbx_struct_conn_angle.ptnr3_label_asym_id 
_pdbx_struct_conn_angle.ptnr3_label_comp_id 
_pdbx_struct_conn_angle.ptnr3_label_seq_id 
_pdbx_struct_conn_angle.ptnr3_auth_atom_id 
_pdbx_struct_conn_angle.ptnr3_auth_asym_id 
_pdbx_struct_conn_angle.ptnr3_auth_comp_id 
_pdbx_struct_conn_angle.ptnr3_auth_seq_id 
_pdbx_struct_conn_angle.ptnr3_PDB_ins_code 
_pdbx_struct_conn_angle.ptnr3_symmetry 
_pdbx_struct_conn_angle.value 
_pdbx_struct_conn_angle.value_esd 
1  NE2 ? A HIS 58 ? A HIS 57  ? 1_555 FE ? B HEM . ? A HEM 201 ? 1_555 NA ? B HEM . ? A HEM 201 ? 1_555 92.4  ? 
2  NE2 ? A HIS 58 ? A HIS 57  ? 1_555 FE ? B HEM . ? A HEM 201 ? 1_555 NB ? B HEM . ? A HEM 201 ? 1_555 88.9  ? 
3  NA  ? B HEM .  ? A HEM 201 ? 1_555 FE ? B HEM . ? A HEM 201 ? 1_555 NB ? B HEM . ? A HEM 201 ? 1_555 87.1  ? 
4  NE2 ? A HIS 58 ? A HIS 57  ? 1_555 FE ? B HEM . ? A HEM 201 ? 1_555 NC ? B HEM . ? A HEM 201 ? 1_555 86.9  ? 
5  NA  ? B HEM .  ? A HEM 201 ? 1_555 FE ? B HEM . ? A HEM 201 ? 1_555 NC ? B HEM . ? A HEM 201 ? 1_555 179.2 ? 
6  NB  ? B HEM .  ? A HEM 201 ? 1_555 FE ? B HEM . ? A HEM 201 ? 1_555 NC ? B HEM . ? A HEM 201 ? 1_555 92.6  ? 
7  NE2 ? A HIS 58 ? A HIS 57  ? 1_555 FE ? B HEM . ? A HEM 201 ? 1_555 ND ? B HEM . ? A HEM 201 ? 1_555 89.8  ? 
8  NA  ? B HEM .  ? A HEM 201 ? 1_555 FE ? B HEM . ? A HEM 201 ? 1_555 ND ? B HEM . ? A HEM 201 ? 1_555 92.4  ? 
9  NB  ? B HEM .  ? A HEM 201 ? 1_555 FE ? B HEM . ? A HEM 201 ? 1_555 ND ? B HEM . ? A HEM 201 ? 1_555 178.7 ? 
10 NC  ? B HEM .  ? A HEM 201 ? 1_555 FE ? B HEM . ? A HEM 201 ? 1_555 ND ? B HEM . ? A HEM 201 ? 1_555 87.9  ? 
11 NE2 ? A HIS 58 ? A HIS 57  ? 1_555 FE ? B HEM . ? A HEM 201 ? 1_555 N1 ? C IMD . ? A IMD 202 ? 1_555 178.0 ? 
12 NA  ? B HEM .  ? A HEM 201 ? 1_555 FE ? B HEM . ? A HEM 201 ? 1_555 N1 ? C IMD . ? A IMD 202 ? 1_555 88.6  ? 
13 NB  ? B HEM .  ? A HEM 201 ? 1_555 FE ? B HEM . ? A HEM 201 ? 1_555 N1 ? C IMD . ? A IMD 202 ? 1_555 92.9  ? 
14 NC  ? B HEM .  ? A HEM 201 ? 1_555 FE ? B HEM . ? A HEM 201 ? 1_555 N1 ? C IMD . ? A IMD 202 ? 1_555 92.1  ? 
15 ND  ? B HEM .  ? A HEM 201 ? 1_555 FE ? B HEM . ? A HEM 201 ? 1_555 N1 ? C IMD . ? A IMD 202 ? 1_555 88.4  ? 
# 
loop_
_pdbx_modification_feature.ordinal 
_pdbx_modification_feature.label_comp_id 
_pdbx_modification_feature.label_asym_id 
_pdbx_modification_feature.label_seq_id 
_pdbx_modification_feature.label_alt_id 
_pdbx_modification_feature.modified_residue_label_comp_id 
_pdbx_modification_feature.modified_residue_label_asym_id 
_pdbx_modification_feature.modified_residue_label_seq_id 
_pdbx_modification_feature.modified_residue_label_alt_id 
_pdbx_modification_feature.auth_comp_id 
_pdbx_modification_feature.auth_asym_id 
_pdbx_modification_feature.auth_seq_id 
_pdbx_modification_feature.PDB_ins_code 
_pdbx_modification_feature.symmetry 
_pdbx_modification_feature.modified_residue_auth_comp_id 
_pdbx_modification_feature.modified_residue_auth_asym_id 
_pdbx_modification_feature.modified_residue_auth_seq_id 
_pdbx_modification_feature.modified_residue_PDB_ins_code 
_pdbx_modification_feature.modified_residue_symmetry 
_pdbx_modification_feature.comp_id_linking_atom 
_pdbx_modification_feature.modified_residue_id_linking_atom 
_pdbx_modification_feature.modified_residue_id 
_pdbx_modification_feature.ref_pcm_id 
_pdbx_modification_feature.ref_comp_id 
_pdbx_modification_feature.type 
_pdbx_modification_feature.category 
1 CYS A 3  ? CYS A 122 ? CYS A 2  ? 1_555 CYS A 121 ? 1_555 SG SG . . . None 'Disulfide bridge' 
2 CYS A 40 ? CYS A 171 ? CYS A 39 ? 1_555 CYS A 170 ? 1_555 SG SG . . . None 'Disulfide bridge' 
# 
loop_
_struct_sheet.id 
_struct_sheet.type 
_struct_sheet.number_strands 
_struct_sheet.details 
A ? 7 ? 
B ? 7 ? 
# 
loop_
_struct_sheet_order.sheet_id 
_struct_sheet_order.range_id_1 
_struct_sheet_order.range_id_2 
_struct_sheet_order.offset 
_struct_sheet_order.sense 
A 1 2 ? anti-parallel 
A 2 3 ? anti-parallel 
A 3 4 ? anti-parallel 
A 4 5 ? anti-parallel 
A 5 6 ? anti-parallel 
A 6 7 ? anti-parallel 
B 1 2 ? anti-parallel 
B 2 3 ? anti-parallel 
B 3 4 ? anti-parallel 
B 4 5 ? anti-parallel 
B 5 6 ? anti-parallel 
B 6 7 ? anti-parallel 
# 
loop_
_struct_sheet_range.sheet_id 
_struct_sheet_range.id 
_struct_sheet_range.beg_label_comp_id 
_struct_sheet_range.beg_label_asym_id 
_struct_sheet_range.beg_label_seq_id 
_struct_sheet_range.pdbx_beg_PDB_ins_code 
_struct_sheet_range.end_label_comp_id 
_struct_sheet_range.end_label_asym_id 
_struct_sheet_range.end_label_seq_id 
_struct_sheet_range.pdbx_end_PDB_ins_code 
_struct_sheet_range.beg_auth_comp_id 
_struct_sheet_range.beg_auth_asym_id 
_struct_sheet_range.beg_auth_seq_id 
_struct_sheet_range.end_auth_comp_id 
_struct_sheet_range.end_auth_asym_id 
_struct_sheet_range.end_auth_seq_id 
A 1 VAL A 95  ? LYS A 97  ? VAL A 94  LYS A 96  
A 2 GLN A 81  ? VAL A 89  ? GLN A 80  VAL A 88  
A 3 THR A 65  ? LEU A 75  ? THR A 64  LEU A 74  
A 4 THR A 51  ? ASN A 60  ? THR A 50  ASN A 59  
A 5 TYR A 39  ? SER A 48  ? TYR A 38  SER A 47  
A 6 TRP A 23  ? ASP A 30  ? TRP A 22  ASP A 29  
A 7 VAL A 164 ? GLY A 165 ? VAL A 163 GLY A 164 
B 1 VAL A 95  ? LYS A 97  ? VAL A 94  LYS A 96  
B 2 GLN A 81  ? VAL A 89  ? GLN A 80  VAL A 88  
B 3 ASN A 103 ? ALA A 112 ? ASN A 102 ALA A 111 
B 4 SER A 116 ? GLU A 125 ? SER A 115 GLU A 124 
B 5 LYS A 128 ? THR A 138 ? LYS A 127 THR A 137 
B 6 TRP A 23  ? ASP A 30  ? TRP A 22  ASP A 29  
B 7 VAL A 164 ? GLY A 165 ? VAL A 163 GLY A 164 
# 
loop_
_pdbx_struct_sheet_hbond.sheet_id 
_pdbx_struct_sheet_hbond.range_id_1 
_pdbx_struct_sheet_hbond.range_id_2 
_pdbx_struct_sheet_hbond.range_1_label_atom_id 
_pdbx_struct_sheet_hbond.range_1_label_comp_id 
_pdbx_struct_sheet_hbond.range_1_label_asym_id 
_pdbx_struct_sheet_hbond.range_1_label_seq_id 
_pdbx_struct_sheet_hbond.range_1_PDB_ins_code 
_pdbx_struct_sheet_hbond.range_1_auth_atom_id 
_pdbx_struct_sheet_hbond.range_1_auth_comp_id 
_pdbx_struct_sheet_hbond.range_1_auth_asym_id 
_pdbx_struct_sheet_hbond.range_1_auth_seq_id 
_pdbx_struct_sheet_hbond.range_2_label_atom_id 
_pdbx_struct_sheet_hbond.range_2_label_comp_id 
_pdbx_struct_sheet_hbond.range_2_label_asym_id 
_pdbx_struct_sheet_hbond.range_2_label_seq_id 
_pdbx_struct_sheet_hbond.range_2_PDB_ins_code 
_pdbx_struct_sheet_hbond.range_2_auth_atom_id 
_pdbx_struct_sheet_hbond.range_2_auth_comp_id 
_pdbx_struct_sheet_hbond.range_2_auth_asym_id 
_pdbx_struct_sheet_hbond.range_2_auth_seq_id 
A 1 2 O LEU A 96  ? O LEU A 95  N THR A 88  ? N THR A 87  
A 2 3 O LYS A 85  ? O LYS A 84  N GLU A 72  ? N GLU A 71  
A 3 4 O THR A 65  ? O THR A 64  N ASN A 60  ? N ASN A 59  
A 4 5 O TYR A 59  ? O TYR A 58  N CYS A 40  ? N CYS A 39  
A 5 6 O PHE A 43  ? O PHE A 42  N TRP A 23  ? N TRP A 22  
A 6 7 N PHE A 28  ? N PHE A 27  O VAL A 164 ? O VAL A 163 
B 1 2 O LEU A 96  ? O LEU A 95  N THR A 88  ? N THR A 87  
B 2 3 N ALA A 84  ? N ALA A 83  O TYR A 105 ? O TYR A 104 
B 3 4 N SER A 104 ? N SER A 103 O ARG A 124 ? O ARG A 123 
B 4 5 N ILE A 121 ? N ILE A 120 O LEU A 133 ? O LEU A 132 
B 5 6 O THR A 138 ? O THR A 137 N TYR A 24  ? N TYR A 23  
B 6 7 N PHE A 28  ? N PHE A 27  O VAL A 164 ? O VAL A 163 
# 
loop_
_struct_site.id 
_struct_site.pdbx_evidence_code 
_struct_site.pdbx_auth_asym_id 
_struct_site.pdbx_auth_comp_id 
_struct_site.pdbx_auth_seq_id 
_struct_site.pdbx_auth_ins_code 
_struct_site.pdbx_num_residues 
_struct_site.details 
AC1 Software A HEM 201 ? 15 'BINDING SITE FOR RESIDUE HEM A 201' 
AC2 Software A IMD 202 ? 2  'BINDING SITE FOR RESIDUE IMD A 202' 
# 
loop_
_struct_site_gen.id 
_struct_site_gen.site_id 
_struct_site_gen.pdbx_num_res 
_struct_site_gen.label_comp_id 
_struct_site_gen.label_asym_id 
_struct_site_gen.label_seq_id 
_struct_site_gen.pdbx_auth_ins_code 
_struct_site_gen.auth_comp_id 
_struct_site_gen.auth_asym_id 
_struct_site_gen.auth_seq_id 
_struct_site_gen.label_atom_id 
_struct_site_gen.label_alt_id 
_struct_site_gen.symmetry 
_struct_site_gen.details 
1  AC1 15 PHE A 28  ? PHE A 27  . ? 1_555 ? 
2  AC1 15 TYR A 39  ? TYR A 38  . ? 1_555 ? 
3  AC1 15 SER A 41  ? SER A 40  . ? 1_555 ? 
4  AC1 15 LEU A 56  ? LEU A 55  . ? 1_555 ? 
5  AC1 15 HIS A 58  ? HIS A 57  . ? 1_555 ? 
6  AC1 15 TYR A 86  ? TYR A 85  . ? 1_555 ? 
7  AC1 15 LYS A 97  ? LYS A 96  . ? 7_556 ? 
8  AC1 15 TYR A 105 ? TYR A 104 . ? 1_555 ? 
9  AC1 15 ILE A 121 ? ILE A 120 . ? 1_555 ? 
10 AC1 15 LEU A 133 ? LEU A 132 . ? 1_555 ? 
11 AC1 15 IMD C .   ? IMD A 202 . ? 1_555 ? 
12 AC1 15 HOH D .   ? HOH A 316 . ? 1_555 ? 
13 AC1 15 HOH D .   ? HOH A 456 . ? 1_555 ? 
14 AC1 15 HOH D .   ? HOH A 459 . ? 1_555 ? 
15 AC1 15 HOH D .   ? HOH A 507 . ? 1_555 ? 
16 AC2 2  HEM B .   ? HEM A 201 . ? 1_555 ? 
17 AC2 2  HOH D .   ? HOH A 325 . ? 1_555 ? 
# 
_pdbx_entry_details.entry_id                   1PEE 
_pdbx_entry_details.compound_details           ? 
_pdbx_entry_details.source_details             ? 
_pdbx_entry_details.nonpolymer_details         ? 
_pdbx_entry_details.sequence_details           ? 
_pdbx_entry_details.has_ligand_of_interest     ? 
_pdbx_entry_details.has_protein_modification   Y 
# 
loop_
_pdbx_validate_rmsd_angle.id 
_pdbx_validate_rmsd_angle.PDB_model_num 
_pdbx_validate_rmsd_angle.auth_atom_id_1 
_pdbx_validate_rmsd_angle.auth_asym_id_1 
_pdbx_validate_rmsd_angle.auth_comp_id_1 
_pdbx_validate_rmsd_angle.auth_seq_id_1 
_pdbx_validate_rmsd_angle.PDB_ins_code_1 
_pdbx_validate_rmsd_angle.label_alt_id_1 
_pdbx_validate_rmsd_angle.auth_atom_id_2 
_pdbx_validate_rmsd_angle.auth_asym_id_2 
_pdbx_validate_rmsd_angle.auth_comp_id_2 
_pdbx_validate_rmsd_angle.auth_seq_id_2 
_pdbx_validate_rmsd_angle.PDB_ins_code_2 
_pdbx_validate_rmsd_angle.label_alt_id_2 
_pdbx_validate_rmsd_angle.auth_atom_id_3 
_pdbx_validate_rmsd_angle.auth_asym_id_3 
_pdbx_validate_rmsd_angle.auth_comp_id_3 
_pdbx_validate_rmsd_angle.auth_seq_id_3 
_pdbx_validate_rmsd_angle.PDB_ins_code_3 
_pdbx_validate_rmsd_angle.label_alt_id_3 
_pdbx_validate_rmsd_angle.angle_value 
_pdbx_validate_rmsd_angle.angle_target_value 
_pdbx_validate_rmsd_angle.angle_deviation 
_pdbx_validate_rmsd_angle.angle_standard_deviation 
_pdbx_validate_rmsd_angle.linker_flag 
1 1 CB A ASP 36  ? ? CG A ASP 36  ? ? OD2 A ASP 36  ? ? 125.44 118.30 7.14 0.90 N 
2 1 CB A ASP 131 ? ? CG A ASP 131 ? ? OD2 A ASP 131 ? ? 124.21 118.30 5.91 0.90 N 
# 
loop_
_pdbx_validate_torsion.id 
_pdbx_validate_torsion.PDB_model_num 
_pdbx_validate_torsion.auth_comp_id 
_pdbx_validate_torsion.auth_asym_id 
_pdbx_validate_torsion.auth_seq_id 
_pdbx_validate_torsion.PDB_ins_code 
_pdbx_validate_torsion.label_alt_id 
_pdbx_validate_torsion.phi 
_pdbx_validate_torsion.psi 
1 1 SER A 47 ? ? -161.28 113.38  
2 1 ASP A 99 ? ? -124.70 -164.06 
# 
loop_
_pdbx_struct_special_symmetry.id 
_pdbx_struct_special_symmetry.PDB_model_num 
_pdbx_struct_special_symmetry.auth_asym_id 
_pdbx_struct_special_symmetry.auth_comp_id 
_pdbx_struct_special_symmetry.auth_seq_id 
_pdbx_struct_special_symmetry.PDB_ins_code 
_pdbx_struct_special_symmetry.label_asym_id 
_pdbx_struct_special_symmetry.label_comp_id 
_pdbx_struct_special_symmetry.label_seq_id 
1 1 A HOH 435 ? D HOH . 
2 1 A HOH 455 ? D HOH . 
# 
loop_
_chem_comp_atom.comp_id 
_chem_comp_atom.atom_id 
_chem_comp_atom.type_symbol 
_chem_comp_atom.pdbx_aromatic_flag 
_chem_comp_atom.pdbx_stereo_config 
_chem_comp_atom.pdbx_ordinal 
ALA N    N  N N 1   
ALA CA   C  N S 2   
ALA C    C  N N 3   
ALA O    O  N N 4   
ALA CB   C  N N 5   
ALA OXT  O  N N 6   
ALA H    H  N N 7   
ALA H2   H  N N 8   
ALA HA   H  N N 9   
ALA HB1  H  N N 10  
ALA HB2  H  N N 11  
ALA HB3  H  N N 12  
ALA HXT  H  N N 13  
ARG N    N  N N 14  
ARG CA   C  N S 15  
ARG C    C  N N 16  
ARG O    O  N N 17  
ARG CB   C  N N 18  
ARG CG   C  N N 19  
ARG CD   C  N N 20  
ARG NE   N  N N 21  
ARG CZ   C  N N 22  
ARG NH1  N  N N 23  
ARG NH2  N  N N 24  
ARG OXT  O  N N 25  
ARG H    H  N N 26  
ARG H2   H  N N 27  
ARG HA   H  N N 28  
ARG HB2  H  N N 29  
ARG HB3  H  N N 30  
ARG HG2  H  N N 31  
ARG HG3  H  N N 32  
ARG HD2  H  N N 33  
ARG HD3  H  N N 34  
ARG HE   H  N N 35  
ARG HH11 H  N N 36  
ARG HH12 H  N N 37  
ARG HH21 H  N N 38  
ARG HH22 H  N N 39  
ARG HXT  H  N N 40  
ASN N    N  N N 41  
ASN CA   C  N S 42  
ASN C    C  N N 43  
ASN O    O  N N 44  
ASN CB   C  N N 45  
ASN CG   C  N N 46  
ASN OD1  O  N N 47  
ASN ND2  N  N N 48  
ASN OXT  O  N N 49  
ASN H    H  N N 50  
ASN H2   H  N N 51  
ASN HA   H  N N 52  
ASN HB2  H  N N 53  
ASN HB3  H  N N 54  
ASN HD21 H  N N 55  
ASN HD22 H  N N 56  
ASN HXT  H  N N 57  
ASP N    N  N N 58  
ASP CA   C  N S 59  
ASP C    C  N N 60  
ASP O    O  N N 61  
ASP CB   C  N N 62  
ASP CG   C  N N 63  
ASP OD1  O  N N 64  
ASP OD2  O  N N 65  
ASP OXT  O  N N 66  
ASP H    H  N N 67  
ASP H2   H  N N 68  
ASP HA   H  N N 69  
ASP HB2  H  N N 70  
ASP HB3  H  N N 71  
ASP HD2  H  N N 72  
ASP HXT  H  N N 73  
CYS N    N  N N 74  
CYS CA   C  N R 75  
CYS C    C  N N 76  
CYS O    O  N N 77  
CYS CB   C  N N 78  
CYS SG   S  N N 79  
CYS OXT  O  N N 80  
CYS H    H  N N 81  
CYS H2   H  N N 82  
CYS HA   H  N N 83  
CYS HB2  H  N N 84  
CYS HB3  H  N N 85  
CYS HG   H  N N 86  
CYS HXT  H  N N 87  
GLN N    N  N N 88  
GLN CA   C  N S 89  
GLN C    C  N N 90  
GLN O    O  N N 91  
GLN CB   C  N N 92  
GLN CG   C  N N 93  
GLN CD   C  N N 94  
GLN OE1  O  N N 95  
GLN NE2  N  N N 96  
GLN OXT  O  N N 97  
GLN H    H  N N 98  
GLN H2   H  N N 99  
GLN HA   H  N N 100 
GLN HB2  H  N N 101 
GLN HB3  H  N N 102 
GLN HG2  H  N N 103 
GLN HG3  H  N N 104 
GLN HE21 H  N N 105 
GLN HE22 H  N N 106 
GLN HXT  H  N N 107 
GLU N    N  N N 108 
GLU CA   C  N S 109 
GLU C    C  N N 110 
GLU O    O  N N 111 
GLU CB   C  N N 112 
GLU CG   C  N N 113 
GLU CD   C  N N 114 
GLU OE1  O  N N 115 
GLU OE2  O  N N 116 
GLU OXT  O  N N 117 
GLU H    H  N N 118 
GLU H2   H  N N 119 
GLU HA   H  N N 120 
GLU HB2  H  N N 121 
GLU HB3  H  N N 122 
GLU HG2  H  N N 123 
GLU HG3  H  N N 124 
GLU HE2  H  N N 125 
GLU HXT  H  N N 126 
GLY N    N  N N 127 
GLY CA   C  N N 128 
GLY C    C  N N 129 
GLY O    O  N N 130 
GLY OXT  O  N N 131 
GLY H    H  N N 132 
GLY H2   H  N N 133 
GLY HA2  H  N N 134 
GLY HA3  H  N N 135 
GLY HXT  H  N N 136 
HEM CHA  C  N N 137 
HEM CHB  C  N N 138 
HEM CHC  C  N N 139 
HEM CHD  C  N N 140 
HEM C1A  C  Y N 141 
HEM C2A  C  Y N 142 
HEM C3A  C  Y N 143 
HEM C4A  C  Y N 144 
HEM CMA  C  N N 145 
HEM CAA  C  N N 146 
HEM CBA  C  N N 147 
HEM CGA  C  N N 148 
HEM O1A  O  N N 149 
HEM O2A  O  N N 150 
HEM C1B  C  N N 151 
HEM C2B  C  N N 152 
HEM C3B  C  N N 153 
HEM C4B  C  N N 154 
HEM CMB  C  N N 155 
HEM CAB  C  N N 156 
HEM CBB  C  N N 157 
HEM C1C  C  Y N 158 
HEM C2C  C  Y N 159 
HEM C3C  C  Y N 160 
HEM C4C  C  Y N 161 
HEM CMC  C  N N 162 
HEM CAC  C  N N 163 
HEM CBC  C  N N 164 
HEM C1D  C  N N 165 
HEM C2D  C  N N 166 
HEM C3D  C  N N 167 
HEM C4D  C  N N 168 
HEM CMD  C  N N 169 
HEM CAD  C  N N 170 
HEM CBD  C  N N 171 
HEM CGD  C  N N 172 
HEM O1D  O  N N 173 
HEM O2D  O  N N 174 
HEM NA   N  Y N 175 
HEM NB   N  N N 176 
HEM NC   N  Y N 177 
HEM ND   N  N N 178 
HEM FE   FE N N 179 
HEM HHB  H  N N 180 
HEM HHC  H  N N 181 
HEM HHD  H  N N 182 
HEM HMA  H  N N 183 
HEM HMAA H  N N 184 
HEM HMAB H  N N 185 
HEM HAA  H  N N 186 
HEM HAAA H  N N 187 
HEM HBA  H  N N 188 
HEM HBAA H  N N 189 
HEM HMB  H  N N 190 
HEM HMBA H  N N 191 
HEM HMBB H  N N 192 
HEM HAB  H  N N 193 
HEM HBB  H  N N 194 
HEM HBBA H  N N 195 
HEM HMC  H  N N 196 
HEM HMCA H  N N 197 
HEM HMCB H  N N 198 
HEM HAC  H  N N 199 
HEM HBC  H  N N 200 
HEM HBCA H  N N 201 
HEM HMD  H  N N 202 
HEM HMDA H  N N 203 
HEM HMDB H  N N 204 
HEM HAD  H  N N 205 
HEM HADA H  N N 206 
HEM HBD  H  N N 207 
HEM HBDA H  N N 208 
HEM H2A  H  N N 209 
HEM H2D  H  N N 210 
HEM HHA  H  N N 211 
HIS N    N  N N 212 
HIS CA   C  N S 213 
HIS C    C  N N 214 
HIS O    O  N N 215 
HIS CB   C  N N 216 
HIS CG   C  Y N 217 
HIS ND1  N  Y N 218 
HIS CD2  C  Y N 219 
HIS CE1  C  Y N 220 
HIS NE2  N  Y N 221 
HIS OXT  O  N N 222 
HIS H    H  N N 223 
HIS H2   H  N N 224 
HIS HA   H  N N 225 
HIS HB2  H  N N 226 
HIS HB3  H  N N 227 
HIS HD1  H  N N 228 
HIS HD2  H  N N 229 
HIS HE1  H  N N 230 
HIS HE2  H  N N 231 
HIS HXT  H  N N 232 
HOH O    O  N N 233 
HOH H1   H  N N 234 
HOH H2   H  N N 235 
ILE N    N  N N 236 
ILE CA   C  N S 237 
ILE C    C  N N 238 
ILE O    O  N N 239 
ILE CB   C  N S 240 
ILE CG1  C  N N 241 
ILE CG2  C  N N 242 
ILE CD1  C  N N 243 
ILE OXT  O  N N 244 
ILE H    H  N N 245 
ILE H2   H  N N 246 
ILE HA   H  N N 247 
ILE HB   H  N N 248 
ILE HG12 H  N N 249 
ILE HG13 H  N N 250 
ILE HG21 H  N N 251 
ILE HG22 H  N N 252 
ILE HG23 H  N N 253 
ILE HD11 H  N N 254 
ILE HD12 H  N N 255 
ILE HD13 H  N N 256 
ILE HXT  H  N N 257 
IMD N1   N  Y N 258 
IMD C2   C  Y N 259 
IMD N3   N  Y N 260 
IMD C4   C  Y N 261 
IMD C5   C  Y N 262 
IMD HN1  H  N N 263 
IMD H2   H  N N 264 
IMD HN3  H  N N 265 
IMD H4   H  N N 266 
IMD H5   H  N N 267 
LEU N    N  N N 268 
LEU CA   C  N S 269 
LEU C    C  N N 270 
LEU O    O  N N 271 
LEU CB   C  N N 272 
LEU CG   C  N N 273 
LEU CD1  C  N N 274 
LEU CD2  C  N N 275 
LEU OXT  O  N N 276 
LEU H    H  N N 277 
LEU H2   H  N N 278 
LEU HA   H  N N 279 
LEU HB2  H  N N 280 
LEU HB3  H  N N 281 
LEU HG   H  N N 282 
LEU HD11 H  N N 283 
LEU HD12 H  N N 284 
LEU HD13 H  N N 285 
LEU HD21 H  N N 286 
LEU HD22 H  N N 287 
LEU HD23 H  N N 288 
LEU HXT  H  N N 289 
LYS N    N  N N 290 
LYS CA   C  N S 291 
LYS C    C  N N 292 
LYS O    O  N N 293 
LYS CB   C  N N 294 
LYS CG   C  N N 295 
LYS CD   C  N N 296 
LYS CE   C  N N 297 
LYS NZ   N  N N 298 
LYS OXT  O  N N 299 
LYS H    H  N N 300 
LYS H2   H  N N 301 
LYS HA   H  N N 302 
LYS HB2  H  N N 303 
LYS HB3  H  N N 304 
LYS HG2  H  N N 305 
LYS HG3  H  N N 306 
LYS HD2  H  N N 307 
LYS HD3  H  N N 308 
LYS HE2  H  N N 309 
LYS HE3  H  N N 310 
LYS HZ1  H  N N 311 
LYS HZ2  H  N N 312 
LYS HZ3  H  N N 313 
LYS HXT  H  N N 314 
MET N    N  N N 315 
MET CA   C  N S 316 
MET C    C  N N 317 
MET O    O  N N 318 
MET CB   C  N N 319 
MET CG   C  N N 320 
MET SD   S  N N 321 
MET CE   C  N N 322 
MET OXT  O  N N 323 
MET H    H  N N 324 
MET H2   H  N N 325 
MET HA   H  N N 326 
MET HB2  H  N N 327 
MET HB3  H  N N 328 
MET HG2  H  N N 329 
MET HG3  H  N N 330 
MET HE1  H  N N 331 
MET HE2  H  N N 332 
MET HE3  H  N N 333 
MET HXT  H  N N 334 
PHE N    N  N N 335 
PHE CA   C  N S 336 
PHE C    C  N N 337 
PHE O    O  N N 338 
PHE CB   C  N N 339 
PHE CG   C  Y N 340 
PHE CD1  C  Y N 341 
PHE CD2  C  Y N 342 
PHE CE1  C  Y N 343 
PHE CE2  C  Y N 344 
PHE CZ   C  Y N 345 
PHE OXT  O  N N 346 
PHE H    H  N N 347 
PHE H2   H  N N 348 
PHE HA   H  N N 349 
PHE HB2  H  N N 350 
PHE HB3  H  N N 351 
PHE HD1  H  N N 352 
PHE HD2  H  N N 353 
PHE HE1  H  N N 354 
PHE HE2  H  N N 355 
PHE HZ   H  N N 356 
PHE HXT  H  N N 357 
PRO N    N  N N 358 
PRO CA   C  N S 359 
PRO C    C  N N 360 
PRO O    O  N N 361 
PRO CB   C  N N 362 
PRO CG   C  N N 363 
PRO CD   C  N N 364 
PRO OXT  O  N N 365 
PRO H    H  N N 366 
PRO HA   H  N N 367 
PRO HB2  H  N N 368 
PRO HB3  H  N N 369 
PRO HG2  H  N N 370 
PRO HG3  H  N N 371 
PRO HD2  H  N N 372 
PRO HD3  H  N N 373 
PRO HXT  H  N N 374 
SER N    N  N N 375 
SER CA   C  N S 376 
SER C    C  N N 377 
SER O    O  N N 378 
SER CB   C  N N 379 
SER OG   O  N N 380 
SER OXT  O  N N 381 
SER H    H  N N 382 
SER H2   H  N N 383 
SER HA   H  N N 384 
SER HB2  H  N N 385 
SER HB3  H  N N 386 
SER HG   H  N N 387 
SER HXT  H  N N 388 
THR N    N  N N 389 
THR CA   C  N S 390 
THR C    C  N N 391 
THR O    O  N N 392 
THR CB   C  N R 393 
THR OG1  O  N N 394 
THR CG2  C  N N 395 
THR OXT  O  N N 396 
THR H    H  N N 397 
THR H2   H  N N 398 
THR HA   H  N N 399 
THR HB   H  N N 400 
THR HG1  H  N N 401 
THR HG21 H  N N 402 
THR HG22 H  N N 403 
THR HG23 H  N N 404 
THR HXT  H  N N 405 
TRP N    N  N N 406 
TRP CA   C  N S 407 
TRP C    C  N N 408 
TRP O    O  N N 409 
TRP CB   C  N N 410 
TRP CG   C  Y N 411 
TRP CD1  C  Y N 412 
TRP CD2  C  Y N 413 
TRP NE1  N  Y N 414 
TRP CE2  C  Y N 415 
TRP CE3  C  Y N 416 
TRP CZ2  C  Y N 417 
TRP CZ3  C  Y N 418 
TRP CH2  C  Y N 419 
TRP OXT  O  N N 420 
TRP H    H  N N 421 
TRP H2   H  N N 422 
TRP HA   H  N N 423 
TRP HB2  H  N N 424 
TRP HB3  H  N N 425 
TRP HD1  H  N N 426 
TRP HE1  H  N N 427 
TRP HE3  H  N N 428 
TRP HZ2  H  N N 429 
TRP HZ3  H  N N 430 
TRP HH2  H  N N 431 
TRP HXT  H  N N 432 
TYR N    N  N N 433 
TYR CA   C  N S 434 
TYR C    C  N N 435 
TYR O    O  N N 436 
TYR CB   C  N N 437 
TYR CG   C  Y N 438 
TYR CD1  C  Y N 439 
TYR CD2  C  Y N 440 
TYR CE1  C  Y N 441 
TYR CE2  C  Y N 442 
TYR CZ   C  Y N 443 
TYR OH   O  N N 444 
TYR OXT  O  N N 445 
TYR H    H  N N 446 
TYR H2   H  N N 447 
TYR HA   H  N N 448 
TYR HB2  H  N N 449 
TYR HB3  H  N N 450 
TYR HD1  H  N N 451 
TYR HD2  H  N N 452 
TYR HE1  H  N N 453 
TYR HE2  H  N N 454 
TYR HH   H  N N 455 
TYR HXT  H  N N 456 
VAL N    N  N N 457 
VAL CA   C  N S 458 
VAL C    C  N N 459 
VAL O    O  N N 460 
VAL CB   C  N N 461 
VAL CG1  C  N N 462 
VAL CG2  C  N N 463 
VAL OXT  O  N N 464 
VAL H    H  N N 465 
VAL H2   H  N N 466 
VAL HA   H  N N 467 
VAL HB   H  N N 468 
VAL HG11 H  N N 469 
VAL HG12 H  N N 470 
VAL HG13 H  N N 471 
VAL HG21 H  N N 472 
VAL HG22 H  N N 473 
VAL HG23 H  N N 474 
VAL HXT  H  N N 475 
# 
loop_
_chem_comp_bond.comp_id 
_chem_comp_bond.atom_id_1 
_chem_comp_bond.atom_id_2 
_chem_comp_bond.value_order 
_chem_comp_bond.pdbx_aromatic_flag 
_chem_comp_bond.pdbx_stereo_config 
_chem_comp_bond.pdbx_ordinal 
ALA N   CA   sing N N 1   
ALA N   H    sing N N 2   
ALA N   H2   sing N N 3   
ALA CA  C    sing N N 4   
ALA CA  CB   sing N N 5   
ALA CA  HA   sing N N 6   
ALA C   O    doub N N 7   
ALA C   OXT  sing N N 8   
ALA CB  HB1  sing N N 9   
ALA CB  HB2  sing N N 10  
ALA CB  HB3  sing N N 11  
ALA OXT HXT  sing N N 12  
ARG N   CA   sing N N 13  
ARG N   H    sing N N 14  
ARG N   H2   sing N N 15  
ARG CA  C    sing N N 16  
ARG CA  CB   sing N N 17  
ARG CA  HA   sing N N 18  
ARG C   O    doub N N 19  
ARG C   OXT  sing N N 20  
ARG CB  CG   sing N N 21  
ARG CB  HB2  sing N N 22  
ARG CB  HB3  sing N N 23  
ARG CG  CD   sing N N 24  
ARG CG  HG2  sing N N 25  
ARG CG  HG3  sing N N 26  
ARG CD  NE   sing N N 27  
ARG CD  HD2  sing N N 28  
ARG CD  HD3  sing N N 29  
ARG NE  CZ   sing N N 30  
ARG NE  HE   sing N N 31  
ARG CZ  NH1  sing N N 32  
ARG CZ  NH2  doub N N 33  
ARG NH1 HH11 sing N N 34  
ARG NH1 HH12 sing N N 35  
ARG NH2 HH21 sing N N 36  
ARG NH2 HH22 sing N N 37  
ARG OXT HXT  sing N N 38  
ASN N   CA   sing N N 39  
ASN N   H    sing N N 40  
ASN N   H2   sing N N 41  
ASN CA  C    sing N N 42  
ASN CA  CB   sing N N 43  
ASN CA  HA   sing N N 44  
ASN C   O    doub N N 45  
ASN C   OXT  sing N N 46  
ASN CB  CG   sing N N 47  
ASN CB  HB2  sing N N 48  
ASN CB  HB3  sing N N 49  
ASN CG  OD1  doub N N 50  
ASN CG  ND2  sing N N 51  
ASN ND2 HD21 sing N N 52  
ASN ND2 HD22 sing N N 53  
ASN OXT HXT  sing N N 54  
ASP N   CA   sing N N 55  
ASP N   H    sing N N 56  
ASP N   H2   sing N N 57  
ASP CA  C    sing N N 58  
ASP CA  CB   sing N N 59  
ASP CA  HA   sing N N 60  
ASP C   O    doub N N 61  
ASP C   OXT  sing N N 62  
ASP CB  CG   sing N N 63  
ASP CB  HB2  sing N N 64  
ASP CB  HB3  sing N N 65  
ASP CG  OD1  doub N N 66  
ASP CG  OD2  sing N N 67  
ASP OD2 HD2  sing N N 68  
ASP OXT HXT  sing N N 69  
CYS N   CA   sing N N 70  
CYS N   H    sing N N 71  
CYS N   H2   sing N N 72  
CYS CA  C    sing N N 73  
CYS CA  CB   sing N N 74  
CYS CA  HA   sing N N 75  
CYS C   O    doub N N 76  
CYS C   OXT  sing N N 77  
CYS CB  SG   sing N N 78  
CYS CB  HB2  sing N N 79  
CYS CB  HB3  sing N N 80  
CYS SG  HG   sing N N 81  
CYS OXT HXT  sing N N 82  
GLN N   CA   sing N N 83  
GLN N   H    sing N N 84  
GLN N   H2   sing N N 85  
GLN CA  C    sing N N 86  
GLN CA  CB   sing N N 87  
GLN CA  HA   sing N N 88  
GLN C   O    doub N N 89  
GLN C   OXT  sing N N 90  
GLN CB  CG   sing N N 91  
GLN CB  HB2  sing N N 92  
GLN CB  HB3  sing N N 93  
GLN CG  CD   sing N N 94  
GLN CG  HG2  sing N N 95  
GLN CG  HG3  sing N N 96  
GLN CD  OE1  doub N N 97  
GLN CD  NE2  sing N N 98  
GLN NE2 HE21 sing N N 99  
GLN NE2 HE22 sing N N 100 
GLN OXT HXT  sing N N 101 
GLU N   CA   sing N N 102 
GLU N   H    sing N N 103 
GLU N   H2   sing N N 104 
GLU CA  C    sing N N 105 
GLU CA  CB   sing N N 106 
GLU CA  HA   sing N N 107 
GLU C   O    doub N N 108 
GLU C   OXT  sing N N 109 
GLU CB  CG   sing N N 110 
GLU CB  HB2  sing N N 111 
GLU CB  HB3  sing N N 112 
GLU CG  CD   sing N N 113 
GLU CG  HG2  sing N N 114 
GLU CG  HG3  sing N N 115 
GLU CD  OE1  doub N N 116 
GLU CD  OE2  sing N N 117 
GLU OE2 HE2  sing N N 118 
GLU OXT HXT  sing N N 119 
GLY N   CA   sing N N 120 
GLY N   H    sing N N 121 
GLY N   H2   sing N N 122 
GLY CA  C    sing N N 123 
GLY CA  HA2  sing N N 124 
GLY CA  HA3  sing N N 125 
GLY C   O    doub N N 126 
GLY C   OXT  sing N N 127 
GLY OXT HXT  sing N N 128 
HEM CHA C1A  sing N N 129 
HEM CHA C4D  doub N N 130 
HEM CHA HHA  sing N N 131 
HEM CHB C4A  sing N N 132 
HEM CHB C1B  doub N N 133 
HEM CHB HHB  sing N N 134 
HEM CHC C4B  sing N N 135 
HEM CHC C1C  doub N N 136 
HEM CHC HHC  sing N N 137 
HEM CHD C4C  doub N N 138 
HEM CHD C1D  sing N N 139 
HEM CHD HHD  sing N N 140 
HEM C1A C2A  doub Y N 141 
HEM C1A NA   sing Y N 142 
HEM C2A C3A  sing Y N 143 
HEM C2A CAA  sing N N 144 
HEM C3A C4A  doub Y N 145 
HEM C3A CMA  sing N N 146 
HEM C4A NA   sing Y N 147 
HEM CMA HMA  sing N N 148 
HEM CMA HMAA sing N N 149 
HEM CMA HMAB sing N N 150 
HEM CAA CBA  sing N N 151 
HEM CAA HAA  sing N N 152 
HEM CAA HAAA sing N N 153 
HEM CBA CGA  sing N N 154 
HEM CBA HBA  sing N N 155 
HEM CBA HBAA sing N N 156 
HEM CGA O1A  doub N N 157 
HEM CGA O2A  sing N N 158 
HEM C1B C2B  sing N N 159 
HEM C1B NB   sing N N 160 
HEM C2B C3B  doub N N 161 
HEM C2B CMB  sing N N 162 
HEM C3B C4B  sing N N 163 
HEM C3B CAB  sing N N 164 
HEM C4B NB   doub N N 165 
HEM CMB HMB  sing N N 166 
HEM CMB HMBA sing N N 167 
HEM CMB HMBB sing N N 168 
HEM CAB CBB  doub N N 169 
HEM CAB HAB  sing N N 170 
HEM CBB HBB  sing N N 171 
HEM CBB HBBA sing N N 172 
HEM C1C C2C  sing Y N 173 
HEM C1C NC   sing Y N 174 
HEM C2C C3C  doub Y N 175 
HEM C2C CMC  sing N N 176 
HEM C3C C4C  sing Y N 177 
HEM C3C CAC  sing N N 178 
HEM C4C NC   sing Y N 179 
HEM CMC HMC  sing N N 180 
HEM CMC HMCA sing N N 181 
HEM CMC HMCB sing N N 182 
HEM CAC CBC  doub N N 183 
HEM CAC HAC  sing N N 184 
HEM CBC HBC  sing N N 185 
HEM CBC HBCA sing N N 186 
HEM C1D C2D  sing N N 187 
HEM C1D ND   doub N N 188 
HEM C2D C3D  doub N N 189 
HEM C2D CMD  sing N N 190 
HEM C3D C4D  sing N N 191 
HEM C3D CAD  sing N N 192 
HEM C4D ND   sing N N 193 
HEM CMD HMD  sing N N 194 
HEM CMD HMDA sing N N 195 
HEM CMD HMDB sing N N 196 
HEM CAD CBD  sing N N 197 
HEM CAD HAD  sing N N 198 
HEM CAD HADA sing N N 199 
HEM CBD CGD  sing N N 200 
HEM CBD HBD  sing N N 201 
HEM CBD HBDA sing N N 202 
HEM CGD O1D  doub N N 203 
HEM CGD O2D  sing N N 204 
HEM O2A H2A  sing N N 205 
HEM O2D H2D  sing N N 206 
HEM FE  NA   sing N N 207 
HEM FE  NB   sing N N 208 
HEM FE  NC   sing N N 209 
HEM FE  ND   sing N N 210 
HIS N   CA   sing N N 211 
HIS N   H    sing N N 212 
HIS N   H2   sing N N 213 
HIS CA  C    sing N N 214 
HIS CA  CB   sing N N 215 
HIS CA  HA   sing N N 216 
HIS C   O    doub N N 217 
HIS C   OXT  sing N N 218 
HIS CB  CG   sing N N 219 
HIS CB  HB2  sing N N 220 
HIS CB  HB3  sing N N 221 
HIS CG  ND1  sing Y N 222 
HIS CG  CD2  doub Y N 223 
HIS ND1 CE1  doub Y N 224 
HIS ND1 HD1  sing N N 225 
HIS CD2 NE2  sing Y N 226 
HIS CD2 HD2  sing N N 227 
HIS CE1 NE2  sing Y N 228 
HIS CE1 HE1  sing N N 229 
HIS NE2 HE2  sing N N 230 
HIS OXT HXT  sing N N 231 
HOH O   H1   sing N N 232 
HOH O   H2   sing N N 233 
ILE N   CA   sing N N 234 
ILE N   H    sing N N 235 
ILE N   H2   sing N N 236 
ILE CA  C    sing N N 237 
ILE CA  CB   sing N N 238 
ILE CA  HA   sing N N 239 
ILE C   O    doub N N 240 
ILE C   OXT  sing N N 241 
ILE CB  CG1  sing N N 242 
ILE CB  CG2  sing N N 243 
ILE CB  HB   sing N N 244 
ILE CG1 CD1  sing N N 245 
ILE CG1 HG12 sing N N 246 
ILE CG1 HG13 sing N N 247 
ILE CG2 HG21 sing N N 248 
ILE CG2 HG22 sing N N 249 
ILE CG2 HG23 sing N N 250 
ILE CD1 HD11 sing N N 251 
ILE CD1 HD12 sing N N 252 
ILE CD1 HD13 sing N N 253 
ILE OXT HXT  sing N N 254 
IMD N1  C2   sing Y N 255 
IMD N1  C5   sing Y N 256 
IMD N1  HN1  sing N N 257 
IMD C2  N3   doub Y N 258 
IMD C2  H2   sing N N 259 
IMD N3  C4   sing Y N 260 
IMD N3  HN3  sing N N 261 
IMD C4  C5   doub Y N 262 
IMD C4  H4   sing N N 263 
IMD C5  H5   sing N N 264 
LEU N   CA   sing N N 265 
LEU N   H    sing N N 266 
LEU N   H2   sing N N 267 
LEU CA  C    sing N N 268 
LEU CA  CB   sing N N 269 
LEU CA  HA   sing N N 270 
LEU C   O    doub N N 271 
LEU C   OXT  sing N N 272 
LEU CB  CG   sing N N 273 
LEU CB  HB2  sing N N 274 
LEU CB  HB3  sing N N 275 
LEU CG  CD1  sing N N 276 
LEU CG  CD2  sing N N 277 
LEU CG  HG   sing N N 278 
LEU CD1 HD11 sing N N 279 
LEU CD1 HD12 sing N N 280 
LEU CD1 HD13 sing N N 281 
LEU CD2 HD21 sing N N 282 
LEU CD2 HD22 sing N N 283 
LEU CD2 HD23 sing N N 284 
LEU OXT HXT  sing N N 285 
LYS N   CA   sing N N 286 
LYS N   H    sing N N 287 
LYS N   H2   sing N N 288 
LYS CA  C    sing N N 289 
LYS CA  CB   sing N N 290 
LYS CA  HA   sing N N 291 
LYS C   O    doub N N 292 
LYS C   OXT  sing N N 293 
LYS CB  CG   sing N N 294 
LYS CB  HB2  sing N N 295 
LYS CB  HB3  sing N N 296 
LYS CG  CD   sing N N 297 
LYS CG  HG2  sing N N 298 
LYS CG  HG3  sing N N 299 
LYS CD  CE   sing N N 300 
LYS CD  HD2  sing N N 301 
LYS CD  HD3  sing N N 302 
LYS CE  NZ   sing N N 303 
LYS CE  HE2  sing N N 304 
LYS CE  HE3  sing N N 305 
LYS NZ  HZ1  sing N N 306 
LYS NZ  HZ2  sing N N 307 
LYS NZ  HZ3  sing N N 308 
LYS OXT HXT  sing N N 309 
MET N   CA   sing N N 310 
MET N   H    sing N N 311 
MET N   H2   sing N N 312 
MET CA  C    sing N N 313 
MET CA  CB   sing N N 314 
MET CA  HA   sing N N 315 
MET C   O    doub N N 316 
MET C   OXT  sing N N 317 
MET CB  CG   sing N N 318 
MET CB  HB2  sing N N 319 
MET CB  HB3  sing N N 320 
MET CG  SD   sing N N 321 
MET CG  HG2  sing N N 322 
MET CG  HG3  sing N N 323 
MET SD  CE   sing N N 324 
MET CE  HE1  sing N N 325 
MET CE  HE2  sing N N 326 
MET CE  HE3  sing N N 327 
MET OXT HXT  sing N N 328 
PHE N   CA   sing N N 329 
PHE N   H    sing N N 330 
PHE N   H2   sing N N 331 
PHE CA  C    sing N N 332 
PHE CA  CB   sing N N 333 
PHE CA  HA   sing N N 334 
PHE C   O    doub N N 335 
PHE C   OXT  sing N N 336 
PHE CB  CG   sing N N 337 
PHE CB  HB2  sing N N 338 
PHE CB  HB3  sing N N 339 
PHE CG  CD1  doub Y N 340 
PHE CG  CD2  sing Y N 341 
PHE CD1 CE1  sing Y N 342 
PHE CD1 HD1  sing N N 343 
PHE CD2 CE2  doub Y N 344 
PHE CD2 HD2  sing N N 345 
PHE CE1 CZ   doub Y N 346 
PHE CE1 HE1  sing N N 347 
PHE CE2 CZ   sing Y N 348 
PHE CE2 HE2  sing N N 349 
PHE CZ  HZ   sing N N 350 
PHE OXT HXT  sing N N 351 
PRO N   CA   sing N N 352 
PRO N   CD   sing N N 353 
PRO N   H    sing N N 354 
PRO CA  C    sing N N 355 
PRO CA  CB   sing N N 356 
PRO CA  HA   sing N N 357 
PRO C   O    doub N N 358 
PRO C   OXT  sing N N 359 
PRO CB  CG   sing N N 360 
PRO CB  HB2  sing N N 361 
PRO CB  HB3  sing N N 362 
PRO CG  CD   sing N N 363 
PRO CG  HG2  sing N N 364 
PRO CG  HG3  sing N N 365 
PRO CD  HD2  sing N N 366 
PRO CD  HD3  sing N N 367 
PRO OXT HXT  sing N N 368 
SER N   CA   sing N N 369 
SER N   H    sing N N 370 
SER N   H2   sing N N 371 
SER CA  C    sing N N 372 
SER CA  CB   sing N N 373 
SER CA  HA   sing N N 374 
SER C   O    doub N N 375 
SER C   OXT  sing N N 376 
SER CB  OG   sing N N 377 
SER CB  HB2  sing N N 378 
SER CB  HB3  sing N N 379 
SER OG  HG   sing N N 380 
SER OXT HXT  sing N N 381 
THR N   CA   sing N N 382 
THR N   H    sing N N 383 
THR N   H2   sing N N 384 
THR CA  C    sing N N 385 
THR CA  CB   sing N N 386 
THR CA  HA   sing N N 387 
THR C   O    doub N N 388 
THR C   OXT  sing N N 389 
THR CB  OG1  sing N N 390 
THR CB  CG2  sing N N 391 
THR CB  HB   sing N N 392 
THR OG1 HG1  sing N N 393 
THR CG2 HG21 sing N N 394 
THR CG2 HG22 sing N N 395 
THR CG2 HG23 sing N N 396 
THR OXT HXT  sing N N 397 
TRP N   CA   sing N N 398 
TRP N   H    sing N N 399 
TRP N   H2   sing N N 400 
TRP CA  C    sing N N 401 
TRP CA  CB   sing N N 402 
TRP CA  HA   sing N N 403 
TRP C   O    doub N N 404 
TRP C   OXT  sing N N 405 
TRP CB  CG   sing N N 406 
TRP CB  HB2  sing N N 407 
TRP CB  HB3  sing N N 408 
TRP CG  CD1  doub Y N 409 
TRP CG  CD2  sing Y N 410 
TRP CD1 NE1  sing Y N 411 
TRP CD1 HD1  sing N N 412 
TRP CD2 CE2  doub Y N 413 
TRP CD2 CE3  sing Y N 414 
TRP NE1 CE2  sing Y N 415 
TRP NE1 HE1  sing N N 416 
TRP CE2 CZ2  sing Y N 417 
TRP CE3 CZ3  doub Y N 418 
TRP CE3 HE3  sing N N 419 
TRP CZ2 CH2  doub Y N 420 
TRP CZ2 HZ2  sing N N 421 
TRP CZ3 CH2  sing Y N 422 
TRP CZ3 HZ3  sing N N 423 
TRP CH2 HH2  sing N N 424 
TRP OXT HXT  sing N N 425 
TYR N   CA   sing N N 426 
TYR N   H    sing N N 427 
TYR N   H2   sing N N 428 
TYR CA  C    sing N N 429 
TYR CA  CB   sing N N 430 
TYR CA  HA   sing N N 431 
TYR C   O    doub N N 432 
TYR C   OXT  sing N N 433 
TYR CB  CG   sing N N 434 
TYR CB  HB2  sing N N 435 
TYR CB  HB3  sing N N 436 
TYR CG  CD1  doub Y N 437 
TYR CG  CD2  sing Y N 438 
TYR CD1 CE1  sing Y N 439 
TYR CD1 HD1  sing N N 440 
TYR CD2 CE2  doub Y N 441 
TYR CD2 HD2  sing N N 442 
TYR CE1 CZ   doub Y N 443 
TYR CE1 HE1  sing N N 444 
TYR CE2 CZ   sing Y N 445 
TYR CE2 HE2  sing N N 446 
TYR CZ  OH   sing N N 447 
TYR OH  HH   sing N N 448 
TYR OXT HXT  sing N N 449 
VAL N   CA   sing N N 450 
VAL N   H    sing N N 451 
VAL N   H2   sing N N 452 
VAL CA  C    sing N N 453 
VAL CA  CB   sing N N 454 
VAL CA  HA   sing N N 455 
VAL C   O    doub N N 456 
VAL C   OXT  sing N N 457 
VAL CB  CG1  sing N N 458 
VAL CB  CG2  sing N N 459 
VAL CB  HB   sing N N 460 
VAL CG1 HG11 sing N N 461 
VAL CG1 HG12 sing N N 462 
VAL CG1 HG13 sing N N 463 
VAL CG2 HG21 sing N N 464 
VAL CG2 HG22 sing N N 465 
VAL CG2 HG23 sing N N 466 
VAL OXT HXT  sing N N 467 
# 
_pdbx_initial_refinement_model.id               1 
_pdbx_initial_refinement_model.entity_id_list   ? 
_pdbx_initial_refinement_model.type             'experimental model' 
_pdbx_initial_refinement_model.source_name      PDB 
_pdbx_initial_refinement_model.accession_code   1EUO 
_pdbx_initial_refinement_model.details          'PDB entry 1EUO' 
# 
_atom_sites.entry_id                    1PEE 
_atom_sites.fract_transf_matrix[1][1]   0.00635132 
_atom_sites.fract_transf_matrix[1][2]   0.02129850 
_atom_sites.fract_transf_matrix[1][3]   0.01837095 
_atom_sites.fract_transf_matrix[2][1]   0.02805591 
_atom_sites.fract_transf_matrix[2][2]   -0.00346082 
_atom_sites.fract_transf_matrix[2][3]   -0.00568733 
_atom_sites.fract_transf_matrix[3][1]   -0.00026746 
_atom_sites.fract_transf_matrix[3][2]   0.00256313 
_atom_sites.fract_transf_matrix[3][3]   -0.00287912 
_atom_sites.fract_transf_vector[1]      0.416033 
_atom_sites.fract_transf_vector[2]      0.442119 
_atom_sites.fract_transf_vector[3]      0.431127 
# 
loop_
_atom_type.symbol 
C  
FE 
N  
O  
S  
# 
loop_
_atom_site.group_PDB 
_atom_site.id 
_atom_site.type_symbol 
_atom_site.label_atom_id 
_atom_site.label_alt_id 
_atom_site.label_comp_id 
_atom_site.label_asym_id 
_atom_site.label_entity_id 
_atom_site.label_seq_id 
_atom_site.pdbx_PDB_ins_code 
_atom_site.Cartn_x 
_atom_site.Cartn_y 
_atom_site.Cartn_z 
_atom_site.occupancy 
_atom_site.B_iso_or_equiv 
_atom_site.pdbx_formal_charge 
_atom_site.auth_seq_id 
_atom_site.auth_comp_id 
_atom_site.auth_asym_id 
_atom_site.auth_atom_id 
_atom_site.pdbx_PDB_model_num 
ATOM   1    N  N   . MET A 1 1   ? 11.896  16.451  1.382   1.00 25.97 ? 0   MET A N   1 
ATOM   2    C  CA  . MET A 1 1   ? 11.591  15.165  2.068   1.00 25.61 ? 0   MET A CA  1 
ATOM   3    C  C   . MET A 1 1   ? 12.402  13.975  1.559   1.00 23.47 ? 0   MET A C   1 
ATOM   4    O  O   . MET A 1 1   ? 12.718  13.819  0.363   1.00 21.67 ? 0   MET A O   1 
ATOM   5    C  CB  . MET A 1 1   ? 10.098  14.834  1.992   1.00 26.36 ? 0   MET A CB  1 
ATOM   6    C  CG  . MET A 1 1   ? 9.637   13.913  3.093   1.00 30.47 ? 0   MET A CG  1 
ATOM   7    S  SD  . MET A 1 1   ? 8.684   12.542  2.482   1.00 37.22 ? 0   MET A SD  1 
ATOM   8    C  CE  . MET A 1 1   ? 9.823   11.507  1.758   1.00 35.05 ? 0   MET A CE  1 
ATOM   9    N  N   . ASP A 1 2   ? 12.722  13.121  2.507   1.00 22.48 ? 1   ASP A N   1 
ATOM   10   C  CA  . ASP A 1 2   ? 13.494  11.901  2.253   1.00 22.00 ? 1   ASP A CA  1 
ATOM   11   C  C   . ASP A 1 2   ? 12.715  10.721  2.799   1.00 20.88 ? 1   ASP A C   1 
ATOM   12   O  O   . ASP A 1 2   ? 12.324  10.739  3.970   1.00 19.13 ? 1   ASP A O   1 
ATOM   13   C  CB  . ASP A 1 2   ? 14.836  11.961  3.005   1.00 23.12 ? 1   ASP A CB  1 
ATOM   14   C  CG  . ASP A 1 2   ? 15.785  13.025  2.440   1.00 24.29 ? 1   ASP A CG  1 
ATOM   15   O  OD1 . ASP A 1 2   ? 15.967  13.079  1.209   1.00 22.63 ? 1   ASP A OD1 1 
ATOM   16   O  OD2 . ASP A 1 2   ? 16.391  13.835  3.165   1.00 29.87 ? 1   ASP A OD2 1 
ATOM   17   N  N   . CYS A 1 3   ? 12.500  9.688   1.977   1.00 19.10 ? 2   CYS A N   1 
ATOM   18   C  CA  . CYS A 1 3   ? 11.880  8.463   2.484   1.00 18.08 ? 2   CYS A CA  1 
ATOM   19   C  C   . CYS A 1 3   ? 12.705  7.858   3.636   1.00 18.25 ? 2   CYS A C   1 
ATOM   20   O  O   . CYS A 1 3   ? 13.949  8.038   3.727   1.00 19.13 ? 2   CYS A O   1 
ATOM   21   C  CB  . CYS A 1 3   ? 11.739  7.475   1.334   1.00 16.94 ? 2   CYS A CB  1 
ATOM   22   S  SG  . CYS A 1 3   ? 10.276  7.815   0.294   1.00 13.38 ? 2   CYS A SG  1 
ATOM   23   N  N   . SER A 1 4   ? 12.001  7.202   4.568   1.00 18.85 ? 3   SER A N   1 
ATOM   24   C  CA  . SER A 1 4   ? 12.639  6.568   5.731   1.00 19.98 ? 3   SER A CA  1 
ATOM   25   C  C   . SER A 1 4   ? 13.678  5.564   5.299   1.00 21.83 ? 3   SER A C   1 
ATOM   26   O  O   . SER A 1 4   ? 13.507  4.810   4.320   1.00 21.86 ? 3   SER A O   1 
ATOM   27   C  CB  . SER A 1 4   ? 11.607  5.858   6.626   1.00 20.64 ? 3   SER A CB  1 
ATOM   28   O  OG  . SER A 1 4   ? 10.540  6.747   6.941   1.00 18.57 ? 3   SER A OG  1 
ATOM   29   N  N   . THR A 1 5   ? 14.760  5.526   6.057   1.00 23.86 ? 4   THR A N   1 
ATOM   30   C  CA  . THR A 1 5   ? 15.949  4.762   5.640   1.00 25.68 ? 4   THR A CA  1 
ATOM   31   C  C   . THR A 1 5   ? 15.964  3.358   6.203   1.00 26.89 ? 4   THR A C   1 
ATOM   32   O  O   . THR A 1 5   ? 16.400  2.439   5.493   1.00 28.64 ? 4   THR A O   1 
ATOM   33   C  CB  . THR A 1 5   ? 17.255  5.481   6.022   1.00 25.67 ? 4   THR A CB  1 
ATOM   34   O  OG1 . THR A 1 5   ? 17.196  5.942   7.376   1.00 26.41 ? 4   THR A OG1 1 
ATOM   35   C  CG2 . THR A 1 5   ? 17.479  6.719   5.178   1.00 26.77 ? 4   THR A CG2 1 
ATOM   36   N  N   . ASN A 1 6   ? 15.509  3.147   7.433   1.00 27.45 ? 5   ASN A N   1 
ATOM   37   C  CA  . ASN A 1 6   ? 15.683  1.792   7.987   1.00 28.09 ? 5   ASN A CA  1 
ATOM   38   C  C   . ASN A 1 6   ? 14.533  0.884   7.557   1.00 26.78 ? 5   ASN A C   1 
ATOM   39   O  O   . ASN A 1 6   ? 13.619  0.567   8.348   1.00 27.82 ? 5   ASN A O   1 
ATOM   40   C  CB  . ASN A 1 6   ? 15.899  1.764   9.511   1.00 28.76 ? 5   ASN A CB  1 
ATOM   41   C  CG  . ASN A 1 6   ? 16.402  0.396   9.996   1.00 31.89 ? 5   ASN A CG  1 
ATOM   42   O  OD1 . ASN A 1 6   ? 15.850  -0.175  10.942  1.00 37.40 ? 5   ASN A OD1 1 
ATOM   43   N  ND2 . ASN A 1 6   ? 17.458  -0.127  9.354   1.00 35.17 ? 5   ASN A ND2 1 
ATOM   44   N  N   . ILE A 1 7   ? 14.555  0.497   6.281   1.00 23.60 ? 6   ILE A N   1 
ATOM   45   C  CA  . ILE A 1 7   ? 13.475  -0.269  5.745   1.00 20.59 ? 6   ILE A CA  1 
ATOM   46   C  C   . ILE A 1 7   ? 13.984  -1.481  4.980   1.00 19.65 ? 6   ILE A C   1 
ATOM   47   O  O   . ILE A 1 7   ? 14.616  -1.383  3.912   1.00 18.75 ? 6   ILE A O   1 
ATOM   48   C  CB  . ILE A 1 7   ? 12.521  0.627   4.894   1.00 20.80 ? 6   ILE A CB  1 
ATOM   49   C  CG1 . ILE A 1 7   ? 11.950  1.780   5.724   1.00 18.28 ? 6   ILE A CG1 1 
ATOM   50   C  CG2 . ILE A 1 7   ? 11.343  -0.204  4.318   1.00 19.16 ? 6   ILE A CG2 1 
ATOM   51   C  CD1 . ILE A 1 7   ? 10.931  1.349   6.754   1.00 21.05 ? 6   ILE A CD1 1 
ATOM   52   N  N   . SER A 1 8   ? 13.685  -2.640  5.528   1.00 17.63 ? 7   SER A N   1 
ATOM   53   C  CA  . SER A 1 8   ? 14.008  -3.879  4.825   1.00 18.12 ? 7   SER A CA  1 
ATOM   54   C  C   . SER A 1 8   ? 12.892  -4.893  5.121   1.00 16.62 ? 7   SER A C   1 
ATOM   55   O  O   . SER A 1 8   ? 12.242  -4.823  6.165   1.00 14.68 ? 7   SER A O   1 
ATOM   56   C  CB  . SER A 1 8   ? 15.304  -4.409  5.394   1.00 19.34 ? 7   SER A CB  1 
ATOM   57   O  OG  . SER A 1 8   ? 15.137  -4.637  6.789   1.00 23.89 ? 7   SER A OG  1 
ATOM   58   N  N   . PRO A 1 9   ? 12.661  -5.844  4.223   1.00 14.97 ? 8   PRO A N   1 
ATOM   59   C  CA  . PRO A 1 9   ? 11.532  -6.754  4.421   1.00 14.21 ? 8   PRO A CA  1 
ATOM   60   C  C   . PRO A 1 9   ? 11.807  -7.756  5.523   1.00 15.24 ? 8   PRO A C   1 
ATOM   61   O  O   . PRO A 1 9   ? 12.940  -8.188  5.691   1.00 16.93 ? 8   PRO A O   1 
ATOM   62   C  CB  . PRO A 1 9   ? 11.413  -7.437  3.068   1.00 15.31 ? 8   PRO A CB  1 
ATOM   63   C  CG  . PRO A 1 9   ? 12.855  -7.451  2.549   1.00 12.44 ? 8   PRO A CG  1 
ATOM   64   C  CD  . PRO A 1 9   ? 13.377  -6.110  2.964   1.00 15.03 ? 8   PRO A CD  1 
ATOM   65   N  N   . LYS A 1 10  ? 10.801  -8.135  6.284   1.00 15.07 ? 9   LYS A N   1 
ATOM   66   C  CA  . LYS A 1 10  ? 11.048  -9.116  7.345   1.00 15.68 ? 9   LYS A CA  1 
ATOM   67   C  C   . LYS A 1 10  ? 11.308  -10.486 6.703   1.00 17.55 ? 9   LYS A C   1 
ATOM   68   O  O   . LYS A 1 10  ? 10.570  -10.941 5.828   1.00 17.37 ? 9   LYS A O   1 
ATOM   69   C  CB  . LYS A 1 10  ? 9.872   -9.179  8.291   1.00 15.34 ? 9   LYS A CB  1 
ATOM   70   C  CG  . LYS A 1 10  ? 10.025  -10.179 9.429   1.00 14.23 ? 9   LYS A CG  1 
ATOM   71   C  CD  . LYS A 1 10  ? 8.803   -10.113 10.351  1.00 15.53 ? 9   LYS A CD  1 
ATOM   72   C  CE  . LYS A 1 10  ? 8.753   -11.351 11.197  1.00 16.11 ? 9   LYS A CE  1 
ATOM   73   N  NZ  . LYS A 1 10  ? 7.739   -11.173 12.240  1.00 19.78 ? 9   LYS A NZ  1 
ATOM   74   N  N   . GLN A 1 11  ? 12.423  -11.117 7.097   1.00 19.88 ? 10  GLN A N   1 
ATOM   75   C  CA  . GLN A 1 11  ? 12.819  -12.398 6.492   1.00 21.22 ? 10  GLN A CA  1 
ATOM   76   C  C   . GLN A 1 11  ? 12.071  -13.503 7.189   1.00 20.93 ? 10  GLN A C   1 
ATOM   77   O  O   . GLN A 1 11  ? 11.772  -13.398 8.381   1.00 20.74 ? 10  GLN A O   1 
ATOM   78   C  CB  . GLN A 1 11  ? 14.332  -12.638 6.573   1.00 21.74 ? 10  GLN A CB  1 
ATOM   79   C  CG  . GLN A 1 11  ? 15.243  -11.793 5.587   1.00 24.43 ? 10  GLN A CG  1 
ATOM   80   C  CD  . GLN A 1 11  ? 16.595  -11.507 6.247   1.00 28.19 ? 10  GLN A CD  1 
ATOM   81   O  OE1 . GLN A 1 11  ? 16.766  -11.897 7.419   1.00 31.63 ? 10  GLN A OE1 1 
ATOM   82   N  NE2 . GLN A 1 11  ? 17.568  -10.875 5.519   1.00 30.33 ? 10  GLN A NE2 1 
ATOM   83   N  N   . GLY A 1 12  ? 11.734  -14.552 6.439   1.00 22.22 ? 11  GLY A N   1 
ATOM   84   C  CA  . GLY A 1 12  ? 10.987  -15.663 6.960   1.00 23.18 ? 11  GLY A CA  1 
ATOM   85   C  C   . GLY A 1 12  ? 9.488   -15.507 6.770   1.00 24.02 ? 11  GLY A C   1 
ATOM   86   O  O   . GLY A 1 12  ? 8.738   -16.360 7.219   1.00 25.37 ? 11  GLY A O   1 
ATOM   87   N  N   . LEU A 1 13  ? 9.050   -14.410 6.143   1.00 24.75 ? 12  LEU A N   1 
ATOM   88   C  CA  . LEU A 1 13  ? 7.632   -14.216 5.853   1.00 25.99 ? 12  LEU A CA  1 
ATOM   89   C  C   . LEU A 1 13  ? 7.210   -15.120 4.702   1.00 26.22 ? 12  LEU A C   1 
ATOM   90   O  O   . LEU A 1 13  ? 7.940   -15.305 3.714   1.00 26.55 ? 12  LEU A O   1 
ATOM   91   C  CB  . LEU A 1 13  ? 7.310   -12.760 5.480   1.00 26.54 ? 12  LEU A CB  1 
ATOM   92   C  CG  . LEU A 1 13  ? 7.463   -11.637 6.510   1.00 26.70 ? 12  LEU A CG  1 
ATOM   93   C  CD1 . LEU A 1 13  ? 6.936   -10.331 5.927   1.00 28.47 ? 12  LEU A CD1 1 
ATOM   94   C  CD2 . LEU A 1 13  ? 6.741   -11.990 7.815   1.00 27.27 ? 12  LEU A CD2 1 
ATOM   95   N  N   . ASP A 1 14  ? 6.010   -15.660 4.852   1.00 25.96 ? 13  ASP A N   1 
ATOM   96   C  CA  . ASP A 1 14  ? 5.411   -16.578 3.910   1.00 25.18 ? 13  ASP A CA  1 
ATOM   97   C  C   . ASP A 1 14  ? 4.661   -15.787 2.840   1.00 23.02 ? 13  ASP A C   1 
ATOM   98   O  O   . ASP A 1 14  ? 3.581   -15.244 3.091   1.00 22.01 ? 13  ASP A O   1 
ATOM   99   C  CB  . ASP A 1 14  ? 4.477   -17.497 4.707   1.00 26.25 ? 13  ASP A CB  1 
ATOM   100  C  CG  . ASP A 1 14  ? 3.737   -18.487 3.843   1.00 28.73 ? 13  ASP A CG  1 
ATOM   101  O  OD1 . ASP A 1 14  ? 3.938   -18.495 2.589   1.00 31.51 ? 13  ASP A OD1 1 
ATOM   102  O  OD2 . ASP A 1 14  ? 2.927   -19.305 4.356   1.00 31.15 ? 13  ASP A OD2 1 
ATOM   103  N  N   . LYS A 1 15  ? 5.188   -15.739 1.616   1.00 21.70 ? 14  LYS A N   1 
ATOM   104  C  CA  . LYS A 1 15  ? 4.558   -14.881 0.606   1.00 20.47 ? 14  LYS A CA  1 
ATOM   105  C  C   . LYS A 1 15  ? 3.075   -15.205 0.262   1.00 19.73 ? 14  LYS A C   1 
ATOM   106  O  O   . LYS A 1 15  ? 2.298   -14.300 -0.105  1.00 16.86 ? 14  LYS A O   1 
ATOM   107  C  CB  . LYS A 1 15  ? 5.470   -14.708 -0.613  1.00 21.47 ? 14  LYS A CB  1 
ATOM   108  C  CG  . LYS A 1 15  ? 5.299   -15.672 -1.705  1.00 23.95 ? 14  LYS A CG  1 
ATOM   109  C  CD  . LYS A 1 15  ? 6.310   -15.389 -2.823  1.00 27.09 ? 14  LYS A CD  1 
ATOM   110  C  CE  . LYS A 1 15  ? 6.676   -16.710 -3.483  1.00 29.49 ? 14  LYS A CE  1 
ATOM   111  N  NZ  . LYS A 1 15  ? 7.033   -16.527 -4.894  1.00 32.76 ? 14  LYS A NZ  1 
ATOM   112  N  N   . ALA A 1 16  ? 2.626   -16.440 0.459   1.00 18.27 ? 15  ALA A N   1 
ATOM   113  C  CA  . ALA A 1 16  ? 1.251   -16.762 0.187   1.00 17.75 ? 15  ALA A CA  1 
ATOM   114  C  C   . ALA A 1 16  ? 0.330   -16.044 1.174   1.00 15.82 ? 15  ALA A C   1 
ATOM   115  O  O   . ALA A 1 16  ? -0.853  -15.906 0.890   1.00 16.46 ? 15  ALA A O   1 
ATOM   116  C  CB  . ALA A 1 16  ? 1.023   -18.296 0.204   1.00 17.52 ? 15  ALA A CB  1 
ATOM   117  N  N   . LYS A 1 17  ? 0.844   -15.599 2.323   1.00 15.93 ? 16  LYS A N   1 
ATOM   118  C  CA  . LYS A 1 17  ? 0.048   -14.782 3.233   1.00 15.64 ? 16  LYS A CA  1 
ATOM   119  C  C   . LYS A 1 17  ? -0.076  -13.311 2.783   1.00 14.18 ? 16  LYS A C   1 
ATOM   120  O  O   . LYS A 1 17  ? -1.023  -12.615 3.153   1.00 13.72 ? 16  LYS A O   1 
ATOM   121  C  CB  . LYS A 1 17  ? 0.580   -14.839 4.668   1.00 17.13 ? 16  LYS A CB  1 
ATOM   122  C  CG  . LYS A 1 17  ? 0.716   -16.286 5.242   1.00 19.79 ? 16  LYS A CG  1 
ATOM   123  C  CD  . LYS A 1 17  ? -0.062  -16.464 6.471   1.00 22.02 ? 16  LYS A CD  1 
ATOM   124  C  CE  . LYS A 1 17  ? 0.233   -17.801 7.164   1.00 20.87 ? 16  LYS A CE  1 
ATOM   125  N  NZ  . LYS A 1 17  ? -0.020  -18.960 6.322   1.00 21.34 ? 16  LYS A NZ  1 
ATOM   126  N  N   . TYR A 1 18  ? 0.913   -12.803 2.066   1.00 10.98 ? 17  TYR A N   1 
ATOM   127  C  CA  . TYR A 1 18  ? 0.800   -11.421 1.547   1.00 10.83 ? 17  TYR A CA  1 
ATOM   128  C  C   . TYR A 1 18  ? 0.037   -11.349 0.247   1.00 11.30 ? 17  TYR A C   1 
ATOM   129  O  O   . TYR A 1 18  ? -0.825  -10.502 0.047   1.00 10.19 ? 17  TYR A O   1 
ATOM   130  C  CB  . TYR A 1 18  ? 2.181   -10.775 1.386   1.00 9.17  ? 17  TYR A CB  1 
ATOM   131  C  CG  . TYR A 1 18  ? 2.067   -9.375  0.848   1.00 9.36  ? 17  TYR A CG  1 
ATOM   132  C  CD1 . TYR A 1 18  ? 1.536   -8.347  1.652   1.00 10.49 ? 17  TYR A CD1 1 
ATOM   133  C  CD2 . TYR A 1 18  ? 2.468   -9.068  -0.432  1.00 12.36 ? 17  TYR A CD2 1 
ATOM   134  C  CE1 . TYR A 1 18  ? 1.400   -7.041  1.142   1.00 8.18  ? 17  TYR A CE1 1 
ATOM   135  C  CE2 . TYR A 1 18  ? 2.371   -7.781  -0.918  1.00 9.94  ? 17  TYR A CE2 1 
ATOM   136  C  CZ  . TYR A 1 18  ? 1.864   -6.776  -0.135  1.00 12.06 ? 17  TYR A CZ  1 
ATOM   137  O  OH  . TYR A 1 18  ? 1.772   -5.522  -0.748  1.00 12.36 ? 17  TYR A OH  1 
ATOM   138  N  N   . PHE A 1 19  ? 0.360   -12.226 -0.691  1.00 13.92 ? 18  PHE A N   1 
ATOM   139  C  CA  . PHE A 1 19  ? -0.333  -12.291 -1.989  1.00 14.98 ? 18  PHE A CA  1 
ATOM   140  C  C   . PHE A 1 19  ? -1.606  -13.149 -1.804  1.00 17.28 ? 18  PHE A C   1 
ATOM   141  O  O   . PHE A 1 19  ? -1.714  -14.296 -2.224  1.00 17.81 ? 18  PHE A O   1 
ATOM   142  C  CB  . PHE A 1 19  ? 0.639   -12.796 -3.052  1.00 15.11 ? 18  PHE A CB  1 
ATOM   143  C  CG  . PHE A 1 19  ? 1.873   -11.927 -3.201  1.00 15.71 ? 18  PHE A CG  1 
ATOM   144  C  CD1 . PHE A 1 19  ? 1.757   -10.657 -3.724  1.00 16.51 ? 18  PHE A CD1 1 
ATOM   145  C  CD2 . PHE A 1 19  ? 3.152   -12.397 -2.875  1.00 16.57 ? 18  PHE A CD2 1 
ATOM   146  C  CE1 . PHE A 1 19  ? 2.865   -9.846  -3.925  1.00 14.33 ? 18  PHE A CE1 1 
ATOM   147  C  CE2 . PHE A 1 19  ? 4.275   -11.592 -3.040  1.00 15.60 ? 18  PHE A CE2 1 
ATOM   148  C  CZ  . PHE A 1 19  ? 4.155   -10.337 -3.568  1.00 15.63 ? 18  PHE A CZ  1 
ATOM   149  N  N   . SER A 1 20  ? -2.552  -12.580 -1.069  1.00 16.32 ? 19  SER A N   1 
ATOM   150  C  CA  . SER A 1 20  ? -3.706  -13.312 -0.529  1.00 17.14 ? 19  SER A CA  1 
ATOM   151  C  C   . SER A 1 20  ? -4.842  -12.310 -0.544  1.00 15.83 ? 19  SER A C   1 
ATOM   152  O  O   . SER A 1 20  ? -4.651  -11.170 -0.128  1.00 12.58 ? 19  SER A O   1 
ATOM   153  C  CB  . SER A 1 20  ? -3.441  -13.726 0.936   1.00 17.93 ? 19  SER A CB  1 
ATOM   154  O  OG  . SER A 1 20  ? -4.614  -14.208 1.575   1.00 22.08 ? 19  SER A OG  1 
ATOM   155  N  N   . GLY A 1 21  ? -6.024  -12.704 -1.008  1.00 13.91 ? 20  GLY A N   1 
ATOM   156  C  CA  . GLY A 1 21  ? -7.204  -11.853 -0.786  1.00 12.53 ? 20  GLY A CA  1 
ATOM   157  C  C   . GLY A 1 21  ? -7.085  -10.429 -1.368  1.00 12.34 ? 20  GLY A C   1 
ATOM   158  O  O   . GLY A 1 21  ? -6.468  -10.173 -2.375  1.00 11.83 ? 20  GLY A O   1 
ATOM   159  N  N   . LYS A 1 22  ? -7.789  -9.506  -0.736  1.00 11.68 ? 21  LYS A N   1 
ATOM   160  C  CA  . LYS A 1 22  ? -7.542  -8.097  -0.997  1.00 11.40 ? 21  LYS A CA  1 
ATOM   161  C  C   . LYS A 1 22  ? -7.163  -7.459  0.334   1.00 9.25  ? 21  LYS A C   1 
ATOM   162  O  O   . LYS A 1 22  ? -7.444  -8.030  1.392   1.00 8.29  ? 21  LYS A O   1 
ATOM   163  C  CB  . LYS A 1 22  ? -8.720  -7.337  -1.637  1.00 12.24 ? 21  LYS A CB  1 
ATOM   164  C  CG  . LYS A 1 22  ? -10.114 -7.648  -1.278  1.00 16.16 ? 21  LYS A CG  1 
ATOM   165  C  CD  . LYS A 1 22  ? -11.033 -6.912  -2.261  1.00 12.97 ? 21  LYS A CD  1 
ATOM   166  C  CE  . LYS A 1 22  ? -11.233 -7.662  -3.602  1.00 12.90 ? 21  LYS A CE  1 
ATOM   167  N  NZ  . LYS A 1 22  ? -12.466 -7.131  -4.429  1.00 19.19 ? 21  LYS A NZ  1 
ATOM   168  N  N   . TRP A 1 23  ? -6.508  -6.300  0.289   1.00 7.21  ? 22  TRP A N   1 
ATOM   169  C  CA  . TRP A 1 23  ? -6.173  -5.505  1.466   1.00 7.28  ? 22  TRP A CA  1 
ATOM   170  C  C   . TRP A 1 23  ? -6.959  -4.154  1.541   1.00 5.91  ? 22  TRP A C   1 
ATOM   171  O  O   . TRP A 1 23  ? -7.160  -3.501  0.507   1.00 6.88  ? 22  TRP A O   1 
ATOM   172  C  CB  . TRP A 1 23  ? -4.676  -5.193  1.453   1.00 7.11  ? 22  TRP A CB  1 
ATOM   173  C  CG  . TRP A 1 23  ? -3.749  -6.407  1.657   1.00 5.12  ? 22  TRP A CG  1 
ATOM   174  C  CD1 . TRP A 1 23  ? -2.865  -6.939  0.720   1.00 7.49  ? 22  TRP A CD1 1 
ATOM   175  C  CD2 . TRP A 1 23  ? -3.649  -7.274  2.825   1.00 6.59  ? 22  TRP A CD2 1 
ATOM   176  N  NE1 . TRP A 1 23  ? -2.267  -8.069  1.226   1.00 7.99  ? 22  TRP A NE1 1 
ATOM   177  C  CE2 . TRP A 1 23  ? -2.699  -8.265  2.509   1.00 4.06  ? 22  TRP A CE2 1 
ATOM   178  C  CE3 . TRP A 1 23  ? -4.283  -7.336  4.084   1.00 7.32  ? 22  TRP A CE3 1 
ATOM   179  C  CZ2 . TRP A 1 23  ? -2.332  -9.272  3.412   1.00 6.21  ? 22  TRP A CZ2 1 
ATOM   180  C  CZ3 . TRP A 1 23  ? -3.903  -8.345  4.983   1.00 5.30  ? 22  TRP A CZ3 1 
ATOM   181  C  CH2 . TRP A 1 23  ? -2.928  -9.305  4.612   1.00 6.50  ? 22  TRP A CH2 1 
ATOM   182  N  N   . TYR A 1 24  ? -7.362  -3.733  2.726   1.00 6.62  ? 23  TYR A N   1 
ATOM   183  C  CA  . TYR A 1 24  ? -7.935  -2.417  3.042   1.00 5.16  ? 23  TYR A CA  1 
ATOM   184  C  C   . TYR A 1 24  ? -7.046  -1.751  4.051   1.00 5.17  ? 23  TYR A C   1 
ATOM   185  O  O   . TYR A 1 24  ? -6.603  -2.361  5.024   1.00 5.50  ? 23  TYR A O   1 
ATOM   186  C  CB  . TYR A 1 24  ? -9.391  -2.552  3.612   1.00 5.97  ? 23  TYR A CB  1 
ATOM   187  C  CG  . TYR A 1 24  ? -10.394 -3.241  2.708   1.00 4.62  ? 23  TYR A CG  1 
ATOM   188  C  CD1 . TYR A 1 24  ? -11.311 -2.526  1.907   1.00 7.28  ? 23  TYR A CD1 1 
ATOM   189  C  CD2 . TYR A 1 24  ? -10.412 -4.613  2.663   1.00 10.64 ? 23  TYR A CD2 1 
ATOM   190  C  CE1 . TYR A 1 24  ? -12.226 -3.187  1.085   1.00 8.76  ? 23  TYR A CE1 1 
ATOM   191  C  CE2 . TYR A 1 24  ? -11.273 -5.280  1.860   1.00 9.82  ? 23  TYR A CE2 1 
ATOM   192  C  CZ  . TYR A 1 24  ? -12.206 -4.575  1.073   1.00 11.37 ? 23  TYR A CZ  1 
ATOM   193  O  OH  . TYR A 1 24  ? -13.073 -5.245  0.255   1.00 10.80 ? 23  TYR A OH  1 
ATOM   194  N  N   . VAL A 1 25  ? -6.724  -0.479  3.805   1.00 4.55  ? 24  VAL A N   1 
ATOM   195  C  CA  . VAL A 1 25  ? -5.878  0.209   4.753   1.00 5.53  ? 24  VAL A CA  1 
ATOM   196  C  C   . VAL A 1 25  ? -6.720  0.663   5.962   1.00 6.11  ? 24  VAL A C   1 
ATOM   197  O  O   . VAL A 1 25  ? -7.625  1.448   5.800   1.00 7.17  ? 24  VAL A O   1 
ATOM   198  C  CB  . VAL A 1 25  ? -5.141  1.409   4.081   1.00 6.59  ? 24  VAL A CB  1 
ATOM   199  C  CG1 . VAL A 1 25  ? -4.281  2.102   5.050   1.00 6.98  ? 24  VAL A CG1 1 
ATOM   200  C  CG2 . VAL A 1 25  ? -4.222  0.945   2.859   1.00 6.83  ? 24  VAL A CG2 1 
ATOM   201  N  N   . THR A 1 26  ? -6.394  0.214   7.165   1.00 6.60  ? 25  THR A N   1 
ATOM   202  C  CA  . THR A 1 26  ? -7.102  0.654   8.383   1.00 6.69  ? 25  THR A CA  1 
ATOM   203  C  C   . THR A 1 26  ? -6.456  1.853   9.055   1.00 6.24  ? 25  THR A C   1 
ATOM   204  O  O   . THR A 1 26  ? -7.155  2.625   9.715   1.00 7.01  ? 25  THR A O   1 
ATOM   205  C  CB  . THR A 1 26  ? -7.217  -0.523  9.422   1.00 6.63  ? 25  THR A CB  1 
ATOM   206  O  OG1 . THR A 1 26  ? -5.866  -1.054  9.662   1.00 7.37  ? 25  THR A OG1 1 
ATOM   207  C  CG2 . THR A 1 26  ? -8.017  -1.688  8.844   1.00 8.80  ? 25  THR A CG2 1 
ATOM   208  N  N   . HIS A 1 27  ? -5.143  2.004   8.899   1.00 5.73  ? 26  HIS A N   1 
ATOM   209  C  CA  . HIS A 1 27  ? -4.333  3.110   9.523   1.00 7.01  ? 26  HIS A CA  1 
ATOM   210  C  C   . HIS A 1 27  ? -3.183  3.478   8.614   1.00 6.52  ? 26  HIS A C   1 
ATOM   211  O  O   . HIS A 1 27  ? -2.569  2.597   8.013   1.00 8.06  ? 26  HIS A O   1 
ATOM   212  C  CB  . HIS A 1 27  ? -3.713  2.661   10.848  1.00 6.40  ? 26  HIS A CB  1 
ATOM   213  C  CG  . HIS A 1 27  ? -4.700  2.138   11.853  1.00 7.96  ? 26  HIS A CG  1 
ATOM   214  N  ND1 . HIS A 1 27  ? -5.177  0.847   11.819  1.00 6.44  ? 26  HIS A ND1 1 
ATOM   215  C  CD2 . HIS A 1 27  ? -5.237  2.724   12.952  1.00 12.45 ? 26  HIS A CD2 1 
ATOM   216  C  CE1 . HIS A 1 27  ? -6.024  0.686   12.821  1.00 6.93  ? 26  HIS A CE1 1 
ATOM   217  N  NE2 . HIS A 1 27  ? -6.043  1.790   13.548  1.00 10.22 ? 26  HIS A NE2 1 
ATOM   218  N  N   . PHE A 1 28  ? -2.900  4.758   8.465   1.00 6.93  ? 27  PHE A N   1 
ATOM   219  C  CA  . PHE A 1 28  ? -1.744  5.183   7.673   1.00 5.56  ? 27  PHE A CA  1 
ATOM   220  C  C   . PHE A 1 28  ? -0.919  6.237   8.419   1.00 6.27  ? 27  PHE A C   1 
ATOM   221  O  O   . PHE A 1 28  ? -1.507  7.060   9.147   1.00 8.06  ? 27  PHE A O   1 
ATOM   222  C  CB  . PHE A 1 28  ? -2.163  5.622   6.268   1.00 6.65  ? 27  PHE A CB  1 
ATOM   223  C  CG  . PHE A 1 28  ? -2.968  6.964   6.194   1.00 5.10  ? 27  PHE A CG  1 
ATOM   224  C  CD1 . PHE A 1 28  ? -2.287  8.184   6.212   1.00 7.18  ? 27  PHE A CD1 1 
ATOM   225  C  CD2 . PHE A 1 28  ? -4.327  6.965   6.086   1.00 3.94  ? 27  PHE A CD2 1 
ATOM   226  C  CE1 . PHE A 1 28  ? -3.004  9.366   6.090   1.00 7.05  ? 27  PHE A CE1 1 
ATOM   227  C  CE2 . PHE A 1 28  ? -5.059  8.138   5.990   1.00 7.22  ? 27  PHE A CE2 1 
ATOM   228  C  CZ  . PHE A 1 28  ? -4.440  9.330   5.989   1.00 5.89  ? 27  PHE A CZ  1 
ATOM   229  N  N   . LEU A 1 29  ? 0.385   6.248   8.176   1.00 8.80  ? 28  LEU A N   1 
ATOM   230  C  CA  . LEU A 1 29  ? 1.310   7.265   8.727   1.00 9.13  ? 28  LEU A CA  1 
ATOM   231  C  C   . LEU A 1 29  ? 2.084   7.972   7.611   1.00 10.42 ? 28  LEU A C   1 
ATOM   232  O  O   . LEU A 1 29  ? 2.962   7.363   7.037   1.00 8.32  ? 28  LEU A O   1 
ATOM   233  C  CB  . LEU A 1 29  ? 2.302   6.606   9.683   1.00 9.87  ? 28  LEU A CB  1 
ATOM   234  C  CG  . LEU A 1 29  ? 2.936   7.397   10.849  1.00 14.50 ? 28  LEU A CG  1 
ATOM   235  C  CD1 . LEU A 1 29  ? 4.227   6.719   11.277  1.00 16.91 ? 28  LEU A CD1 1 
ATOM   236  C  CD2 . LEU A 1 29  ? 3.141   8.794   10.720  1.00 16.26 ? 28  LEU A CD2 1 
ATOM   237  N  N   . ASP A 1 30  ? 1.784   9.258   7.394   1.00 12.75 ? 29  ASP A N   1 
ATOM   238  C  CA  . ASP A 1 30  ? 2.261   10.027  6.225   1.00 15.96 ? 29  ASP A CA  1 
ATOM   239  C  C   . ASP A 1 30  ? 3.172   11.044  6.859   1.00 18.14 ? 29  ASP A C   1 
ATOM   240  O  O   . ASP A 1 30  ? 2.714   11.850  7.650   1.00 20.16 ? 29  ASP A O   1 
ATOM   241  C  CB  . ASP A 1 30  ? 1.069   10.694  5.461   1.00 14.68 ? 29  ASP A CB  1 
ATOM   242  C  CG  . ASP A 1 30  ? 1.469   11.379  4.181   1.00 18.00 ? 29  ASP A CG  1 
ATOM   243  O  OD1 . ASP A 1 30  ? 2.666   11.333  3.850   1.00 18.11 ? 29  ASP A OD1 1 
ATOM   244  O  OD2 . ASP A 1 30  ? 0.620   11.964  3.451   1.00 17.15 ? 29  ASP A OD2 1 
ATOM   245  N  N   . LYS A 1 31  ? 4.444   10.987  6.504   1.00 21.53 ? 30  LYS A N   1 
ATOM   246  C  CA  . LYS A 1 31  ? 5.496   11.752  7.165   1.00 23.67 ? 30  LYS A CA  1 
ATOM   247  C  C   . LYS A 1 31  ? 5.380   13.276  6.945   1.00 24.70 ? 30  LYS A C   1 
ATOM   248  O  O   . LYS A 1 31  ? 5.414   14.069  7.882   1.00 25.94 ? 30  LYS A O   1 
ATOM   249  C  CB  . LYS A 1 31  ? 6.827   11.276  6.618   1.00 23.60 ? 30  LYS A CB  1 
ATOM   250  C  CG  . LYS A 1 31  ? 8.028   11.773  7.367   1.00 24.74 ? 30  LYS A CG  1 
ATOM   251  C  CD  . LYS A 1 31  ? 9.318   11.562  6.546   1.00 25.91 ? 30  LYS A CD  1 
ATOM   252  C  CE  . LYS A 1 31  ? 9.732   10.122  6.457   1.00 27.85 ? 30  LYS A CE  1 
ATOM   253  N  NZ  . LYS A 1 31  ? 11.242  10.012  6.577   1.00 29.74 ? 30  LYS A NZ  1 
ATOM   254  N  N   . ASP A 1 32  ? 5.191   13.663  5.694   1.00 25.81 ? 31  ASP A N   1 
ATOM   255  C  CA  . ASP A 1 32  ? 5.191   15.058  5.295   1.00 26.99 ? 31  ASP A CA  1 
ATOM   256  C  C   . ASP A 1 32  ? 4.204   15.260  4.135   1.00 27.51 ? 31  ASP A C   1 
ATOM   257  O  O   . ASP A 1 32  ? 4.611   15.513  2.990   1.00 28.38 ? 31  ASP A O   1 
ATOM   258  C  CB  . ASP A 1 32  ? 6.618   15.446  4.868   1.00 27.83 ? 31  ASP A CB  1 
ATOM   259  C  CG  . ASP A 1 32  ? 6.750   16.912  4.550   1.00 29.91 ? 31  ASP A CG  1 
ATOM   260  O  OD1 . ASP A 1 32  ? 7.885   17.372  4.321   1.00 36.59 ? 31  ASP A OD1 1 
ATOM   261  O  OD2 . ASP A 1 32  ? 5.771   17.676  4.477   1.00 33.97 ? 31  ASP A OD2 1 
ATOM   262  N  N   . PRO A 1 33  ? 2.905   15.175  4.417   1.00 28.76 ? 32  PRO A N   1 
ATOM   263  C  CA  . PRO A 1 33  ? 1.896   15.264  3.350   1.00 29.25 ? 32  PRO A CA  1 
ATOM   264  C  C   . PRO A 1 33  ? 1.953   16.633  2.695   1.00 30.44 ? 32  PRO A C   1 
ATOM   265  O  O   . PRO A 1 33  ? 1.994   17.634  3.417   1.00 29.74 ? 32  PRO A O   1 
ATOM   266  C  CB  . PRO A 1 33  ? 0.567   15.098  4.083   1.00 29.17 ? 32  PRO A CB  1 
ATOM   267  C  CG  . PRO A 1 33  ? 0.860   15.290  5.520   1.00 28.52 ? 32  PRO A CG  1 
ATOM   268  C  CD  . PRO A 1 33  ? 2.298   15.064  5.759   1.00 28.97 ? 32  PRO A CD  1 
ATOM   269  N  N   . GLN A 1 34  ? 1.969   16.665  1.365   1.00 32.06 ? 33  GLN A N   1 
ATOM   270  C  CA  . GLN A 1 34  ? 1.915   17.943  0.618   1.00 33.00 ? 33  GLN A CA  1 
ATOM   271  C  C   . GLN A 1 34  ? 0.461   18.459  0.465   1.00 32.39 ? 33  GLN A C   1 
ATOM   272  O  O   . GLN A 1 34  ? 0.236   19.650  0.237   1.00 33.23 ? 33  GLN A O   1 
ATOM   273  C  CB  . GLN A 1 34  ? 2.668   17.812  -0.719  1.00 33.60 ? 33  GLN A CB  1 
ATOM   274  C  CG  . GLN A 1 34  ? 4.203   17.620  -0.478  1.00 36.33 ? 33  GLN A CG  1 
ATOM   275  C  CD  . GLN A 1 34  ? 5.003   17.077  -1.684  1.00 38.91 ? 33  GLN A CD  1 
ATOM   276  O  OE1 . GLN A 1 34  ? 4.667   17.337  -2.845  1.00 41.75 ? 33  GLN A OE1 1 
ATOM   277  N  NE2 . GLN A 1 34  ? 6.092   16.355  -1.395  1.00 41.50 ? 33  GLN A NE2 1 
ATOM   278  N  N   . VAL A 1 35  ? -0.524  17.572  0.631   1.00 31.41 ? 34  VAL A N   1 
ATOM   279  C  CA  . VAL A 1 35  ? -1.944  17.983  0.637   1.00 30.41 ? 34  VAL A CA  1 
ATOM   280  C  C   . VAL A 1 35  ? -2.591  17.677  1.993   1.00 28.94 ? 34  VAL A C   1 
ATOM   281  O  O   . VAL A 1 35  ? -2.037  16.908  2.792   1.00 29.27 ? 34  VAL A O   1 
ATOM   282  C  CB  . VAL A 1 35  ? -2.740  17.296  -0.478  1.00 30.81 ? 34  VAL A CB  1 
ATOM   283  C  CG1 . VAL A 1 35  ? -2.057  17.525  -1.810  1.00 32.31 ? 34  VAL A CG1 1 
ATOM   284  C  CG2 . VAL A 1 35  ? -2.918  15.782  -0.198  1.00 30.68 ? 34  VAL A CG2 1 
ATOM   285  N  N   . THR A 1 36  ? -3.737  18.285  2.291   1.00 26.17 ? 35  THR A N   1 
ATOM   286  C  CA  . THR A 1 36  ? -4.332  18.021  3.603   1.00 25.01 ? 35  THR A CA  1 
ATOM   287  C  C   . THR A 1 36  ? -5.488  17.040  3.472   1.00 23.07 ? 35  THR A C   1 
ATOM   288  O  O   . THR A 1 36  ? -6.015  16.538  4.473   1.00 22.95 ? 35  THR A O   1 
ATOM   289  C  CB  . THR A 1 36  ? -4.779  19.289  4.267   1.00 24.30 ? 35  THR A CB  1 
ATOM   290  O  OG1 . THR A 1 36  ? -5.658  19.988  3.378   1.00 26.53 ? 35  THR A OG1 1 
ATOM   291  C  CG2 . THR A 1 36  ? -3.575  20.219  4.517   1.00 25.16 ? 35  THR A CG2 1 
ATOM   292  N  N   . ASP A 1 37  ? -5.870  16.759  2.228   1.00 21.99 ? 36  ASP A N   1 
ATOM   293  C  CA  . ASP A 1 37  ? -6.931  15.815  1.956   1.00 20.53 ? 36  ASP A CA  1 
ATOM   294  C  C   . ASP A 1 37  ? -6.430  14.448  2.490   1.00 19.08 ? 36  ASP A C   1 
ATOM   295  O  O   . ASP A 1 37  ? -5.272  14.125  2.352   1.00 19.10 ? 36  ASP A O   1 
ATOM   296  C  CB  . ASP A 1 37  ? -7.225  15.746  0.453   1.00 20.26 ? 36  ASP A CB  1 
ATOM   297  C  CG  . ASP A 1 37  ? -8.009  16.940  -0.046  1.00 19.64 ? 36  ASP A CG  1 
ATOM   298  O  OD1 . ASP A 1 37  ? -8.119  17.064  -1.284  1.00 19.16 ? 36  ASP A OD1 1 
ATOM   299  O  OD2 . ASP A 1 37  ? -8.625  17.781  0.689   1.00 20.44 ? 36  ASP A OD2 1 
ATOM   300  N  N   . GLN A 1 38  ? -7.312  13.713  3.126   1.00 17.74 ? 37  GLN A N   1 
ATOM   301  C  CA  . GLN A 1 38  ? -7.016  12.352  3.630   1.00 16.15 ? 37  GLN A CA  1 
ATOM   302  C  C   . GLN A 1 38  ? -7.672  11.304  2.736   1.00 14.28 ? 37  GLN A C   1 
ATOM   303  O  O   . GLN A 1 38  ? -8.781  11.521  2.294   1.00 12.85 ? 37  GLN A O   1 
ATOM   304  C  CB  . GLN A 1 38  ? -7.518  12.224  5.067   1.00 17.72 ? 37  GLN A CB  1 
ATOM   305  C  CG  . GLN A 1 38  ? -6.628  13.043  6.026   1.00 21.78 ? 37  GLN A CG  1 
ATOM   306  C  CD  . GLN A 1 38  ? -7.209  13.203  7.389   1.00 26.63 ? 37  GLN A CD  1 
ATOM   307  O  OE1 . GLN A 1 38  ? -8.402  13.424  7.535   1.00 28.33 ? 37  GLN A OE1 1 
ATOM   308  N  NE2 . GLN A 1 38  ? -6.377  13.100  8.392   1.00 27.20 ? 37  GLN A NE2 1 
ATOM   309  N  N   . TYR A 1 39  ? -6.963  10.191  2.441   1.00 12.07 ? 38  TYR A N   1 
ATOM   310  C  CA  . TYR A 1 39  ? -7.483  9.151   1.568   1.00 10.58 ? 38  TYR A CA  1 
ATOM   311  C  C   . TYR A 1 39  ? -7.769  7.808   2.279   1.00 9.17  ? 38  TYR A C   1 
ATOM   312  O  O   . TYR A 1 39  ? -7.200  7.496   3.366   1.00 10.41 ? 38  TYR A O   1 
ATOM   313  C  CB  . TYR A 1 39  ? -6.467  8.869   0.446   1.00 10.16 ? 38  TYR A CB  1 
ATOM   314  C  CG  . TYR A 1 39  ? -6.355  9.969   -0.577  1.00 12.62 ? 38  TYR A CG  1 
ATOM   315  C  CD1 . TYR A 1 39  ? -5.655  11.165  -0.288  1.00 12.12 ? 38  TYR A CD1 1 
ATOM   316  C  CD2 . TYR A 1 39  ? -6.885  9.798   -1.833  1.00 7.89  ? 38  TYR A CD2 1 
ATOM   317  C  CE1 . TYR A 1 39  ? -5.543  12.158  -1.262  1.00 12.67 ? 38  TYR A CE1 1 
ATOM   318  C  CE2 . TYR A 1 39  ? -6.811  10.762  -2.813  1.00 12.87 ? 38  TYR A CE2 1 
ATOM   319  C  CZ  . TYR A 1 39  ? -6.164  11.977  -2.533  1.00 8.01  ? 38  TYR A CZ  1 
ATOM   320  O  OH  . TYR A 1 39  ? -6.102  12.896  -3.565  1.00 14.72 ? 38  TYR A OH  1 
ATOM   321  N  N   . CYS A 1 40  ? -8.617  7.002   1.634   1.00 8.68  ? 39  CYS A N   1 
ATOM   322  C  CA  . CYS A 1 40  ? -8.813  5.582   1.883   1.00 6.64  ? 39  CYS A CA  1 
ATOM   323  C  C   . CYS A 1 40  ? -8.139  4.849   0.683   1.00 7.52  ? 39  CYS A C   1 
ATOM   324  O  O   . CYS A 1 40  ? -8.063  5.395   -0.449  1.00 6.33  ? 39  CYS A O   1 
ATOM   325  C  CB  . CYS A 1 40  ? -10.287 5.236   2.089   1.00 8.09  ? 39  CYS A CB  1 
ATOM   326  S  SG  . CYS A 1 40  ? -11.153 6.361   3.214   1.00 8.27  ? 39  CYS A SG  1 
ATOM   327  N  N   . SER A 1 41  ? -7.691  3.608   0.901   1.00 5.61  ? 40  SER A N   1 
ATOM   328  C  CA  . SER A 1 41  ? -7.113  2.791   -0.130  1.00 6.06  ? 40  SER A CA  1 
ATOM   329  C  C   . SER A 1 41  ? -7.380  1.319   0.051   1.00 6.63  ? 40  SER A C   1 
ATOM   330  O  O   . SER A 1 41  ? -7.437  0.789   1.193   1.00 7.47  ? 40  SER A O   1 
ATOM   331  C  CB  . SER A 1 41  ? -5.612  3.040   -0.279  1.00 5.16  ? 40  SER A CB  1 
ATOM   332  O  OG  . SER A 1 41  ? -5.068  2.315   -1.349  1.00 7.45  ? 40  SER A OG  1 
ATOM   333  N  N   . SER A 1 42  ? -7.577  0.630   -1.070  1.00 6.92  ? 41  SER A N   1 
ATOM   334  C  CA  . SER A 1 42  ? -7.609  -0.852  -1.138  1.00 6.98  ? 41  SER A CA  1 
ATOM   335  C  C   . SER A 1 42  ? -6.828  -1.321  -2.369  1.00 6.49  ? 41  SER A C   1 
ATOM   336  O  O   . SER A 1 42  ? -6.810  -0.653  -3.438  1.00 6.02  ? 41  SER A O   1 
ATOM   337  C  CB  . SER A 1 42  ? -9.058  -1.317  -1.091  1.00 6.20  ? 41  SER A CB  1 
ATOM   338  O  OG  . SER A 1 42  ? -9.227  -2.722  -1.327  1.00 6.95  ? 41  SER A OG  1 
ATOM   339  N  N   . PHE A 1 43  ? -6.155  -2.457  -2.242  1.00 6.39  ? 42  PHE A N   1 
ATOM   340  C  CA  . PHE A 1 43  ? -5.445  -3.021  -3.400  1.00 6.20  ? 42  PHE A CA  1 
ATOM   341  C  C   . PHE A 1 43  ? -5.430  -4.553  -3.345  1.00 6.47  ? 42  PHE A C   1 
ATOM   342  O  O   . PHE A 1 43  ? -5.641  -5.190  -2.301  1.00 5.69  ? 42  PHE A O   1 
ATOM   343  C  CB  . PHE A 1 43  ? -4.057  -2.417  -3.553  1.00 7.52  ? 42  PHE A CB  1 
ATOM   344  C  CG  . PHE A 1 43  ? -3.106  -2.805  -2.466  1.00 6.95  ? 42  PHE A CG  1 
ATOM   345  C  CD1 . PHE A 1 43  ? -3.179  -2.241  -1.189  1.00 8.57  ? 42  PHE A CD1 1 
ATOM   346  C  CD2 . PHE A 1 43  ? -2.049  -3.639  -2.769  1.00 9.10  ? 42  PHE A CD2 1 
ATOM   347  C  CE1 . PHE A 1 43  ? -2.288  -2.618  -0.211  1.00 10.46 ? 42  PHE A CE1 1 
ATOM   348  C  CE2 . PHE A 1 43  ? -1.174  -4.006  -1.784  1.00 10.04 ? 42  PHE A CE2 1 
ATOM   349  C  CZ  . PHE A 1 43  ? -1.321  -3.505  -0.506  1.00 9.56  ? 42  PHE A CZ  1 
ATOM   350  N  N   . THR A 1 44  ? -5.205  -5.153  -4.502  1.00 7.92  ? 43  THR A N   1 
ATOM   351  C  CA  . THR A 1 44  ? -5.205  -6.613  -4.644  1.00 9.17  ? 43  THR A CA  1 
ATOM   352  C  C   . THR A 1 44  ? -3.882  -7.141  -5.260  1.00 9.65  ? 43  THR A C   1 
ATOM   353  O  O   . THR A 1 44  ? -3.761  -7.129  -6.501  1.00 11.43 ? 43  THR A O   1 
ATOM   354  C  CB  . THR A 1 44  ? -6.386  -7.017  -5.512  1.00 10.32 ? 43  THR A CB  1 
ATOM   355  O  OG1 . THR A 1 44  ? -7.596  -6.516  -4.930  1.00 9.93  ? 43  THR A OG1 1 
ATOM   356  C  CG2 . THR A 1 44  ? -6.528  -8.589  -5.635  1.00 11.29 ? 43  THR A CG2 1 
ATOM   357  N  N   . PRO A 1 45  ? -2.894  -7.531  -4.433  1.00 10.65 ? 44  PRO A N   1 
ATOM   358  C  CA  . PRO A 1 45  ? -1.570  -7.922  -4.951  1.00 10.43 ? 44  PRO A CA  1 
ATOM   359  C  C   . PRO A 1 45  ? -1.446  -9.435  -5.312  1.00 11.43 ? 44  PRO A C   1 
ATOM   360  O  O   . PRO A 1 45  ? -1.717  -10.330 -4.531  1.00 11.38 ? 44  PRO A O   1 
ATOM   361  C  CB  . PRO A 1 45  ? -0.642  -7.579  -3.791  1.00 10.07 ? 44  PRO A CB  1 
ATOM   362  C  CG  . PRO A 1 45  ? -1.463  -7.910  -2.572  1.00 10.74 ? 44  PRO A CG  1 
ATOM   363  C  CD  . PRO A 1 45  ? -2.865  -7.512  -2.975  1.00 8.43  ? 44  PRO A CD  1 
ATOM   364  N  N   . ARG A 1 46  ? -0.962  -9.681  -6.519  1.00 11.92 ? 45  ARG A N   1 
ATOM   365  C  CA  . ARG A 1 46  ? -0.691  -11.066 -6.985  1.00 13.49 ? 45  ARG A CA  1 
ATOM   366  C  C   . ARG A 1 46  ? 0.762   -11.164 -7.471  1.00 13.34 ? 45  ARG A C   1 
ATOM   367  O  O   . ARG A 1 46  ? 1.360   -10.178 -7.925  1.00 13.48 ? 45  ARG A O   1 
ATOM   368  C  CB  . ARG A 1 46  ? -1.677  -11.467 -8.062  1.00 13.99 ? 45  ARG A CB  1 
ATOM   369  C  CG  . ARG A 1 46  ? -3.147  -11.541 -7.675  1.00 15.22 ? 45  ARG A CG  1 
ATOM   370  C  CD  . ARG A 1 46  ? -3.450  -12.597 -6.586  1.00 18.99 ? 45  ARG A CD  1 
ATOM   371  N  NE  . ARG A 1 46  ? -4.843  -12.632 -6.141  1.00 18.10 ? 45  ARG A NE  1 
ATOM   372  C  CZ  . ARG A 1 46  ? -5.303  -12.067 -5.001  1.00 17.94 ? 45  ARG A CZ  1 
ATOM   373  N  NH1 . ARG A 1 46  ? -4.493  -11.432 -4.181  1.00 15.79 ? 45  ARG A NH1 1 
ATOM   374  N  NH2 . ARG A 1 46  ? -6.582  -12.143 -4.672  1.00 17.46 ? 45  ARG A NH2 1 
ATOM   375  N  N   . GLU A 1 47  ? 1.346   -12.365 -7.389  1.00 15.27 ? 46  GLU A N   1 
ATOM   376  C  CA  . GLU A 1 47  ? 2.726   -12.591 -7.791  1.00 15.71 ? 46  GLU A CA  1 
ATOM   377  C  C   . GLU A 1 47  ? 2.846   -13.886 -8.612  1.00 16.21 ? 46  GLU A C   1 
ATOM   378  O  O   . GLU A 1 47  ? 2.080   -14.850 -8.384  1.00 16.65 ? 46  GLU A O   1 
ATOM   379  C  CB  . GLU A 1 47  ? 3.609   -12.722 -6.565  1.00 16.69 ? 46  GLU A CB  1 
ATOM   380  C  CG  . GLU A 1 47  ? 5.064   -12.909 -6.891  1.00 17.55 ? 46  GLU A CG  1 
ATOM   381  C  CD  . GLU A 1 47  ? 5.540   -14.354 -6.942  1.00 16.37 ? 46  GLU A CD  1 
ATOM   382  O  OE1 . GLU A 1 47  ? 4.867   -15.255 -6.439  1.00 18.17 ? 46  GLU A OE1 1 
ATOM   383  O  OE2 . GLU A 1 47  ? 6.650   -14.527 -7.469  1.00 18.41 ? 46  GLU A OE2 1 
ATOM   384  N  N   . SER A 1 48  ? 3.789   -13.880 -9.555  1.00 15.93 ? 47  SER A N   1 
ATOM   385  C  CA  . SER A 1 48  ? 4.062   -15.039 -10.436 1.00 16.15 ? 47  SER A CA  1 
ATOM   386  C  C   . SER A 1 48  ? 5.451   -14.933 -11.080 1.00 16.23 ? 47  SER A C   1 
ATOM   387  O  O   . SER A 1 48  ? 5.697   -14.042 -11.882 1.00 16.97 ? 47  SER A O   1 
ATOM   388  C  CB  . SER A 1 48  ? 3.017   -15.175 -11.539 1.00 17.34 ? 47  SER A CB  1 
ATOM   389  O  OG  . SER A 1 48  ? 3.462   -16.062 -12.566 1.00 19.54 ? 47  SER A OG  1 
ATOM   390  N  N   . ASP A 1 49  ? 6.329   -15.857 -10.689 1.00 15.61 ? 48  ASP A N   1 
ATOM   391  C  CA  . ASP A 1 49  ? 7.732   -15.903 -11.101 1.00 16.41 ? 48  ASP A CA  1 
ATOM   392  C  C   . ASP A 1 49  ? 8.510   -14.620 -10.818 1.00 15.88 ? 48  ASP A C   1 
ATOM   393  O  O   . ASP A 1 49  ? 9.364   -14.202 -11.626 1.00 17.25 ? 48  ASP A O   1 
ATOM   394  C  CB  . ASP A 1 49  ? 7.917   -16.323 -12.553 1.00 15.29 ? 48  ASP A CB  1 
ATOM   395  C  CG  . ASP A 1 49  ? 7.257   -17.651 -12.862 1.00 17.52 ? 48  ASP A CG  1 
ATOM   396  O  OD1 . ASP A 1 49  ? 7.240   -18.519 -11.950 1.00 18.61 ? 48  ASP A OD1 1 
ATOM   397  O  OD2 . ASP A 1 49  ? 6.712   -17.892 -13.958 1.00 19.51 ? 48  ASP A OD2 1 
ATOM   398  N  N   . GLY A 1 50  ? 8.225   -14.045 -9.649  1.00 14.89 ? 49  GLY A N   1 
ATOM   399  C  CA  . GLY A 1 50  ? 8.959   -12.908 -9.179  1.00 16.64 ? 49  GLY A CA  1 
ATOM   400  C  C   . GLY A 1 50  ? 8.458   -11.583 -9.750  1.00 16.96 ? 49  GLY A C   1 
ATOM   401  O  O   . GLY A 1 50  ? 9.141   -10.568 -9.536  1.00 18.33 ? 49  GLY A O   1 
ATOM   402  N  N   . THR A 1 51  ? 7.340   -11.588 -10.489 1.00 16.66 ? 50  THR A N   1 
ATOM   403  C  CA  . THR A 1 51  ? 6.715   -10.359 -11.000 1.00 17.61 ? 50  THR A CA  1 
ATOM   404  C  C   . THR A 1 51  ? 5.383   -10.148 -10.272 1.00 16.64 ? 50  THR A C   1 
ATOM   405  O  O   . THR A 1 51  ? 4.556   -11.050 -10.204 1.00 17.22 ? 50  THR A O   1 
ATOM   406  C  CB  . THR A 1 51  ? 6.502   -10.410 -12.539 1.00 17.21 ? 50  THR A CB  1 
ATOM   407  O  OG1 . THR A 1 51  ? 7.780   -10.556 -13.225 1.00 19.34 ? 50  THR A OG1 1 
ATOM   408  C  CG2 . THR A 1 51  ? 5.878   -9.097  -13.063 1.00 18.47 ? 50  THR A CG2 1 
ATOM   409  N  N   . VAL A 1 52  ? 5.238   -8.971  -9.665  1.00 15.52 ? 51  VAL A N   1 
ATOM   410  C  CA  . VAL A 1 52  ? 4.048   -8.527  -8.996  1.00 15.25 ? 51  VAL A CA  1 
ATOM   411  C  C   . VAL A 1 52  ? 3.202   -7.637  -9.910  1.00 14.28 ? 51  VAL A C   1 
ATOM   412  O  O   . VAL A 1 52  ? 3.741   -6.746  -10.589 1.00 14.98 ? 51  VAL A O   1 
ATOM   413  C  CB  . VAL A 1 52  ? 4.411   -7.733  -7.703  1.00 13.77 ? 51  VAL A CB  1 
ATOM   414  C  CG1 . VAL A 1 52  ? 3.122   -7.143  -6.964  1.00 15.08 ? 51  VAL A CG1 1 
ATOM   415  C  CG2 . VAL A 1 52  ? 5.198   -8.616  -6.790  1.00 15.66 ? 51  VAL A CG2 1 
ATOM   416  N  N   . LYS A 1 53  ? 1.903   -7.938  -9.948  1.00 13.65 ? 52  LYS A N   1 
ATOM   417  C  CA  . LYS A 1 53  ? 0.873   -7.061  -10.579 1.00 13.56 ? 52  LYS A CA  1 
ATOM   418  C  C   . LYS A 1 53  ? -0.188  -6.798  -9.521  1.00 11.07 ? 52  LYS A C   1 
ATOM   419  O  O   . LYS A 1 53  ? -0.544  -7.690  -8.811  1.00 12.13 ? 52  LYS A O   1 
ATOM   420  C  CB  . LYS A 1 53  ? 0.278   -7.681  -11.824 1.00 15.41 ? 52  LYS A CB  1 
ATOM   421  C  CG  . LYS A 1 53  ? -0.220  -6.635  -12.797 1.00 20.63 ? 52  LYS A CG  1 
ATOM   422  C  CD  . LYS A 1 53  ? 0.781   -6.226  -13.831 1.00 26.93 ? 52  LYS A CD  1 
ATOM   423  C  CE  . LYS A 1 53  ? 0.935   -7.340  -14.880 1.00 29.56 ? 52  LYS A CE  1 
ATOM   424  N  NZ  . LYS A 1 53  ? 1.858   -8.441  -14.404 1.00 31.20 ? 52  LYS A NZ  1 
ATOM   425  N  N   . GLU A 1 54  ? -0.640  -5.558  -9.365  1.00 10.42 ? 53  GLU A N   1 
ATOM   426  C  CA  . GLU A 1 54  ? -1.660  -5.224  -8.349  1.00 9.25  ? 53  GLU A CA  1 
ATOM   427  C  C   . GLU A 1 54  ? -2.563  -4.080  -8.819  1.00 8.11  ? 53  GLU A C   1 
ATOM   428  O  O   . GLU A 1 54  ? -2.127  -3.052  -9.279  1.00 10.22 ? 53  GLU A O   1 
ATOM   429  C  CB  . GLU A 1 54  ? -1.025  -4.869  -6.996  1.00 9.23  ? 53  GLU A CB  1 
ATOM   430  C  CG  . GLU A 1 54  ? 0.052   -3.826  -7.010  1.00 9.14  ? 53  GLU A CG  1 
ATOM   431  C  CD  . GLU A 1 54  ? 0.959   -3.769  -5.753  1.00 10.32 ? 53  GLU A CD  1 
ATOM   432  O  OE1 . GLU A 1 54  ? 0.997   -4.764  -4.982  1.00 12.11 ? 53  GLU A OE1 1 
ATOM   433  O  OE2 . GLU A 1 54  ? 1.662   -2.770  -5.526  1.00 8.27  ? 53  GLU A OE2 1 
ATOM   434  N  N   . ALA A 1 55  ? -3.876  -4.322  -8.748  1.00 8.97  ? 54  ALA A N   1 
ATOM   435  C  CA  . ALA A 1 55  ? -4.853  -3.267  -8.959  1.00 8.68  ? 54  ALA A CA  1 
ATOM   436  C  C   . ALA A 1 55  ? -4.892  -2.400  -7.674  1.00 8.15  ? 54  ALA A C   1 
ATOM   437  O  O   . ALA A 1 55  ? -5.074  -2.918  -6.578  1.00 8.42  ? 54  ALA A O   1 
ATOM   438  C  CB  . ALA A 1 55  ? -6.199  -3.849  -9.215  1.00 10.50 ? 54  ALA A CB  1 
ATOM   439  N  N   . LEU A 1 56  ? -4.854  -1.081  -7.847  1.00 7.23  ? 55  LEU A N   1 
ATOM   440  C  CA  . LEU A 1 56  ? -4.646  -0.120  -6.771  1.00 7.84  ? 55  LEU A CA  1 
ATOM   441  C  C   . LEU A 1 56  ? -5.816  0.940   -6.822  1.00 7.84  ? 55  LEU A C   1 
ATOM   442  O  O   . LEU A 1 56  ? -6.128  1.484   -7.892  1.00 7.32  ? 55  LEU A O   1 
ATOM   443  C  CB  . LEU A 1 56  ? -3.263  0.522   -6.958  1.00 10.16 ? 55  LEU A CB  1 
ATOM   444  C  CG  . LEU A 1 56  ? -2.978  1.618   -5.988  1.00 10.52 ? 55  LEU A CG  1 
ATOM   445  C  CD1 . LEU A 1 56  ? -3.028  1.096   -4.556  1.00 11.40 ? 55  LEU A CD1 1 
ATOM   446  C  CD2 . LEU A 1 56  ? -1.656  2.340   -6.265  1.00 12.70 ? 55  LEU A CD2 1 
ATOM   447  N  N   . TYR A 1 57  ? -6.421  1.266   -5.656  1.00 6.59  ? 56  TYR A N   1 
ATOM   448  C  CA  . TYR A 1 57  ? -7.573  2.180   -5.581  1.00 6.05  ? 56  TYR A CA  1 
ATOM   449  C  C   . TYR A 1 57  ? -7.390  3.227   -4.455  1.00 7.04  ? 56  TYR A C   1 
ATOM   450  O  O   . TYR A 1 57  ? -6.972  2.885   -3.323  1.00 7.59  ? 56  TYR A O   1 
ATOM   451  C  CB  . TYR A 1 57  ? -8.869  1.371   -5.343  1.00 5.87  ? 56  TYR A CB  1 
ATOM   452  C  CG  . TYR A 1 57  ? -10.087 2.176   -4.926  1.00 6.14  ? 56  TYR A CG  1 
ATOM   453  C  CD1 . TYR A 1 57  ? -11.026 2.581   -5.873  1.00 9.03  ? 56  TYR A CD1 1 
ATOM   454  C  CD2 . TYR A 1 57  ? -10.333 2.520   -3.599  1.00 9.57  ? 56  TYR A CD2 1 
ATOM   455  C  CE1 . TYR A 1 57  ? -12.138 3.326   -5.524  1.00 12.81 ? 56  TYR A CE1 1 
ATOM   456  C  CE2 . TYR A 1 57  ? -11.495 3.261   -3.252  1.00 9.53  ? 56  TYR A CE2 1 
ATOM   457  C  CZ  . TYR A 1 57  ? -12.384 3.642   -4.229  1.00 10.95 ? 56  TYR A CZ  1 
ATOM   458  O  OH  . TYR A 1 57  ? -13.508 4.350   -3.968  1.00 10.88 ? 56  TYR A OH  1 
ATOM   459  N  N   . HIS A 1 58  ? -7.625  4.500   -4.760  1.00 5.02  ? 57  HIS A N   1 
ATOM   460  C  CA  . HIS A 1 58  ? -7.547  5.593   -3.772  1.00 6.57  ? 57  HIS A CA  1 
ATOM   461  C  C   . HIS A 1 58  ? -8.929  6.294   -3.787  1.00 6.30  ? 57  HIS A C   1 
ATOM   462  O  O   . HIS A 1 58  ? -9.430  6.608   -4.863  1.00 6.06  ? 57  HIS A O   1 
ATOM   463  C  CB  . HIS A 1 58  ? -6.485  6.652   -4.152  1.00 6.90  ? 57  HIS A CB  1 
ATOM   464  C  CG  . HIS A 1 58  ? -5.059  6.276   -3.879  1.00 4.82  ? 57  HIS A CG  1 
ATOM   465  N  ND1 . HIS A 1 58  ? -4.420  5.352   -4.644  1.00 4.18  ? 57  HIS A ND1 1 
ATOM   466  C  CD2 . HIS A 1 58  ? -4.129  6.775   -3.015  1.00 6.29  ? 57  HIS A CD2 1 
ATOM   467  C  CE1 . HIS A 1 58  ? -3.144  5.270   -4.238  1.00 4.97  ? 57  HIS A CE1 1 
ATOM   468  N  NE2 . HIS A 1 58  ? -2.945  6.129   -3.259  1.00 6.54  ? 57  HIS A NE2 1 
ATOM   469  N  N   . TYR A 1 59  ? -9.467  6.621   -2.604  1.00 6.90  ? 58  TYR A N   1 
ATOM   470  C  CA  . TYR A 1 59  ? -10.658 7.469   -2.416  1.00 5.99  ? 58  TYR A CA  1 
ATOM   471  C  C   . TYR A 1 59  ? -10.248 8.703   -1.603  1.00 6.73  ? 58  TYR A C   1 
ATOM   472  O  O   . TYR A 1 59  ? -9.715  8.588   -0.477  1.00 7.44  ? 58  TYR A O   1 
ATOM   473  C  CB  . TYR A 1 59  ? -11.763 6.705   -1.707  1.00 6.05  ? 58  TYR A CB  1 
ATOM   474  C  CG  . TYR A 1 59  ? -13.005 7.486   -1.315  1.00 7.44  ? 58  TYR A CG  1 
ATOM   475  C  CD1 . TYR A 1 59  ? -13.984 7.745   -2.241  1.00 7.51  ? 58  TYR A CD1 1 
ATOM   476  C  CD2 . TYR A 1 59  ? -13.194 7.906   -0.015  1.00 10.11 ? 58  TYR A CD2 1 
ATOM   477  C  CE1 . TYR A 1 59  ? -15.170 8.454   -1.882  1.00 7.93  ? 58  TYR A CE1 1 
ATOM   478  C  CE2 . TYR A 1 59  ? -14.394 8.575   0.376   1.00 13.80 ? 58  TYR A CE2 1 
ATOM   479  C  CZ  . TYR A 1 59  ? -15.349 8.848   -0.566  1.00 13.50 ? 58  TYR A CZ  1 
ATOM   480  O  OH  . TYR A 1 59  ? -16.499 9.525   -0.173  1.00 13.05 ? 58  TYR A OH  1 
ATOM   481  N  N   . ASN A 1 60  ? -10.487 9.891   -2.150  1.00 7.93  ? 59  ASN A N   1 
ATOM   482  C  CA  . ASN A 1 60  ? -10.278 11.179  -1.455  1.00 8.41  ? 59  ASN A CA  1 
ATOM   483  C  C   . ASN A 1 60  ? -11.460 11.470  -0.522  1.00 10.06 ? 59  ASN A C   1 
ATOM   484  O  O   . ASN A 1 60  ? -12.535 11.735  -0.985  1.00 7.92  ? 59  ASN A O   1 
ATOM   485  C  CB  . ASN A 1 60  ? -10.123 12.288  -2.496  1.00 8.88  ? 59  ASN A CB  1 
ATOM   486  C  CG  . ASN A 1 60  ? -9.743  13.583  -1.914  1.00 7.72  ? 59  ASN A CG  1 
ATOM   487  O  OD1 . ASN A 1 60  ? -10.250 13.989  -0.828  1.00 9.84  ? 59  ASN A OD1 1 
ATOM   488  N  ND2 . ASN A 1 60  ? -8.832  14.281  -2.604  1.00 13.60 ? 59  ASN A ND2 1 
ATOM   489  N  N   . ALA A 1 61  ? -11.263 11.361  0.785   1.00 11.35 ? 60  ALA A N   1 
ATOM   490  C  CA  . ALA A 1 61  ? -12.399 11.432  1.709   1.00 12.14 ? 60  ALA A CA  1 
ATOM   491  C  C   . ALA A 1 61  ? -12.957 12.839  1.846   1.00 12.13 ? 60  ALA A C   1 
ATOM   492  O  O   . ALA A 1 61  ? -14.150 12.993  2.172   1.00 13.56 ? 60  ALA A O   1 
ATOM   493  C  CB  . ALA A 1 61  ? -12.005 10.852  3.033   1.00 13.19 ? 60  ALA A CB  1 
ATOM   494  N  N   . ASN A 1 62  ? -12.141 13.844  1.539   1.00 13.02 ? 61  ASN A N   1 
ATOM   495  C  CA  . ASN A 1 62  ? -12.619 15.233  1.535   1.00 13.19 ? 61  ASN A CA  1 
ATOM   496  C  C   . ASN A 1 62  ? -13.400 15.591  0.272   1.00 12.55 ? 61  ASN A C   1 
ATOM   497  O  O   . ASN A 1 62  ? -14.476 16.156  0.350   1.00 12.24 ? 61  ASN A O   1 
ATOM   498  C  CB  . ASN A 1 62  ? -11.457 16.191  1.659   1.00 14.08 ? 61  ASN A CB  1 
ATOM   499  C  CG  . ASN A 1 62  ? -10.675 15.993  2.966   1.00 19.28 ? 61  ASN A CG  1 
ATOM   500  O  OD1 . ASN A 1 62  ? -10.018 14.941  3.186   1.00 20.17 ? 61  ASN A OD1 1 
ATOM   501  N  ND2 . ASN A 1 62  ? -10.766 16.990  3.866   1.00 25.70 ? 61  ASN A ND2 1 
ATOM   502  N  N   . LYS A 1 63  ? -12.839 15.314  -0.895  1.00 11.61 ? 62  LYS A N   1 
ATOM   503  C  CA  . LYS A 1 63  ? -13.534 15.597  -2.166  1.00 12.24 ? 62  LYS A CA  1 
ATOM   504  C  C   . LYS A 1 63  ? -14.556 14.528  -2.623  1.00 9.62  ? 62  LYS A C   1 
ATOM   505  O  O   . LYS A 1 63  ? -15.416 14.778  -3.487  1.00 11.90 ? 62  LYS A O   1 
ATOM   506  C  CB  . LYS A 1 63  ? -12.546 15.755  -3.313  1.00 12.04 ? 62  LYS A CB  1 
ATOM   507  C  CG  . LYS A 1 63  ? -11.408 16.784  -3.206  1.00 16.10 ? 62  LYS A CG  1 
ATOM   508  C  CD  . LYS A 1 63  ? -11.858 18.063  -2.616  1.00 22.45 ? 62  LYS A CD  1 
ATOM   509  C  CE  . LYS A 1 63  ? -10.945 19.208  -2.955  1.00 24.02 ? 62  LYS A CE  1 
ATOM   510  N  NZ  . LYS A 1 63  ? -9.716  19.129  -2.106  1.00 27.14 ? 62  LYS A NZ  1 
ATOM   511  N  N   . LYS A 1 64  ? -14.408 13.314  -2.090  1.00 10.52 ? 63  LYS A N   1 
ATOM   512  C  CA  . LYS A 1 64  ? -15.310 12.184  -2.371  1.00 10.08 ? 63  LYS A CA  1 
ATOM   513  C  C   . LYS A 1 64  ? -15.215 11.739  -3.838  1.00 10.81 ? 63  LYS A C   1 
ATOM   514  O  O   . LYS A 1 64  ? -16.214 11.446  -4.514  1.00 14.49 ? 63  LYS A O   1 
ATOM   515  C  CB  . LYS A 1 64  ? -16.743 12.489  -1.860  1.00 10.96 ? 63  LYS A CB  1 
ATOM   516  C  CG  . LYS A 1 64  ? -16.745 12.842  -0.358  1.00 13.02 ? 63  LYS A CG  1 
ATOM   517  C  CD  . LYS A 1 64  ? -18.119 12.880  0.252   1.00 13.37 ? 63  LYS A CD  1 
ATOM   518  C  CE  . LYS A 1 64  ? -18.178 13.263  1.772   1.00 16.68 ? 63  LYS A CE  1 
ATOM   519  N  NZ  . LYS A 1 64  ? -17.347 14.422  2.250   1.00 21.59 ? 63  LYS A NZ  1 
ATOM   520  N  N   . THR A 1 65  ? -13.963 11.700  -4.296  1.00 11.61 ? 64  THR A N   1 
ATOM   521  C  CA  . THR A 1 65  ? -13.597 11.262  -5.653  1.00 10.30 ? 64  THR A CA  1 
ATOM   522  C  C   . THR A 1 65  ? -12.648 10.091  -5.553  1.00 9.73  ? 64  THR A C   1 
ATOM   523  O  O   . THR A 1 65  ? -11.995 9.933   -4.536  1.00 9.39  ? 64  THR A O   1 
ATOM   524  C  CB  . THR A 1 65  ? -12.860 12.389  -6.396  1.00 12.20 ? 64  THR A CB  1 
ATOM   525  O  OG1 . THR A 1 65  ? -11.775 12.855  -5.568  1.00 11.75 ? 64  THR A OG1 1 
ATOM   526  C  CG2 . THR A 1 65  ? -13.773 13.581  -6.669  1.00 12.35 ? 64  THR A CG2 1 
ATOM   527  N  N   . SER A 1 66  ? -12.567 9.249   -6.590  1.00 7.33  ? 65  SER A N   1 
ATOM   528  C  CA  . SER A 1 66  ? -11.580 8.158   -6.555  1.00 7.29  ? 65  SER A CA  1 
ATOM   529  C  C   . SER A 1 66  ? -10.737 8.072   -7.820  1.00 6.29  ? 65  SER A C   1 
ATOM   530  O  O   . SER A 1 66  ? -11.178 8.444   -8.934  1.00 6.80  ? 65  SER A O   1 
ATOM   531  C  CB  . SER A 1 66  ? -12.222 6.784   -6.381  1.00 9.18  ? 65  SER A CB  1 
ATOM   532  O  OG  A SER A 1 66  ? -13.448 6.742   -7.099  0.50 7.88  ? 65  SER A OG  1 
ATOM   533  O  OG  B SER A 1 66  ? -13.484 6.766   -5.705  0.50 6.69  ? 65  SER A OG  1 
ATOM   534  N  N   . PHE A 1 67  ? -9.500  7.599   -7.662  1.00 5.41  ? 66  PHE A N   1 
ATOM   535  C  CA  . PHE A 1 67  ? -8.619  7.366   -8.796  1.00 6.96  ? 66  PHE A CA  1 
ATOM   536  C  C   . PHE A 1 67  ? -8.013  5.934   -8.726  1.00 7.78  ? 66  PHE A C   1 
ATOM   537  O  O   . PHE A 1 67  ? -8.061  5.278   -7.680  1.00 7.36  ? 66  PHE A O   1 
ATOM   538  C  CB  . PHE A 1 67  ? -7.548  8.485   -8.973  1.00 7.31  ? 66  PHE A CB  1 
ATOM   539  C  CG  . PHE A 1 67  ? -6.457  8.542   -7.942  1.00 8.39  ? 66  PHE A CG  1 
ATOM   540  C  CD1 . PHE A 1 67  ? -5.359  7.650   -7.991  1.00 9.38  ? 66  PHE A CD1 1 
ATOM   541  C  CD2 . PHE A 1 67  ? -6.468  9.527   -6.924  1.00 7.05  ? 66  PHE A CD2 1 
ATOM   542  C  CE1 . PHE A 1 67  ? -4.323  7.779   -7.079  1.00 11.07 ? 66  PHE A CE1 1 
ATOM   543  C  CE2 . PHE A 1 67  ? -5.425  9.616   -5.991  1.00 8.02  ? 66  PHE A CE2 1 
ATOM   544  C  CZ  . PHE A 1 67  ? -4.381  8.711   -6.077  1.00 6.92  ? 66  PHE A CZ  1 
ATOM   545  N  N   . TYR A 1 68  ? -7.478  5.476   -9.855  1.00 6.44  ? 67  TYR A N   1 
ATOM   546  C  CA  . TYR A 1 68  ? -7.183  4.064   -10.136 1.00 7.21  ? 67  TYR A CA  1 
ATOM   547  C  C   . TYR A 1 68  ? -5.862  3.846   -10.823 1.00 8.29  ? 67  TYR A C   1 
ATOM   548  O  O   . TYR A 1 68  ? -5.526  4.585   -11.739 1.00 8.84  ? 67  TYR A O   1 
ATOM   549  C  CB  . TYR A 1 68  ? -8.272  3.420   -11.006 1.00 7.49  ? 67  TYR A CB  1 
ATOM   550  C  CG  . TYR A 1 68  ? -9.687  3.757   -10.602 1.00 5.84  ? 67  TYR A CG  1 
ATOM   551  C  CD1 . TYR A 1 68  ? -10.275 4.887   -11.107 1.00 9.78  ? 67  TYR A CD1 1 
ATOM   552  C  CD2 . TYR A 1 68  ? -10.442 2.935   -9.764  1.00 9.01  ? 67  TYR A CD2 1 
ATOM   553  C  CE1 . TYR A 1 68  ? -11.541 5.220   -10.791 1.00 10.50 ? 67  TYR A CE1 1 
ATOM   554  C  CE2 . TYR A 1 68  ? -11.796 3.316   -9.434  1.00 11.85 ? 67  TYR A CE2 1 
ATOM   555  C  CZ  . TYR A 1 68  ? -12.292 4.446   -9.998  1.00 8.38  ? 67  TYR A CZ  1 
ATOM   556  O  OH  . TYR A 1 68  ? -13.619 4.873   -9.735  1.00 16.76 ? 67  TYR A OH  1 
ATOM   557  N  N   . ASN A 1 69  ? -5.135  2.799   -10.454 1.00 7.32  ? 68  ASN A N   1 
ATOM   558  C  CA  . ASN A 1 69  ? -3.792  2.493   -11.041 1.00 7.02  ? 68  ASN A CA  1 
ATOM   559  C  C   . ASN A 1 69  ? -3.589  0.978   -11.083 1.00 6.42  ? 68  ASN A C   1 
ATOM   560  O  O   . ASN A 1 69  ? -4.274  0.216   -10.350 1.00 5.27  ? 68  ASN A O   1 
ATOM   561  C  CB  . ASN A 1 69  ? -2.672  3.126   -10.214 1.00 6.42  ? 68  ASN A CB  1 
ATOM   562  C  CG  . ASN A 1 69  ? -2.794  4.646   -10.175 1.00 8.54  ? 68  ASN A CG  1 
ATOM   563  O  OD1 . ASN A 1 69  ? -3.416  5.212   -9.278  1.00 8.62  ? 68  ASN A OD1 1 
ATOM   564  N  ND2 . ASN A 1 69  ? -2.201  5.307   -11.171 1.00 9.66  ? 68  ASN A ND2 1 
ATOM   565  N  N   . ILE A 1 70  ? -2.634  0.540   -11.915 1.00 7.90  ? 69  ILE A N   1 
ATOM   566  C  CA  . ILE A 1 70  ? -2.176  -0.846  -11.869 1.00 8.63  ? 69  ILE A CA  1 
ATOM   567  C  C   . ILE A 1 70  ? -0.662  -0.815  -11.722 1.00 8.50  ? 69  ILE A C   1 
ATOM   568  O  O   . ILE A 1 70  ? 0.017   -0.242  -12.582 1.00 10.43 ? 69  ILE A O   1 
ATOM   569  C  CB  . ILE A 1 70  ? -2.475  -1.646  -13.155 1.00 8.37  ? 69  ILE A CB  1 
ATOM   570  C  CG1 . ILE A 1 70  ? -3.926  -1.533  -13.635 1.00 11.11 ? 69  ILE A CG1 1 
ATOM   571  C  CG2 . ILE A 1 70  ? -2.256  -3.082  -12.904 1.00 11.83 ? 69  ILE A CG2 1 
ATOM   572  C  CD1 . ILE A 1 70  ? -4.943  -1.960  -12.668 1.00 13.06 ? 69  ILE A CD1 1 
ATOM   573  N  N   . GLY A 1 71  ? -0.124  -1.488  -10.715 1.00 9.32  ? 70  GLY A N   1 
ATOM   574  C  CA  . GLY A 1 71  ? 1.332   -1.553  -10.575 1.00 9.27  ? 70  GLY A CA  1 
ATOM   575  C  C   . GLY A 1 71  ? 1.910   -2.867  -11.047 1.00 10.60 ? 70  GLY A C   1 
ATOM   576  O  O   . GLY A 1 71  ? 1.266   -3.892  -10.967 1.00 10.28 ? 70  GLY A O   1 
ATOM   577  N  N   . GLU A 1 72  ? 3.134   -2.782  -11.553 1.00 12.95 ? 71  GLU A N   1 
ATOM   578  C  CA  . GLU A 1 72  ? 3.973   -3.913  -11.911 1.00 13.64 ? 71  GLU A CA  1 
ATOM   579  C  C   . GLU A 1 72  ? 5.431   -3.723  -11.506 1.00 14.17 ? 71  GLU A C   1 
ATOM   580  O  O   . GLU A 1 72  ? 6.045   -2.720  -11.828 1.00 11.90 ? 71  GLU A O   1 
ATOM   581  C  CB  . GLU A 1 72  ? 3.926   -4.177  -13.401 1.00 15.98 ? 71  GLU A CB  1 
ATOM   582  C  CG  . GLU A 1 72  ? 4.415   -5.570  -13.744 1.00 20.48 ? 71  GLU A CG  1 
ATOM   583  C  CD  . GLU A 1 72  ? 4.290   -5.877  -15.210 1.00 27.14 ? 71  GLU A CD  1 
ATOM   584  O  OE1 . GLU A 1 72  ? 5.219   -6.515  -15.734 1.00 30.86 ? 71  GLU A OE1 1 
ATOM   585  O  OE2 . GLU A 1 72  ? 3.282   -5.457  -15.842 1.00 31.93 ? 71  GLU A OE2 1 
ATOM   586  N  N   . GLY A 1 73  ? 5.988   -4.718  -10.817 1.00 15.21 ? 72  GLY A N   1 
ATOM   587  C  CA  . GLY A 1 73  ? 7.413   -4.685  -10.516 1.00 16.46 ? 72  GLY A CA  1 
ATOM   588  C  C   . GLY A 1 73  ? 7.937   -6.076  -10.229 1.00 15.74 ? 72  GLY A C   1 
ATOM   589  O  O   . GLY A 1 73  ? 7.245   -7.063  -10.417 1.00 17.19 ? 72  GLY A O   1 
ATOM   590  N  N   . LYS A 1 74  ? 9.183   -6.117  -9.808  1.00 16.36 ? 73  LYS A N   1 
ATOM   591  C  CA  . LYS A 1 74  ? 9.926   -7.381  -9.682  1.00 16.77 ? 73  LYS A CA  1 
ATOM   592  C  C   . LYS A 1 74  ? 10.293  -7.481  -8.228  1.00 15.49 ? 73  LYS A C   1 
ATOM   593  O  O   . LYS A 1 74  ? 10.681  -6.511  -7.643  1.00 15.87 ? 73  LYS A O   1 
ATOM   594  C  CB  . LYS A 1 74  ? 11.204  -7.375  -10.506 1.00 17.97 ? 73  LYS A CB  1 
ATOM   595  C  CG  . LYS A 1 74  ? 11.028  -7.630  -12.004 1.00 23.23 ? 73  LYS A CG  1 
ATOM   596  C  CD  . LYS A 1 74  ? 11.264  -9.094  -12.360 1.00 28.42 ? 73  LYS A CD  1 
ATOM   597  C  CE  . LYS A 1 74  ? 10.915  -9.339  -13.838 1.00 32.21 ? 73  LYS A CE  1 
ATOM   598  N  NZ  . LYS A 1 74  ? 9.567   -8.714  -14.193 1.00 33.82 ? 73  LYS A NZ  1 
ATOM   599  N  N   . LEU A 1 75  ? 10.154  -8.649  -7.647  1.00 14.61 ? 74  LEU A N   1 
ATOM   600  C  CA  . LEU A 1 75  ? 10.629  -8.862  -6.269  1.00 13.58 ? 74  LEU A CA  1 
ATOM   601  C  C   . LEU A 1 75  ? 12.145  -8.741  -6.197  1.00 14.66 ? 74  LEU A C   1 
ATOM   602  O  O   . LEU A 1 75  ? 12.872  -9.169  -7.135  1.00 14.22 ? 74  LEU A O   1 
ATOM   603  C  CB  . LEU A 1 75  ? 10.232  -10.231 -5.750  1.00 13.14 ? 74  LEU A CB  1 
ATOM   604  C  CG  . LEU A 1 75  ? 8.773   -10.543 -5.305  1.00 13.18 ? 74  LEU A CG  1 
ATOM   605  C  CD1 . LEU A 1 75  ? 8.657   -11.959 -4.812  1.00 12.65 ? 74  LEU A CD1 1 
ATOM   606  C  CD2 . LEU A 1 75  ? 8.360   -9.606  -4.207  1.00 13.59 ? 74  LEU A CD2 1 
ATOM   607  N  N   . GLU A 1 76  ? 12.625  -8.115  -5.132  1.00 15.03 ? 75  GLU A N   1 
ATOM   608  C  CA  . GLU A 1 76  ? 14.065  -8.067  -4.875  1.00 15.71 ? 75  GLU A CA  1 
ATOM   609  C  C   . GLU A 1 76  ? 14.611  -9.405  -4.369  1.00 16.68 ? 75  GLU A C   1 
ATOM   610  O  O   . GLU A 1 76  ? 13.869  -10.263 -3.905  1.00 14.51 ? 75  GLU A O   1 
ATOM   611  C  CB  . GLU A 1 76  ? 14.367  -7.045  -3.807  1.00 15.27 ? 75  GLU A CB  1 
ATOM   612  C  CG  . GLU A 1 76  ? 14.003  -5.628  -4.137  1.00 16.55 ? 75  GLU A CG  1 
ATOM   613  C  CD  . GLU A 1 76  ? 14.908  -4.981  -5.165  1.00 17.30 ? 75  GLU A CD  1 
ATOM   614  O  OE1 . GLU A 1 76  ? 15.941  -5.600  -5.570  1.00 24.08 ? 75  GLU A OE1 1 
ATOM   615  O  OE2 . GLU A 1 76  ? 14.579  -3.834  -5.565  1.00 20.73 ? 75  GLU A OE2 1 
ATOM   616  N  N   . SER A 1 77  ? 15.942  -9.540  -4.453  1.00 17.46 ? 76  SER A N   1 
ATOM   617  C  CA  . SER A 1 77  ? 16.674  -10.662 -3.884  1.00 18.02 ? 76  SER A CA  1 
ATOM   618  C  C   . SER A 1 77  ? 16.524  -10.731 -2.349  1.00 19.18 ? 76  SER A C   1 
ATOM   619  O  O   . SER A 1 77  ? 16.780  -11.802 -1.786  1.00 20.99 ? 76  SER A O   1 
ATOM   620  C  CB  . SER A 1 77  ? 18.172  -10.596 -4.306  1.00 17.65 ? 76  SER A CB  1 
ATOM   621  O  OG  . SER A 1 77  ? 18.877  -9.500  -3.728  1.00 11.47 ? 76  SER A OG  1 
ATOM   622  N  N   . SER A 1 78  ? 16.135  -9.608  -1.707  1.00 19.64 ? 77  SER A N   1 
ATOM   623  C  CA  . SER A 1 78  ? 16.068  -9.498  -0.234  1.00 20.88 ? 77  SER A CA  1 
ATOM   624  C  C   . SER A 1 78  ? 14.852  -10.153 0.391   1.00 19.98 ? 77  SER A C   1 
ATOM   625  O  O   . SER A 1 78  ? 14.871  -10.518 1.558   1.00 21.86 ? 77  SER A O   1 
ATOM   626  C  CB  . SER A 1 78  ? 16.098  -8.011  0.268   1.00 21.39 ? 77  SER A CB  1 
ATOM   627  O  OG  . SER A 1 78  ? 15.143  -7.162  -0.326  1.00 21.06 ? 77  SER A OG  1 
ATOM   628  N  N   . GLY A 1 79  ? 13.784  -10.294 -0.370  1.00 20.20 ? 78  GLY A N   1 
ATOM   629  C  CA  . GLY A 1 79  ? 12.573  -10.904 0.162   1.00 18.28 ? 78  GLY A CA  1 
ATOM   630  C  C   . GLY A 1 79  ? 11.318  -10.240 -0.389  1.00 16.99 ? 78  GLY A C   1 
ATOM   631  O  O   . GLY A 1 79  ? 11.216  -9.970  -1.600  1.00 17.59 ? 78  GLY A O   1 
ATOM   632  N  N   . LEU A 1 80  ? 10.394  -9.944  0.514   1.00 15.12 ? 79  LEU A N   1 
ATOM   633  C  CA  . LEU A 1 80  ? 9.095   -9.335  0.125   1.00 14.04 ? 79  LEU A CA  1 
ATOM   634  C  C   . LEU A 1 80  ? 9.143   -7.798  -0.006  1.00 12.49 ? 79  LEU A C   1 
ATOM   635  O  O   . LEU A 1 80  ? 8.676   -7.044  0.855   1.00 12.15 ? 79  LEU A O   1 
ATOM   636  C  CB  . LEU A 1 80  ? 7.997   -9.747  1.113   1.00 15.78 ? 79  LEU A CB  1 
ATOM   637  C  CG  . LEU A 1 80  ? 6.994   -10.779 0.607   1.00 21.06 ? 79  LEU A CG  1 
ATOM   638  C  CD1 . LEU A 1 80  ? 7.555   -11.767 -0.489  1.00 21.61 ? 79  LEU A CD1 1 
ATOM   639  C  CD2 . LEU A 1 80  ? 6.473   -11.505 1.835   1.00 23.67 ? 79  LEU A CD2 1 
ATOM   640  N  N   . GLN A 1 81  ? 9.794   -7.383  -1.082  1.00 10.29 ? 80  GLN A N   1 
ATOM   641  C  CA  . GLN A 1 81  ? 10.129  -5.991  -1.340  1.00 10.15 ? 80  GLN A CA  1 
ATOM   642  C  C   . GLN A 1 81  ? 10.092  -5.916  -2.869  1.00 10.76 ? 80  GLN A C   1 
ATOM   643  O  O   . GLN A 1 81  ? 10.694  -6.749  -3.527  1.00 10.04 ? 80  GLN A O   1 
ATOM   644  C  CB  . GLN A 1 81  ? 11.544  -5.631  -0.856  1.00 9.32  ? 80  GLN A CB  1 
ATOM   645  C  CG  . GLN A 1 81  ? 11.960  -4.232  -1.133  1.00 9.79  ? 80  GLN A CG  1 
ATOM   646  C  CD  . GLN A 1 81  ? 13.232  -3.869  -0.414  1.00 12.27 ? 80  GLN A CD  1 
ATOM   647  O  OE1 . GLN A 1 81  ? 14.326  -4.417  -0.704  1.00 10.32 ? 80  GLN A OE1 1 
ATOM   648  N  NE2 . GLN A 1 81  ? 13.109  -2.951  0.502   1.00 11.32 ? 80  GLN A NE2 1 
ATOM   649  N  N   . TYR A 1 82  ? 9.449   -4.884  -3.408  1.00 10.79 ? 81  TYR A N   1 
ATOM   650  C  CA  . TYR A 1 82  ? 9.412   -4.672  -4.853  1.00 10.40 ? 81  TYR A CA  1 
ATOM   651  C  C   . TYR A 1 82  ? 9.239   -3.209  -5.220  1.00 11.06 ? 81  TYR A C   1 
ATOM   652  O  O   . TYR A 1 82  ? 8.522   -2.451  -4.539  1.00 11.05 ? 81  TYR A O   1 
ATOM   653  C  CB  . TYR A 1 82  ? 8.343   -5.500  -5.543  1.00 10.80 ? 81  TYR A CB  1 
ATOM   654  C  CG  . TYR A 1 82  ? 6.902   -5.375  -4.981  1.00 8.54  ? 81  TYR A CG  1 
ATOM   655  C  CD1 . TYR A 1 82  ? 5.976   -4.437  -5.514  1.00 14.19 ? 81  TYR A CD1 1 
ATOM   656  C  CD2 . TYR A 1 82  ? 6.472   -6.228  -3.998  1.00 10.80 ? 81  TYR A CD2 1 
ATOM   657  C  CE1 . TYR A 1 82  ? 4.703   -4.336  -4.971  1.00 13.40 ? 81  TYR A CE1 1 
ATOM   658  C  CE2 . TYR A 1 82  ? 5.208   -6.124  -3.422  1.00 12.17 ? 81  TYR A CE2 1 
ATOM   659  C  CZ  . TYR A 1 82  ? 4.290   -5.209  -3.948  1.00 16.35 ? 81  TYR A CZ  1 
ATOM   660  O  OH  . TYR A 1 82  ? 2.999   -5.186  -3.403  1.00 12.38 ? 81  TYR A OH  1 
ATOM   661  N  N   . THR A 1 83  ? 9.944   -2.790  -6.258  1.00 10.76 ? 82  THR A N   1 
ATOM   662  C  CA  . THR A 1 83  ? 9.761   -1.477  -6.891  1.00 10.22 ? 82  THR A CA  1 
ATOM   663  C  C   . THR A 1 83  ? 8.839   -1.639  -8.123  1.00 11.39 ? 82  THR A C   1 
ATOM   664  O  O   . THR A 1 83  ? 9.099   -2.449  -9.050  1.00 14.26 ? 82  THR A O   1 
ATOM   665  C  CB  . THR A 1 83  ? 11.112  -0.831  -7.284  1.00 11.56 ? 82  THR A CB  1 
ATOM   666  O  OG1 . THR A 1 83  ? 11.927  -0.554  -6.126  1.00 11.57 ? 82  THR A OG1 1 
ATOM   667  C  CG2 . THR A 1 83  ? 10.895  0.468   -8.053  1.00 14.31 ? 82  THR A CG2 1 
ATOM   668  N  N   . ALA A 1 84  ? 7.795   -0.841  -8.157  1.00 10.66 ? 83  ALA A N   1 
ATOM   669  C  CA  . ALA A 1 84  ? 6.709   -0.955  -9.127  1.00 10.16 ? 83  ALA A CA  1 
ATOM   670  C  C   . ALA A 1 84  ? 6.618   0.301   -9.973  1.00 9.42  ? 83  ALA A C   1 
ATOM   671  O  O   . ALA A 1 84  ? 6.616   1.422   -9.475  1.00 10.59 ? 83  ALA A O   1 
ATOM   672  C  CB  . ALA A 1 84  ? 5.363   -1.183  -8.417  1.00 9.54  ? 83  ALA A CB  1 
ATOM   673  N  N   . LYS A 1 85  ? 6.591   0.109   -11.293 1.00 9.15  ? 84  LYS A N   1 
ATOM   674  C  CA  . LYS A 1 85  ? 6.077   1.187   -12.165 1.00 9.93  ? 84  LYS A CA  1 
ATOM   675  C  C   . LYS A 1 85  ? 4.574   0.958   -12.257 1.00 8.75  ? 84  LYS A C   1 
ATOM   676  O  O   . LYS A 1 85  ? 4.086   -0.088  -11.821 1.00 10.87 ? 84  LYS A O   1 
ATOM   677  C  CB  . LYS A 1 85  ? 6.829   1.305   -13.488 1.00 10.24 ? 84  LYS A CB  1 
ATOM   678  C  CG  . LYS A 1 85  ? 6.779   0.122   -14.369 1.00 16.65 ? 84  LYS A CG  1 
ATOM   679  C  CD  . LYS A 1 85  ? 7.643   0.350   -15.685 1.00 20.83 ? 84  LYS A CD  1 
ATOM   680  C  CE  . LYS A 1 85  ? 9.122   0.807   -15.459 1.00 25.86 ? 84  LYS A CE  1 
ATOM   681  N  NZ  . LYS A 1 85  ? 9.963   0.799   -16.778 1.00 27.81 ? 84  LYS A NZ  1 
ATOM   682  N  N   . TYR A 1 86  ? 3.846   1.964   -12.722 1.00 10.22 ? 85  TYR A N   1 
ATOM   683  C  CA  . TYR A 1 86  ? 2.392   1.909   -12.696 1.00 10.36 ? 85  TYR A CA  1 
ATOM   684  C  C   . TYR A 1 86  ? 1.673   2.648   -13.837 1.00 9.23  ? 85  TYR A C   1 
ATOM   685  O  O   . TYR A 1 86  ? 2.053   3.744   -14.204 1.00 10.23 ? 85  TYR A O   1 
ATOM   686  C  CB  . TYR A 1 86  ? 1.883   2.438   -11.336 1.00 10.65 ? 85  TYR A CB  1 
ATOM   687  C  CG  . TYR A 1 86  ? 2.279   3.858   -10.956 1.00 9.41  ? 85  TYR A CG  1 
ATOM   688  C  CD1 . TYR A 1 86  ? 3.486   4.152   -10.291 1.00 9.60  ? 85  TYR A CD1 1 
ATOM   689  C  CD2 . TYR A 1 86  ? 1.460   4.892   -11.290 1.00 10.34 ? 85  TYR A CD2 1 
ATOM   690  C  CE1 . TYR A 1 86  ? 3.821   5.459   -10.006 1.00 7.93  ? 85  TYR A CE1 1 
ATOM   691  C  CE2 . TYR A 1 86  ? 1.764   6.195   -10.975 1.00 8.44  ? 85  TYR A CE2 1 
ATOM   692  C  CZ  . TYR A 1 86  ? 2.958   6.474   -10.376 1.00 7.63  ? 85  TYR A CZ  1 
ATOM   693  O  OH  . TYR A 1 86  ? 3.194   7.810   -10.041 1.00 13.30 ? 85  TYR A OH  1 
ATOM   694  N  N   . LYS A 1 87  ? 0.578   2.041   -14.238 1.00 9.92  ? 86  LYS A N   1 
ATOM   695  C  CA  . LYS A 1 87  ? -0.377  2.632   -15.189 1.00 10.24 ? 86  LYS A CA  1 
ATOM   696  C  C   . LYS A 1 87  ? -1.441  3.401   -14.462 1.00 9.71  ? 86  LYS A C   1 
ATOM   697  O  O   . LYS A 1 87  ? -1.735  3.157   -13.272 1.00 9.23  ? 86  LYS A O   1 
ATOM   698  C  CB  . LYS A 1 87  ? -1.065  1.520   -15.999 1.00 11.01 ? 86  LYS A CB  1 
ATOM   699  C  CG  . LYS A 1 87  ? -0.086  0.512   -16.552 1.00 14.90 ? 86  LYS A CG  1 
ATOM   700  C  CD  . LYS A 1 87  ? -0.502  -0.136  -17.784 1.00 20.29 ? 86  LYS A CD  1 
ATOM   701  C  CE  . LYS A 1 87  ? -1.238  -1.367  -17.587 1.00 21.93 ? 86  LYS A CE  1 
ATOM   702  N  NZ  . LYS A 1 87  ? -1.006  -2.059  -18.885 1.00 25.00 ? 86  LYS A NZ  1 
ATOM   703  N  N   . THR A 1 88  ? -2.033  4.341   -15.177 1.00 8.57  ? 87  THR A N   1 
ATOM   704  C  CA  . THR A 1 88  ? -3.143  5.136   -14.696 1.00 8.44  ? 87  THR A CA  1 
ATOM   705  C  C   . THR A 1 88  ? -4.326  4.692   -15.533 1.00 8.20  ? 87  THR A C   1 
ATOM   706  O  O   . THR A 1 88  ? -4.227  4.703   -16.778 1.00 7.16  ? 87  THR A O   1 
ATOM   707  C  CB  . THR A 1 88  ? -2.839  6.618   -14.866 1.00 8.87  ? 87  THR A CB  1 
ATOM   708  O  OG1 . THR A 1 88  ? -1.669  6.978   -14.121 1.00 10.37 ? 87  THR A OG1 1 
ATOM   709  C  CG2 . THR A 1 88  ? -3.906  7.456   -14.286 1.00 9.90  ? 87  THR A CG2 1 
ATOM   710  N  N   . VAL A 1 89  ? -5.410  4.305   -14.890 1.00 6.67  ? 88  VAL A N   1 
ATOM   711  C  CA  . VAL A 1 89  ? -6.561  3.700   -15.555 1.00 6.70  ? 88  VAL A CA  1 
ATOM   712  C  C   . VAL A 1 89  ? -7.867  4.345   -15.112 1.00 6.33  ? 88  VAL A C   1 
ATOM   713  O  O   . VAL A 1 89  ? -7.919  5.034   -14.064 1.00 6.37  ? 88  VAL A O   1 
ATOM   714  C  CB  . VAL A 1 89  ? -6.536  2.123   -15.375 1.00 5.90  ? 88  VAL A CB  1 
ATOM   715  C  CG1 . VAL A 1 89  ? -5.160  1.522   -15.840 1.00 6.86  ? 88  VAL A CG1 1 
ATOM   716  C  CG2 . VAL A 1 89  ? -6.768  1.716   -13.974 1.00 5.42  ? 88  VAL A CG2 1 
ATOM   717  N  N   . ASP A 1 90  ? -8.970  4.120   -15.853 1.00 7.53  ? 89  ASP A N   1 
ATOM   718  C  CA  . ASP A 1 90  ? -10.290 4.542   -15.377 1.00 8.57  ? 89  ASP A CA  1 
ATOM   719  C  C   . ASP A 1 90  ? -10.927 3.353   -14.586 1.00 9.13  ? 89  ASP A C   1 
ATOM   720  O  O   . ASP A 1 90  ? -10.301 2.316   -14.416 1.00 8.17  ? 89  ASP A O   1 
ATOM   721  C  CB  . ASP A 1 90  ? -11.195 5.059   -16.514 1.00 8.60  ? 89  ASP A CB  1 
ATOM   722  C  CG  . ASP A 1 90  ? -11.646 3.988   -17.491 1.00 10.85 ? 89  ASP A CG  1 
ATOM   723  O  OD1 . ASP A 1 90  ? -11.425 2.769   -17.269 1.00 8.15  ? 89  ASP A OD1 1 
ATOM   724  O  OD2 . ASP A 1 90  ? -12.347 4.310   -18.493 1.00 12.01 ? 89  ASP A OD2 1 
ATOM   725  N  N   . LYS A 1 91  ? -12.152 3.490   -14.148 1.00 9.87  ? 90  LYS A N   1 
ATOM   726  C  CA  . LYS A 1 91  ? -12.747 2.464   -13.277 1.00 10.69 ? 90  LYS A CA  1 
ATOM   727  C  C   . LYS A 1 91  ? -12.926 1.111   -13.972 1.00 12.11 ? 90  LYS A C   1 
ATOM   728  O  O   . LYS A 1 91  ? -13.192 0.102   -13.274 1.00 11.82 ? 90  LYS A O   1 
ATOM   729  C  CB  . LYS A 1 91  ? -14.068 2.955   -12.670 1.00 12.77 ? 90  LYS A CB  1 
ATOM   730  C  CG  . LYS A 1 91  ? -15.281 3.181   -13.532 1.00 14.64 ? 90  LYS A CG  1 
ATOM   731  C  CD  . LYS A 1 91  ? -16.352 3.604   -12.530 1.00 22.25 ? 90  LYS A CD  1 
ATOM   732  C  CE  . LYS A 1 91  ? -17.616 4.074   -13.141 1.00 24.48 ? 90  LYS A CE  1 
ATOM   733  N  NZ  . LYS A 1 91  ? -18.421 4.691   -12.037 1.00 28.59 ? 90  LYS A NZ  1 
ATOM   734  N  N   . LYS A 1 92  ? -12.847 1.112   -15.319 1.00 10.58 ? 91  LYS A N   1 
ATOM   735  C  CA  . LYS A 1 92  ? -13.009 -0.069  -16.191 1.00 13.15 ? 91  LYS A CA  1 
ATOM   736  C  C   . LYS A 1 92  ? -11.665 -0.662  -16.568 1.00 12.59 ? 91  LYS A C   1 
ATOM   737  O  O   . LYS A 1 92  ? -11.592 -1.625  -17.316 1.00 15.10 ? 91  LYS A O   1 
ATOM   738  C  CB  . LYS A 1 92  ? -13.752 0.312   -17.482 1.00 12.62 ? 91  LYS A CB  1 
ATOM   739  C  CG  . LYS A 1 92  ? -15.190 0.812   -17.322 1.00 16.62 ? 91  LYS A CG  1 
ATOM   740  C  CD  . LYS A 1 92  ? -15.928 0.228   -16.141 1.00 21.60 ? 91  LYS A CD  1 
ATOM   741  C  CE  . LYS A 1 92  ? -17.454 0.480   -16.231 1.00 25.38 ? 91  LYS A CE  1 
ATOM   742  N  NZ  . LYS A 1 92  ? -18.141 -0.183  -15.054 1.00 27.03 ? 91  LYS A NZ  1 
ATOM   743  N  N   . LYS A 1 93  ? -10.616 -0.068  -16.036 1.00 12.94 ? 92  LYS A N   1 
ATOM   744  C  CA  . LYS A 1 93  ? -9.234  -0.415  -16.235 1.00 12.92 ? 92  LYS A CA  1 
ATOM   745  C  C   . LYS A 1 93  ? -8.740  -0.068  -17.684 1.00 13.12 ? 92  LYS A C   1 
ATOM   746  O  O   . LYS A 1 93  ? -7.679  -0.531  -18.106 1.00 13.70 ? 92  LYS A O   1 
ATOM   747  C  CB  . LYS A 1 93  ? -8.995  -1.903  -15.855 1.00 14.33 ? 92  LYS A CB  1 
ATOM   748  C  CG  . LYS A 1 93  ? -9.001  -2.169  -14.381 1.00 15.14 ? 92  LYS A CG  1 
ATOM   749  C  CD  . LYS A 1 93  ? -8.618  -3.610  -14.008 1.00 16.47 ? 92  LYS A CD  1 
ATOM   750  C  CE  . LYS A 1 93  ? -8.970  -3.900  -12.531 1.00 17.90 ? 92  LYS A CE  1 
ATOM   751  N  NZ  . LYS A 1 93  ? -10.380 -4.285  -12.368 1.00 18.58 ? 92  LYS A NZ  1 
ATOM   752  N  N   . ALA A 1 94  ? -9.461  0.821   -18.376 1.00 12.18 ? 93  ALA A N   1 
ATOM   753  C  CA  . ALA A 1 94  ? -8.928  1.428   -19.588 1.00 11.09 ? 93  ALA A CA  1 
ATOM   754  C  C   . ALA A 1 94  ? -7.686  2.258   -19.257 1.00 10.78 ? 93  ALA A C   1 
ATOM   755  O  O   . ALA A 1 94  ? -7.672  3.051   -18.290 1.00 10.29 ? 93  ALA A O   1 
ATOM   756  C  CB  . ALA A 1 94  ? -9.967  2.270   -20.271 1.00 10.91 ? 93  ALA A CB  1 
ATOM   757  N  N   . VAL A 1 95  ? -6.629  2.094   -20.053 1.00 10.92 ? 94  VAL A N   1 
ATOM   758  C  CA  . VAL A 1 95  ? -5.400  2.789   -19.814 1.00 9.54  ? 94  VAL A CA  1 
ATOM   759  C  C   . VAL A 1 95  ? -5.455  4.224   -20.313 1.00 8.92  ? 94  VAL A C   1 
ATOM   760  O  O   . VAL A 1 95  ? -5.633  4.490   -21.525 1.00 10.42 ? 94  VAL A O   1 
ATOM   761  C  CB  . VAL A 1 95  ? -4.263  2.068   -20.452 1.00 8.83  ? 94  VAL A CB  1 
ATOM   762  C  CG1 . VAL A 1 95  ? -2.946  2.777   -20.214 1.00 6.23  ? 94  VAL A CG1 1 
ATOM   763  C  CG2 . VAL A 1 95  ? -4.184  0.631   -19.935 1.00 12.16 ? 94  VAL A CG2 1 
ATOM   764  N  N   . LEU A 1 96  ? -5.259  5.149   -19.369 1.00 7.36  ? 95  LEU A N   1 
ATOM   765  C  CA  . LEU A 1 96  ? -5.173  6.617   -19.606 1.00 8.09  ? 95  LEU A CA  1 
ATOM   766  C  C   . LEU A 1 96  ? -3.667  7.001   -19.847 1.00 8.25  ? 95  LEU A C   1 
ATOM   767  O  O   . LEU A 1 96  ? -3.350  7.737   -20.774 1.00 7.51  ? 95  LEU A O   1 
ATOM   768  C  CB  . LEU A 1 96  ? -5.749  7.362   -18.378 1.00 6.55  ? 95  LEU A CB  1 
ATOM   769  C  CG  . LEU A 1 96  ? -7.238  7.078   -17.978 1.00 8.08  ? 95  LEU A CG  1 
ATOM   770  C  CD1 . LEU A 1 96  ? -7.588  7.658   -16.602 1.00 8.72  ? 95  LEU A CD1 1 
ATOM   771  C  CD2 . LEU A 1 96  ? -8.192  7.626   -18.965 1.00 8.87  ? 95  LEU A CD2 1 
ATOM   772  N  N   . LYS A 1 97  ? -2.764  6.490   -19.005 1.00 9.29  ? 96  LYS A N   1 
ATOM   773  C  CA  . LYS A 1 97  ? -1.304  6.608   -19.146 1.00 11.32 ? 96  LYS A CA  1 
ATOM   774  C  C   . LYS A 1 97  ? -0.632  5.260   -18.861 1.00 12.42 ? 96  LYS A C   1 
ATOM   775  O  O   . LYS A 1 97  ? -0.970  4.565   -17.893 1.00 10.72 ? 96  LYS A O   1 
ATOM   776  C  CB  . LYS A 1 97  ? -0.748  7.675   -18.195 1.00 11.04 ? 96  LYS A CB  1 
ATOM   777  C  CG  . LYS A 1 97  ? -1.246  9.072   -18.461 1.00 11.41 ? 96  LYS A CG  1 
ATOM   778  C  CD  . LYS A 1 97  ? -0.847  10.063  -17.352 1.00 10.24 ? 96  LYS A CD  1 
ATOM   779  C  CE  . LYS A 1 97  ? -1.377  11.483  -17.469 1.00 12.37 ? 96  LYS A CE  1 
ATOM   780  N  NZ  . LYS A 1 97  ? -0.492  12.411  -16.654 1.00 13.68 ? 96  LYS A NZ  1 
ATOM   781  N  N   . GLU A 1 98  ? 0.304   4.879   -19.732 1.00 13.74 ? 97  GLU A N   1 
ATOM   782  C  CA  . GLU A 1 98  ? 1.182   3.723   -19.506 1.00 14.08 ? 97  GLU A CA  1 
ATOM   783  C  C   . GLU A 1 98  ? 2.181   4.076   -18.431 1.00 14.58 ? 97  GLU A C   1 
ATOM   784  O  O   . GLU A 1 98  ? 2.375   5.235   -18.094 1.00 13.65 ? 97  GLU A O   1 
ATOM   785  C  CB  . GLU A 1 98  ? 1.878   3.240   -20.789 1.00 15.31 ? 97  GLU A CB  1 
ATOM   786  C  CG  . GLU A 1 98  ? 0.927   2.685   -21.825 1.00 16.07 ? 97  GLU A CG  1 
ATOM   787  C  CD  . GLU A 1 98  ? 0.239   1.361   -21.552 1.00 18.86 ? 97  GLU A CD  1 
ATOM   788  O  OE1 . GLU A 1 98  ? 0.458   0.674   -20.519 1.00 22.97 ? 97  GLU A OE1 1 
ATOM   789  O  OE2 . GLU A 1 98  ? -0.556  1.024   -22.441 1.00 22.26 ? 97  GLU A OE2 1 
ATOM   790  N  N   . ALA A 1 99  ? 2.720   3.016   -17.842 1.00 16.45 ? 98  ALA A N   1 
ATOM   791  C  CA  . ALA A 1 99  ? 3.826   3.123   -16.936 1.00 18.28 ? 98  ALA A CA  1 
ATOM   792  C  C   . ALA A 1 99  ? 4.941   3.854   -17.642 1.00 20.35 ? 98  ALA A C   1 
ATOM   793  O  O   . ALA A 1 99  ? 5.120   3.741   -18.881 1.00 21.37 ? 98  ALA A O   1 
ATOM   794  C  CB  . ALA A 1 99  ? 4.226   1.723   -16.568 1.00 18.40 ? 98  ALA A CB  1 
ATOM   795  N  N   . ASP A 1 100 ? 5.729   4.615   -16.903 1.00 22.53 ? 99  ASP A N   1 
ATOM   796  C  CA  . ASP A 1 100 ? 6.915   5.235   -17.506 1.00 22.99 ? 99  ASP A CA  1 
ATOM   797  C  C   . ASP A 1 100 ? 8.205   4.881   -16.741 1.00 23.63 ? 99  ASP A C   1 
ATOM   798  O  O   . ASP A 1 100 ? 8.246   3.942   -15.931 1.00 24.55 ? 99  ASP A O   1 
ATOM   799  C  CB  . ASP A 1 100 ? 6.691   6.732   -17.614 1.00 22.44 ? 99  ASP A CB  1 
ATOM   800  C  CG  . ASP A 1 100 ? 6.563   7.385   -16.282 1.00 22.42 ? 99  ASP A CG  1 
ATOM   801  O  OD1 . ASP A 1 100 ? 7.089   6.804   -15.301 1.00 23.05 ? 99  ASP A OD1 1 
ATOM   802  O  OD2 . ASP A 1 100 ? 5.940   8.452   -16.142 1.00 21.85 ? 99  ASP A OD2 1 
ATOM   803  N  N   . GLU A 1 101 ? 9.274   5.613   -16.974 1.00 24.98 ? 100 GLU A N   1 
ATOM   804  C  CA  . GLU A 1 101 ? 10.534  5.234   -16.315 1.00 25.77 ? 100 GLU A CA  1 
ATOM   805  C  C   . GLU A 1 101 ? 10.958  6.268   -15.289 1.00 24.47 ? 100 GLU A C   1 
ATOM   806  O  O   . GLU A 1 101 ? 11.970  6.109   -14.650 1.00 25.79 ? 100 GLU A O   1 
ATOM   807  C  CB  . GLU A 1 101 ? 11.634  4.956   -17.367 1.00 26.88 ? 100 GLU A CB  1 
ATOM   808  C  CG  . GLU A 1 101 ? 12.941  4.335   -16.838 1.00 30.87 ? 100 GLU A CG  1 
ATOM   809  C  CD  . GLU A 1 101 ? 12.801  2.964   -16.154 1.00 35.61 ? 100 GLU A CD  1 
ATOM   810  O  OE1 . GLU A 1 101 ? 12.405  1.966   -16.831 1.00 38.43 ? 100 GLU A OE1 1 
ATOM   811  O  OE2 . GLU A 1 101 ? 13.115  2.873   -14.929 1.00 38.78 ? 100 GLU A OE2 1 
ATOM   812  N  N   . LYS A 1 102 ? 10.143  7.289   -15.062 1.00 22.55 ? 101 LYS A N   1 
ATOM   813  C  CA  . LYS A 1 102 ? 10.456  8.275   -14.029 1.00 22.49 ? 101 LYS A CA  1 
ATOM   814  C  C   . LYS A 1 102 ? 9.627   8.069   -12.744 1.00 20.09 ? 101 LYS A C   1 
ATOM   815  O  O   . LYS A 1 102 ? 10.083  8.375   -11.662 1.00 18.62 ? 101 LYS A O   1 
ATOM   816  C  CB  . LYS A 1 102 ? 10.280  9.699   -14.568 1.00 23.92 ? 101 LYS A CB  1 
ATOM   817  C  CG  . LYS A 1 102 ? 8.882   10.038  -15.073 1.00 27.70 ? 101 LYS A CG  1 
ATOM   818  C  CD  . LYS A 1 102 ? 8.874   11.137  -16.166 1.00 32.73 ? 101 LYS A CD  1 
ATOM   819  C  CE  . LYS A 1 102 ? 7.633   11.048  -17.033 1.00 34.47 ? 101 LYS A CE  1 
ATOM   820  N  NZ  . LYS A 1 102 ? 7.804   10.048  -18.118 1.00 36.48 ? 101 LYS A NZ  1 
ATOM   821  N  N   . ASN A 1 103 ? 8.427   7.505   -12.867 1.00 16.37 ? 102 ASN A N   1 
ATOM   822  C  CA  . ASN A 1 103 ? 7.532   7.371   -11.731 1.00 14.67 ? 102 ASN A CA  1 
ATOM   823  C  C   . ASN A 1 103 ? 7.491   5.941   -11.187 1.00 12.93 ? 102 ASN A C   1 
ATOM   824  O  O   . ASN A 1 103 ? 7.223   5.008   -11.935 1.00 12.85 ? 102 ASN A O   1 
ATOM   825  C  CB  . ASN A 1 103 ? 6.158   7.790   -12.174 1.00 13.52 ? 102 ASN A CB  1 
ATOM   826  C  CG  . ASN A 1 103 ? 6.044   9.281   -12.430 1.00 14.61 ? 102 ASN A CG  1 
ATOM   827  O  OD1 . ASN A 1 103 ? 5.952   10.062  -11.482 1.00 17.72 ? 102 ASN A OD1 1 
ATOM   828  N  ND2 . ASN A 1 103 ? 6.027   9.666   -13.667 1.00 14.30 ? 102 ASN A ND2 1 
ATOM   829  N  N   . SER A 1 104 ? 7.775   5.756   -9.890  1.00 10.36 ? 103 SER A N   1 
ATOM   830  C  CA  . SER A 1 104 ? 7.679   4.453   -9.274  1.00 10.90 ? 103 SER A CA  1 
ATOM   831  C  C   . SER A 1 104 ? 7.326   4.518   -7.795  1.00 9.11  ? 103 SER A C   1 
ATOM   832  O  O   . SER A 1 104 ? 7.378   5.558   -7.220  1.00 9.46  ? 103 SER A O   1 
ATOM   833  C  CB  . SER A 1 104 ? 8.976   3.703   -9.472  1.00 10.60 ? 103 SER A CB  1 
ATOM   834  O  OG  . SER A 1 104 ? 10.002  4.280   -8.636  1.00 11.95 ? 103 SER A OG  1 
ATOM   835  N  N   . TYR A 1 105 ? 6.962   3.374   -7.189  1.00 9.07  ? 104 TYR A N   1 
ATOM   836  C  CA  . TYR A 1 105 ? 6.923   3.208   -5.730  1.00 7.54  ? 104 TYR A CA  1 
ATOM   837  C  C   . TYR A 1 105 ? 7.670   1.972   -5.282  1.00 8.48  ? 104 TYR A C   1 
ATOM   838  O  O   . TYR A 1 105 ? 7.726   0.991   -5.973  1.00 8.62  ? 104 TYR A O   1 
ATOM   839  C  CB  . TYR A 1 105 ? 5.487   3.218   -5.166  1.00 9.55  ? 104 TYR A CB  1 
ATOM   840  C  CG  . TYR A 1 105 ? 4.531   2.139   -5.714  1.00 7.46  ? 104 TYR A CG  1 
ATOM   841  C  CD1 . TYR A 1 105 ? 3.858   2.328   -6.918  1.00 10.57 ? 104 TYR A CD1 1 
ATOM   842  C  CD2 . TYR A 1 105 ? 4.295   0.948   -5.021  1.00 6.53  ? 104 TYR A CD2 1 
ATOM   843  C  CE1 . TYR A 1 105 ? 3.017   1.367   -7.420  1.00 8.18  ? 104 TYR A CE1 1 
ATOM   844  C  CE2 . TYR A 1 105 ? 3.432   -0.034  -5.536  1.00 5.67  ? 104 TYR A CE2 1 
ATOM   845  C  CZ  . TYR A 1 105 ? 2.792   0.208   -6.675  1.00 7.53  ? 104 TYR A CZ  1 
ATOM   846  O  OH  . TYR A 1 105 ? 1.949   -0.734  -7.099  1.00 8.97  ? 104 TYR A OH  1 
ATOM   847  N  N   . THR A 1 106 ? 8.293   2.002   -4.099  1.00 8.35  ? 105 THR A N   1 
ATOM   848  C  CA  . THR A 1 106 ? 8.896   0.828   -3.523  1.00 9.04  ? 105 THR A CA  1 
ATOM   849  C  C   . THR A 1 106 ? 8.034   0.415   -2.321  1.00 7.55  ? 105 THR A C   1 
ATOM   850  O  O   . THR A 1 106 ? 7.929   1.174   -1.351  1.00 7.32  ? 105 THR A O   1 
ATOM   851  C  CB  . THR A 1 106 ? 10.317  1.088   -3.141  1.00 9.80  ? 105 THR A CB  1 
ATOM   852  O  OG1 . THR A 1 106 ? 11.093  1.424   -4.328  1.00 12.57 ? 105 THR A OG1 1 
ATOM   853  C  CG2 . THR A 1 106 ? 10.959  -0.208  -2.548  1.00 8.35  ? 105 THR A CG2 1 
ATOM   854  N  N   . LEU A 1 107 ? 7.565   -0.842  -2.385  1.00 7.68  ? 106 LEU A N   1 
ATOM   855  C  CA  . LEU A 1 107 ? 6.785   -1.442  -1.308  1.00 7.91  ? 106 LEU A CA  1 
ATOM   856  C  C   . LEU A 1 107 ? 7.562   -2.537  -0.581  1.00 8.36  ? 106 LEU A C   1 
ATOM   857  O  O   . LEU A 1 107 ? 8.067   -3.482  -1.236  1.00 6.74  ? 106 LEU A O   1 
ATOM   858  C  CB  . LEU A 1 107 ? 5.463   -1.972  -1.877  1.00 8.01  ? 106 LEU A CB  1 
ATOM   859  C  CG  . LEU A 1 107 ? 4.358   -2.316  -0.831  1.00 6.16  ? 106 LEU A CG  1 
ATOM   860  C  CD1 . LEU A 1 107 ? 2.870   -2.107  -1.299  1.00 6.54  ? 106 LEU A CD1 1 
ATOM   861  C  CD2 . LEU A 1 107 ? 4.544   -3.722  -0.213  1.00 6.44  ? 106 LEU A CD2 1 
ATOM   862  N  N   . THR A 1 108 ? 7.616   -2.427  0.766   1.00 7.05  ? 107 THR A N   1 
ATOM   863  C  CA  . THR A 1 108 ? 8.332   -3.366  1.613   1.00 8.30  ? 107 THR A CA  1 
ATOM   864  C  C   . THR A 1 108 ? 7.368   -3.921  2.661   1.00 8.59  ? 107 THR A C   1 
ATOM   865  O  O   . THR A 1 108 ? 6.672   -3.184  3.366   1.00 8.63  ? 107 THR A O   1 
ATOM   866  C  CB  . THR A 1 108 ? 9.493   -2.657  2.314   1.00 5.48  ? 107 THR A CB  1 
ATOM   867  O  OG1 . THR A 1 108 ? 10.348  -1.936  1.407   1.00 8.70  ? 107 THR A OG1 1 
ATOM   868  C  CG2 . THR A 1 108 ? 10.430  -3.678  2.970   1.00 5.78  ? 107 THR A CG2 1 
ATOM   869  N  N   . VAL A 1 109 ? 7.363   -5.224  2.814   1.00 9.12  ? 108 VAL A N   1 
ATOM   870  C  CA  . VAL A 1 109 ? 6.439   -5.860  3.741   1.00 10.34 ? 108 VAL A CA  1 
ATOM   871  C  C   . VAL A 1 109 ? 7.166   -6.117  5.039   1.00 9.61  ? 108 VAL A C   1 
ATOM   872  O  O   . VAL A 1 109 ? 8.180   -6.837  5.093   1.00 11.09 ? 108 VAL A O   1 
ATOM   873  C  CB  . VAL A 1 109 ? 5.871   -7.146  3.195   1.00 9.68  ? 108 VAL A CB  1 
ATOM   874  C  CG1 . VAL A 1 109 ? 4.953   -7.756  4.204   1.00 9.05  ? 108 VAL A CG1 1 
ATOM   875  C  CG2 . VAL A 1 109 ? 5.104   -6.878  1.879   1.00 11.04 ? 108 VAL A CG2 1 
ATOM   876  N  N   . LEU A 1 110 ? 6.658   -5.490  6.095   1.00 8.04  ? 109 LEU A N   1 
ATOM   877  C  CA  . LEU A 1 110 ? 7.264   -5.543  7.406   1.00 9.15  ? 109 LEU A CA  1 
ATOM   878  C  C   . LEU A 1 110 ? 6.713   -6.614  8.297   1.00 8.31  ? 109 LEU A C   1 
ATOM   879  O  O   . LEU A 1 110 ? 7.398   -7.082  9.226   1.00 8.55  ? 109 LEU A O   1 
ATOM   880  C  CB  . LEU A 1 110 ? 7.202   -4.169  8.090   1.00 7.04  ? 109 LEU A CB  1 
ATOM   881  C  CG  . LEU A 1 110 ? 7.894   -3.027  7.322   1.00 11.22 ? 109 LEU A CG  1 
ATOM   882  C  CD1 . LEU A 1 110 ? 7.698   -1.721  7.997   1.00 13.74 ? 109 LEU A CD1 1 
ATOM   883  C  CD2 . LEU A 1 110 ? 9.423   -3.272  7.153   1.00 13.96 ? 109 LEU A CD2 1 
ATOM   884  N  N   . GLU A 1 111 ? 5.477   -6.999  8.032   1.00 7.24  ? 110 GLU A N   1 
ATOM   885  C  CA  . GLU A 1 111 ? 4.790   -8.110  8.687   1.00 8.58  ? 110 GLU A CA  1 
ATOM   886  C  C   . GLU A 1 111 ? 3.538   -8.542  7.903   1.00 8.15  ? 110 GLU A C   1 
ATOM   887  O  O   . GLU A 1 111 ? 2.928   -7.754  7.197   1.00 7.70  ? 110 GLU A O   1 
ATOM   888  C  CB  . GLU A 1 111 ? 4.328   -7.755  10.155  1.00 9.11  ? 110 GLU A CB  1 
ATOM   889  C  CG  . GLU A 1 111 ? 3.750   -8.886  11.002  1.00 9.32  ? 110 GLU A CG  1 
ATOM   890  C  CD  . GLU A 1 111 ? 4.705   -10.024 11.205  1.00 10.82 ? 110 GLU A CD  1 
ATOM   891  O  OE1 . GLU A 1 111 ? 4.761   -10.898 10.307  1.00 11.42 ? 110 GLU A OE1 1 
ATOM   892  O  OE2 . GLU A 1 111 ? 5.387   -10.044 12.234  1.00 12.59 ? 110 GLU A OE2 1 
ATOM   893  N  N   . ALA A 1 112 ? 3.209   -9.817  7.995   1.00 9.22  ? 111 ALA A N   1 
ATOM   894  C  CA  . ALA A 1 112 ? 2.041   -10.345 7.268   1.00 9.28  ? 111 ALA A CA  1 
ATOM   895  C  C   . ALA A 1 112 ? 1.655   -11.672 7.928   1.00 9.35  ? 111 ALA A C   1 
ATOM   896  O  O   . ALA A 1 112 ? 2.507   -12.541 8.152   1.00 10.56 ? 111 ALA A O   1 
ATOM   897  C  CB  . ALA A 1 112 ? 2.328   -10.532 5.805   1.00 9.83  ? 111 ALA A CB  1 
ATOM   898  N  N   . ASP A 1 113 ? 0.386   -11.773 8.303   1.00 8.69  ? 112 ASP A N   1 
ATOM   899  C  CA  . ASP A 1 113 ? -0.170  -12.976 8.906   1.00 9.25  ? 112 ASP A CA  1 
ATOM   900  C  C   . ASP A 1 113 ? -1.503  -13.343 8.191   1.00 9.99  ? 112 ASP A C   1 
ATOM   901  O  O   . ASP A 1 113 ? -1.769  -12.828 7.089   1.00 8.94  ? 112 ASP A O   1 
ATOM   902  C  CB  . ASP A 1 113 ? -0.171  -12.867 10.436  1.00 8.59  ? 112 ASP A CB  1 
ATOM   903  C  CG  . ASP A 1 113 ? -1.180  -11.867 10.985  1.00 7.86  ? 112 ASP A CG  1 
ATOM   904  O  OD1 . ASP A 1 113 ? -2.098  -11.491 10.227  1.00 6.79  ? 112 ASP A OD1 1 
ATOM   905  O  OD2 . ASP A 1 113 ? -1.131  -11.453 12.149  1.00 12.50 ? 112 ASP A OD2 1 
ATOM   906  N  N   . ASP A 1 114 ? -2.325  -14.231 8.769   1.00 9.23  ? 113 ASP A N   1 
ATOM   907  C  CA  . ASP A 1 114 ? -3.557  -14.707 8.136   1.00 10.02 ? 113 ASP A CA  1 
ATOM   908  C  C   . ASP A 1 114 ? -4.606  -13.639 7.929   1.00 9.46  ? 113 ASP A C   1 
ATOM   909  O  O   . ASP A 1 114 ? -5.411  -13.756 7.008   1.00 8.92  ? 113 ASP A O   1 
ATOM   910  C  CB  . ASP A 1 114 ? -4.160  -15.897 8.905   1.00 10.34 ? 113 ASP A CB  1 
ATOM   911  C  CG  . ASP A 1 114 ? -3.261  -17.113 8.866   1.00 15.46 ? 113 ASP A CG  1 
ATOM   912  O  OD1 . ASP A 1 114 ? -2.730  -17.444 7.781   1.00 23.36 ? 113 ASP A OD1 1 
ATOM   913  O  OD2 . ASP A 1 114 ? -3.012  -17.763 9.853   1.00 14.42 ? 113 ASP A OD2 1 
ATOM   914  N  N   . SER A 1 115 ? -4.540  -12.588 8.739   1.00 9.50  ? 114 SER A N   1 
ATOM   915  C  CA  . SER A 1 115 ? -5.616  -11.595 8.718   1.00 9.32  ? 114 SER A CA  1 
ATOM   916  C  C   . SER A 1 115 ? -5.167  -10.180 8.391   1.00 9.03  ? 114 SER A C   1 
ATOM   917  O  O   . SER A 1 115 ? -6.014  -9.362  8.056   1.00 8.29  ? 114 SER A O   1 
ATOM   918  C  CB  . SER A 1 115 ? -6.344  -11.587 10.064  1.00 9.52  ? 114 SER A CB  1 
ATOM   919  O  OG  . SER A 1 115 ? -5.540  -11.080 11.076  1.00 8.36  ? 114 SER A OG  1 
ATOM   920  N  N   . SER A 1 116 ? -3.864  -9.910  8.503   1.00 9.05  ? 115 SER A N   1 
ATOM   921  C  CA  . SER A 1 116 ? -3.367  -8.541  8.602   1.00 8.57  ? 115 SER A CA  1 
ATOM   922  C  C   . SER A 1 116 ? -1.930  -8.391  8.067   1.00 8.22  ? 115 SER A C   1 
ATOM   923  O  O   . SER A 1 116 ? -1.173  -9.374  7.959   1.00 7.68  ? 115 SER A O   1 
ATOM   924  C  CB  . SER A 1 116 ? -3.358  -8.063  10.071  1.00 9.68  ? 115 SER A CB  1 
ATOM   925  O  OG  . SER A 1 116 ? -4.541  -8.321  10.803  1.00 7.77  ? 115 SER A OG  1 
ATOM   926  N  N   . ALA A 1 117 ? -1.530  -7.136  7.769   1.00 6.31  ? 116 ALA A N   1 
ATOM   927  C  CA  . ALA A 1 117 ? -0.152  -6.838  7.392   1.00 6.41  ? 116 ALA A CA  1 
ATOM   928  C  C   . ALA A 1 117 ? 0.304   -5.416  7.754   1.00 6.43  ? 116 ALA A C   1 
ATOM   929  O  O   . ALA A 1 117 ? -0.526  -4.539  8.015   1.00 6.59  ? 116 ALA A O   1 
ATOM   930  C  CB  . ALA A 1 117 ? -0.011  -7.082  5.923   1.00 7.13  ? 116 ALA A CB  1 
ATOM   931  N  N   . LEU A 1 118 ? 1.622   -5.192  7.784   1.00 6.90  ? 117 LEU A N   1 
ATOM   932  C  CA  . LEU A 1 118 ? 2.205   -3.840  7.893   1.00 8.34  ? 117 LEU A CA  1 
ATOM   933  C  C   . LEU A 1 118 ? 3.171   -3.660  6.745   1.00 7.27  ? 117 LEU A C   1 
ATOM   934  O  O   . LEU A 1 118 ? 4.071   -4.502  6.545   1.00 7.71  ? 117 LEU A O   1 
ATOM   935  C  CB  . LEU A 1 118 ? 2.975   -3.630  9.214   1.00 7.63  ? 117 LEU A CB  1 
ATOM   936  C  CG  . LEU A 1 118 ? 3.708   -2.310  9.429   1.00 9.16  ? 117 LEU A CG  1 
ATOM   937  C  CD1 . LEU A 1 118 ? 2.818   -1.034  9.532   1.00 7.97  ? 117 LEU A CD1 1 
ATOM   938  C  CD2 . LEU A 1 118 ? 4.535   -2.387  10.683  1.00 8.51  ? 117 LEU A CD2 1 
ATOM   939  N  N   . VAL A 1 119 ? 2.998   -2.609  5.961   1.00 7.89  ? 118 VAL A N   1 
ATOM   940  C  CA  . VAL A 1 119 ? 3.882   -2.363  4.818   1.00 8.48  ? 118 VAL A CA  1 
ATOM   941  C  C   . VAL A 1 119 ? 4.298   -0.904  4.770   1.00 7.63  ? 118 VAL A C   1 
ATOM   942  O  O   . VAL A 1 119 ? 3.635   0.006   5.342   1.00 8.56  ? 118 VAL A O   1 
ATOM   943  C  CB  . VAL A 1 119 ? 3.236   -2.748  3.443   1.00 8.20  ? 118 VAL A CB  1 
ATOM   944  C  CG1 . VAL A 1 119 ? 2.762   -4.223  3.391   1.00 7.98  ? 118 VAL A CG1 1 
ATOM   945  C  CG2 . VAL A 1 119 ? 2.133   -1.770  2.997   1.00 12.40 ? 118 VAL A CG2 1 
ATOM   946  N  N   . HIS A 1 120 ? 5.441   -0.698  4.129   1.00 7.23  ? 119 HIS A N   1 
ATOM   947  C  CA  . HIS A 1 120 ? 5.991   0.644   3.898   1.00 7.34  ? 119 HIS A CA  1 
ATOM   948  C  C   . HIS A 1 120 ? 6.098   0.896   2.400   1.00 5.22  ? 119 HIS A C   1 
ATOM   949  O  O   . HIS A 1 120 ? 6.386   -0.011  1.617   1.00 8.07  ? 119 HIS A O   1 
ATOM   950  C  CB  . HIS A 1 120 ? 7.334   0.828   4.596   1.00 7.28  ? 119 HIS A CB  1 
ATOM   951  C  CG  . HIS A 1 120 ? 8.017   2.112   4.257   1.00 8.13  ? 119 HIS A CG  1 
ATOM   952  N  ND1 . HIS A 1 120 ? 8.857   2.237   3.156   1.00 7.56  ? 119 HIS A ND1 1 
ATOM   953  C  CD2 . HIS A 1 120 ? 8.004   3.313   4.866   1.00 7.73  ? 119 HIS A CD2 1 
ATOM   954  C  CE1 . HIS A 1 120 ? 9.283   3.490   3.098   1.00 9.62  ? 119 HIS A CE1 1 
ATOM   955  N  NE2 . HIS A 1 120 ? 8.787   4.145   4.118   1.00 8.98  ? 119 HIS A NE2 1 
ATOM   956  N  N   . ILE A 1 121 ? 5.822   2.131   2.041   1.00 7.82  ? 120 ILE A N   1 
ATOM   957  C  CA  . ILE A 1 121 ? 5.728   2.585   0.657   1.00 7.85  ? 120 ILE A CA  1 
ATOM   958  C  C   . ILE A 1 121 ? 6.380   3.977   0.534   1.00 7.00  ? 120 ILE A C   1 
ATOM   959  O  O   . ILE A 1 121 ? 6.014   4.993   1.239   1.00 8.77  ? 120 ILE A O   1 
ATOM   960  C  CB  . ILE A 1 121 ? 4.288   2.712   0.126   1.00 6.84  ? 120 ILE A CB  1 
ATOM   961  C  CG1 . ILE A 1 121 ? 3.534   1.381   0.240   1.00 10.80 ? 120 ILE A CG1 1 
ATOM   962  C  CG2 . ILE A 1 121 ? 4.376   3.120   -1.368  1.00 7.91  ? 120 ILE A CG2 1 
ATOM   963  C  CD1 . ILE A 1 121 ? 2.008   1.551   0.310   1.00 14.34 ? 120 ILE A CD1 1 
ATOM   964  N  N   . CYS A 1 122 ? 7.409   3.990   -0.323  1.00 7.89  ? 121 CYS A N   1 
ATOM   965  C  CA  . CYS A 1 122 ? 8.022   5.199   -0.825  1.00 8.33  ? 121 CYS A CA  1 
ATOM   966  C  C   . CYS A 1 122 ? 7.674   5.467   -2.296  1.00 8.00  ? 121 CYS A C   1 
ATOM   967  O  O   . CYS A 1 122 ? 8.000   4.692   -3.183  1.00 9.83  ? 121 CYS A O   1 
ATOM   968  C  CB  . CYS A 1 122 ? 9.549   5.124   -0.675  1.00 7.58  ? 121 CYS A CB  1 
ATOM   969  S  SG  . CYS A 1 122 ? 10.543  6.570   -1.249  1.00 11.81 ? 121 CYS A SG  1 
ATOM   970  N  N   . LEU A 1 123 ? 7.066   6.616   -2.517  1.00 9.65  ? 122 LEU A N   1 
ATOM   971  C  CA  . LEU A 1 123 ? 6.626   7.042   -3.836  1.00 10.08 ? 122 LEU A CA  1 
ATOM   972  C  C   . LEU A 1 123 ? 7.667   8.043   -4.342  1.00 9.73  ? 122 LEU A C   1 
ATOM   973  O  O   . LEU A 1 123 ? 8.012   8.988   -3.621  1.00 9.02  ? 122 LEU A O   1 
ATOM   974  C  CB  . LEU A 1 123 ? 5.275   7.693   -3.683  1.00 10.27 ? 122 LEU A CB  1 
ATOM   975  C  CG  . LEU A 1 123 ? 4.617   8.202   -4.962  1.00 10.86 ? 122 LEU A CG  1 
ATOM   976  C  CD1 . LEU A 1 123 ? 4.373   7.041   -5.947  1.00 9.24  ? 122 LEU A CD1 1 
ATOM   977  C  CD2 . LEU A 1 123 ? 3.314   8.913   -4.666  1.00 10.10 ? 122 LEU A CD2 1 
ATOM   978  N  N   . ARG A 1 124 ? 8.109   7.853   -5.573  1.00 9.71  ? 123 ARG A N   1 
ATOM   979  C  CA  . ARG A 1 124 ? 9.206   8.641   -6.150  1.00 10.69 ? 123 ARG A CA  1 
ATOM   980  C  C   . ARG A 1 124 ? 8.905   9.120   -7.578  1.00 9.93  ? 123 ARG A C   1 
ATOM   981  O  O   . ARG A 1 124 ? 8.180   8.489   -8.344  1.00 8.34  ? 123 ARG A O   1 
ATOM   982  C  CB  . ARG A 1 124 ? 10.446  7.779   -6.161  1.00 11.24 ? 123 ARG A CB  1 
ATOM   983  C  CG  . ARG A 1 124 ? 10.933  7.311   -4.769  1.00 12.72 ? 123 ARG A CG  1 
ATOM   984  C  CD  . ARG A 1 124 ? 12.435  6.895   -4.875  1.00 16.70 ? 123 ARG A CD  1 
ATOM   985  N  NE  . ARG A 1 124 ? 13.136  6.584   -3.608  1.00 15.46 ? 123 ARG A NE  1 
ATOM   986  C  CZ  . ARG A 1 124 ? 13.201  5.357   -3.064  1.00 17.23 ? 123 ARG A CZ  1 
ATOM   987  N  NH1 . ARG A 1 124 ? 12.547  4.335   -3.613  1.00 14.34 ? 123 ARG A NH1 1 
ATOM   988  N  NH2 . ARG A 1 124 ? 13.874  5.158   -1.944  1.00 15.71 ? 123 ARG A NH2 1 
ATOM   989  N  N   . GLU A 1 125 ? 9.474   10.273  -7.920  1.00 9.28  ? 124 GLU A N   1 
ATOM   990  C  CA  . GLU A 1 125 ? 9.397   10.793  -9.310  1.00 11.26 ? 124 GLU A CA  1 
ATOM   991  C  C   . GLU A 1 125 ? 10.743  11.392  -9.678  1.00 10.78 ? 124 GLU A C   1 
ATOM   992  O  O   . GLU A 1 125 ? 11.224  12.339  -9.019  1.00 11.86 ? 124 GLU A O   1 
ATOM   993  C  CB  . GLU A 1 125 ? 8.233   11.730  -9.520  1.00 11.00 ? 124 GLU A CB  1 
ATOM   994  C  CG  . GLU A 1 125 ? 8.168   12.297  -10.911 1.00 15.34 ? 124 GLU A CG  1 
ATOM   995  C  CD  . GLU A 1 125 ? 7.093   13.355  -11.062 1.00 19.99 ? 124 GLU A CD  1 
ATOM   996  O  OE1 . GLU A 1 125 ? 6.801   14.058  -10.066 1.00 25.02 ? 124 GLU A OE1 1 
ATOM   997  O  OE2 . GLU A 1 125 ? 6.582   13.497  -12.201 1.00 27.31 ? 124 GLU A OE2 1 
ATOM   998  N  N   . GLY A 1 126 ? 11.401  10.757  -10.669 1.00 11.72 ? 125 GLY A N   1 
ATOM   999  C  CA  . GLY A 1 126 ? 12.763  11.169  -11.027 1.00 12.02 ? 125 GLY A CA  1 
ATOM   1000 C  C   . GLY A 1 126 ? 13.617  11.136  -9.797  1.00 12.71 ? 125 GLY A C   1 
ATOM   1001 O  O   . GLY A 1 126 ? 13.566  10.164  -9.022  1.00 13.48 ? 125 GLY A O   1 
ATOM   1002 N  N   . SER A 1 127 ? 14.324  12.237  -9.543  1.00 14.33 ? 126 SER A N   1 
ATOM   1003 C  CA  . SER A 1 127 ? 15.274  12.315  -8.442  1.00 15.12 ? 126 SER A CA  1 
ATOM   1004 C  C   . SER A 1 127 ? 14.664  12.564  -7.078  1.00 15.54 ? 126 SER A C   1 
ATOM   1005 O  O   . SER A 1 127 ? 15.390  12.576  -6.086  1.00 17.76 ? 126 SER A O   1 
ATOM   1006 C  CB  . SER A 1 127 ? 16.345  13.360  -8.734  1.00 15.86 ? 126 SER A CB  1 
ATOM   1007 O  OG  . SER A 1 127 ? 15.780  14.680  -8.826  1.00 17.52 ? 126 SER A OG  1 
ATOM   1008 N  N   . LYS A 1 128 ? 13.354  12.754  -6.986  1.00 16.64 ? 127 LYS A N   1 
ATOM   1009 C  CA  . LYS A 1 128 ? 12.721  13.205  -5.759  1.00 16.36 ? 127 LYS A CA  1 
ATOM   1010 C  C   . LYS A 1 128 ? 11.895  12.099  -5.158  1.00 15.95 ? 127 LYS A C   1 
ATOM   1011 O  O   . LYS A 1 128 ? 11.180  11.379  -5.852  1.00 15.92 ? 127 LYS A O   1 
ATOM   1012 C  CB  . LYS A 1 128 ? 11.814  14.384  -6.047  1.00 17.36 ? 127 LYS A CB  1 
ATOM   1013 C  CG  . LYS A 1 128 ? 12.475  15.641  -6.553  1.00 21.22 ? 127 LYS A CG  1 
ATOM   1014 C  CD  . LYS A 1 128 ? 13.935  15.876  -6.079  1.00 26.37 ? 127 LYS A CD  1 
ATOM   1015 C  CE  . LYS A 1 128 ? 14.607  17.026  -6.836  1.00 30.09 ? 127 LYS A CE  1 
ATOM   1016 N  NZ  . LYS A 1 128 ? 16.126  16.870  -6.799  1.00 34.14 ? 127 LYS A NZ  1 
ATOM   1017 N  N   . ASP A 1 129 ? 11.986  12.013  -3.851  1.00 14.68 ? 128 ASP A N   1 
ATOM   1018 C  CA  . ASP A 1 129 ? 11.061  11.204  -3.087  1.00 15.28 ? 128 ASP A CA  1 
ATOM   1019 C  C   . ASP A 1 129 ? 9.833   12.077  -2.827  1.00 14.87 ? 128 ASP A C   1 
ATOM   1020 O  O   . ASP A 1 129 ? 9.965   13.178  -2.299  1.00 18.28 ? 128 ASP A O   1 
ATOM   1021 C  CB  . ASP A 1 129 ? 11.662  10.811  -1.741  1.00 14.53 ? 128 ASP A CB  1 
ATOM   1022 C  CG  . ASP A 1 129 ? 12.796  9.849   -1.835  1.00 16.22 ? 128 ASP A CG  1 
ATOM   1023 O  OD1 . ASP A 1 129 ? 12.981  9.206   -2.884  1.00 16.81 ? 128 ASP A OD1 1 
ATOM   1024 O  OD2 . ASP A 1 129 ? 13.559  9.640   -0.854  1.00 16.37 ? 128 ASP A OD2 1 
ATOM   1025 N  N   . LEU A 1 130 ? 8.642   11.617  -3.212  1.00 14.57 ? 129 LEU A N   1 
ATOM   1026 C  CA  . LEU A 1 130 ? 7.404   12.420  -3.089  1.00 14.36 ? 129 LEU A CA  1 
ATOM   1027 C  C   . LEU A 1 130 ? 6.642   12.184  -1.783  1.00 15.78 ? 129 LEU A C   1 
ATOM   1028 O  O   . LEU A 1 130 ? 6.120   13.123  -1.199  1.00 16.72 ? 129 LEU A O   1 
ATOM   1029 C  CB  . LEU A 1 130 ? 6.421   12.142  -4.239  1.00 13.77 ? 129 LEU A CB  1 
ATOM   1030 C  CG  . LEU A 1 130 ? 6.804   12.383  -5.702  1.00 16.90 ? 129 LEU A CG  1 
ATOM   1031 C  CD1 . LEU A 1 130 ? 5.682   11.945  -6.691  1.00 19.49 ? 129 LEU A CD1 1 
ATOM   1032 C  CD2 . LEU A 1 130 ? 7.191   13.855  -5.903  1.00 15.49 ? 129 LEU A CD2 1 
ATOM   1033 N  N   . GLY A 1 131 ? 6.624   10.945  -1.308  1.00 15.48 ? 130 GLY A N   1 
ATOM   1034 C  CA  . GLY A 1 131 ? 5.786   10.533  -0.176  1.00 15.15 ? 130 GLY A CA  1 
ATOM   1035 C  C   . GLY A 1 131 ? 6.345   9.282   0.494   1.00 14.10 ? 130 GLY A C   1 
ATOM   1036 O  O   . GLY A 1 131 ? 6.822   8.372   -0.193  1.00 12.84 ? 130 GLY A O   1 
ATOM   1037 N  N   . ASP A 1 132 ? 6.327   9.250   1.836   1.00 11.53 ? 131 ASP A N   1 
ATOM   1038 C  CA  . ASP A 1 132 ? 6.680   8.088   2.641   1.00 11.40 ? 131 ASP A CA  1 
ATOM   1039 C  C   . ASP A 1 132 ? 5.452   7.698   3.450   1.00 11.70 ? 131 ASP A C   1 
ATOM   1040 O  O   . ASP A 1 132 ? 4.885   8.564   4.121   1.00 12.92 ? 131 ASP A O   1 
ATOM   1041 C  CB  . ASP A 1 132 ? 7.829   8.544   3.561   1.00 12.32 ? 131 ASP A CB  1 
ATOM   1042 C  CG  . ASP A 1 132 ? 8.366   7.470   4.386   1.00 8.23  ? 131 ASP A CG  1 
ATOM   1043 O  OD1 . ASP A 1 132 ? 9.349   6.821   3.959   1.00 16.88 ? 131 ASP A OD1 1 
ATOM   1044 O  OD2 . ASP A 1 132 ? 7.958   7.195   5.524   1.00 15.88 ? 131 ASP A OD2 1 
ATOM   1045 N  N   . LEU A 1 133 ? 5.023   6.442   3.391   1.00 9.48  ? 132 LEU A N   1 
ATOM   1046 C  CA  . LEU A 1 133 ? 3.748   6.045   4.017   1.00 10.45 ? 132 LEU A CA  1 
ATOM   1047 C  C   . LEU A 1 133 ? 3.920   4.669   4.688   1.00 10.65 ? 132 LEU A C   1 
ATOM   1048 O  O   . LEU A 1 133 ? 4.481   3.770   4.108   1.00 7.66  ? 132 LEU A O   1 
ATOM   1049 C  CB  . LEU A 1 133 ? 2.675   5.959   2.938   1.00 11.58 ? 132 LEU A CB  1 
ATOM   1050 C  CG  . LEU A 1 133 ? 1.195   5.850   3.315   1.00 11.58 ? 132 LEU A CG  1 
ATOM   1051 C  CD1 . LEU A 1 133 ? 0.718   7.157   3.928   1.00 10.51 ? 132 LEU A CD1 1 
ATOM   1052 C  CD2 . LEU A 1 133 ? 0.373   5.521   2.092   1.00 10.99 ? 132 LEU A CD2 1 
ATOM   1053 N  N   . TYR A 1 134 ? 3.500   4.532   5.943   1.00 7.67  ? 133 TYR A N   1 
ATOM   1054 C  CA  . TYR A 1 134 ? 3.267   3.236   6.535   1.00 6.70  ? 133 TYR A CA  1 
ATOM   1055 C  C   . TYR A 1 134 ? 1.802   2.904   6.529   1.00 6.96  ? 133 TYR A C   1 
ATOM   1056 O  O   . TYR A 1 134 ? 1.026   3.777   6.847   1.00 8.15  ? 133 TYR A O   1 
ATOM   1057 C  CB  . TYR A 1 134 ? 3.751   3.206   7.987   1.00 7.63  ? 133 TYR A CB  1 
ATOM   1058 C  CG  . TYR A 1 134 ? 5.266   3.260   8.200   1.00 8.19  ? 133 TYR A CG  1 
ATOM   1059 C  CD1 . TYR A 1 134 ? 6.072   2.100   8.283   1.00 8.46  ? 133 TYR A CD1 1 
ATOM   1060 C  CD2 . TYR A 1 134 ? 5.920   4.480   8.387   1.00 9.49  ? 133 TYR A CD2 1 
ATOM   1061 C  CE1 . TYR A 1 134 ? 7.460   2.155   8.502   1.00 8.84  ? 133 TYR A CE1 1 
ATOM   1062 C  CE2 . TYR A 1 134 ? 7.308   4.534   8.640   1.00 9.63  ? 133 TYR A CE2 1 
ATOM   1063 C  CZ  . TYR A 1 134 ? 8.074   3.355   8.715   1.00 11.09 ? 133 TYR A CZ  1 
ATOM   1064 O  OH  . TYR A 1 134 ? 9.447   3.399   8.974   1.00 10.30 ? 133 TYR A OH  1 
ATOM   1065 N  N   . THR A 1 135 ? 1.404   1.667   6.165   1.00 6.50  ? 134 THR A N   1 
ATOM   1066 C  CA  . THR A 1 135 ? 0.027   1.273   6.180   1.00 7.28  ? 134 THR A CA  1 
ATOM   1067 C  C   . THR A 1 135 ? -0.193  -0.044  6.864   1.00 7.27  ? 134 THR A C   1 
ATOM   1068 O  O   . THR A 1 135 ? 0.552   -1.007  6.616   1.00 8.05  ? 134 THR A O   1 
ATOM   1069 C  CB  . THR A 1 135 ? -0.517  1.136   4.735   1.00 6.14  ? 134 THR A CB  1 
ATOM   1070 O  OG1 . THR A 1 135 ? 0.253   0.186   3.997   1.00 8.58  ? 134 THR A OG1 1 
ATOM   1071 C  CG2 . THR A 1 135 ? -0.325  2.451   4.000   1.00 9.83  ? 134 THR A CG2 1 
ATOM   1072 N  N   . VAL A 1 136 ? -1.139  -0.064  7.762   1.00 6.73  ? 135 VAL A N   1 
ATOM   1073 C  CA  . VAL A 1 136 ? -1.696  -1.292  8.343   1.00 5.76  ? 135 VAL A CA  1 
ATOM   1074 C  C   . VAL A 1 136 ? -2.851  -1.765  7.477   1.00 5.75  ? 135 VAL A C   1 
ATOM   1075 O  O   . VAL A 1 136 ? -3.701  -0.967  7.090   1.00 8.38  ? 135 VAL A O   1 
ATOM   1076 C  CB  . VAL A 1 136 ? -2.209  -1.042  9.765   1.00 5.78  ? 135 VAL A CB  1 
ATOM   1077 C  CG1 . VAL A 1 136 ? -2.800  -2.331  10.368  1.00 7.11  ? 135 VAL A CG1 1 
ATOM   1078 C  CG2 . VAL A 1 136 ? -1.106  -0.559  10.690  1.00 4.01  ? 135 VAL A CG2 1 
ATOM   1079 N  N   . LEU A 1 137 ? -2.894  -3.044  7.187   1.00 5.25  ? 136 LEU A N   1 
ATOM   1080 C  CA  . LEU A 1 137 ? -3.827  -3.633  6.226   1.00 5.49  ? 136 LEU A CA  1 
ATOM   1081 C  C   . LEU A 1 137 ? -4.620  -4.776  6.883   1.00 4.93  ? 136 LEU A C   1 
ATOM   1082 O  O   . LEU A 1 137 ? -4.040  -5.611  7.659   1.00 5.72  ? 136 LEU A O   1 
ATOM   1083 C  CB  . LEU A 1 137 ? -2.972  -4.237  5.107   1.00 5.86  ? 136 LEU A CB  1 
ATOM   1084 C  CG  . LEU A 1 137 ? -1.961  -3.329  4.382   1.00 6.83  ? 136 LEU A CG  1 
ATOM   1085 C  CD1 . LEU A 1 137 ? -1.133  -4.077  3.304   1.00 6.35  ? 136 LEU A CD1 1 
ATOM   1086 C  CD2 . LEU A 1 137 ? -2.691  -2.103  3.770   1.00 7.17  ? 136 LEU A CD2 1 
ATOM   1087 N  N   . THR A 1 138 ? -5.905  -4.859  6.552   1.00 6.61  ? 137 THR A N   1 
ATOM   1088 C  CA  . THR A 1 138 ? -6.747  -6.030  6.881   1.00 7.02  ? 137 THR A CA  1 
ATOM   1089 C  C   . THR A 1 138 ? -7.494  -6.561  5.634   1.00 6.13  ? 137 THR A C   1 
ATOM   1090 O  O   . THR A 1 138 ? -7.551  -5.888  4.598   1.00 6.21  ? 137 THR A O   1 
ATOM   1091 C  CB  . THR A 1 138 ? -7.750  -5.668  8.028   1.00 7.41  ? 137 THR A CB  1 
ATOM   1092 O  OG1 . THR A 1 138 ? -8.555  -4.566  7.632   1.00 9.70  ? 137 THR A OG1 1 
ATOM   1093 C  CG2 . THR A 1 138 ? -7.051  -5.208  9.279   1.00 11.71 ? 137 THR A CG2 1 
ATOM   1094 N  N   . HIS A 1 139 ? -8.035  -7.782  5.684   1.00 6.27  ? 138 HIS A N   1 
ATOM   1095 C  CA  . HIS A 1 139 ? -8.722  -8.381  4.523   1.00 6.49  ? 138 HIS A CA  1 
ATOM   1096 C  C   . HIS A 1 139 ? -10.163 -8.023  4.340   1.00 6.20  ? 138 HIS A C   1 
ATOM   1097 O  O   . HIS A 1 139 ? -10.766 -8.323  3.288   1.00 6.46  ? 138 HIS A O   1 
ATOM   1098 C  CB  . HIS A 1 139 ? -8.608  -9.919  4.590   1.00 6.73  ? 138 HIS A CB  1 
ATOM   1099 C  CG  . HIS A 1 139 ? -7.256  -10.440 4.228   1.00 5.31  ? 138 HIS A CG  1 
ATOM   1100 N  ND1 . HIS A 1 139 ? -6.575  -10.063 3.087   1.00 7.55  ? 138 HIS A ND1 1 
ATOM   1101 C  CD2 . HIS A 1 139 ? -6.491  -11.386 4.837   1.00 9.39  ? 138 HIS A CD2 1 
ATOM   1102 C  CE1 . HIS A 1 139 ? -5.450  -10.748 3.012   1.00 9.07  ? 138 HIS A CE1 1 
ATOM   1103 N  NE2 . HIS A 1 139 ? -5.375  -11.555 4.067   1.00 8.79  ? 138 HIS A NE2 1 
ATOM   1104 N  N   . GLN A 1 140 ? -10.715 -7.368  5.351   1.00 6.14  ? 139 GLN A N   1 
ATOM   1105 C  CA  . GLN A 1 140 ? -12.096 -6.831  5.248   1.00 7.76  ? 139 GLN A CA  1 
ATOM   1106 C  C   . GLN A 1 140 ? -12.108 -5.402  5.772   1.00 9.42  ? 139 GLN A C   1 
ATOM   1107 O  O   . GLN A 1 140 ? -11.317 -5.065  6.620   1.00 9.00  ? 139 GLN A O   1 
ATOM   1108 C  CB  . GLN A 1 140 ? -13.110 -7.692  6.023   1.00 8.25  ? 139 GLN A CB  1 
ATOM   1109 C  CG  . GLN A 1 140 ? -13.048 -9.183  5.729   1.00 10.73 ? 139 GLN A CG  1 
ATOM   1110 C  CD  . GLN A 1 140 ? -12.013 -9.945  6.598   1.00 8.03  ? 139 GLN A CD  1 
ATOM   1111 O  OE1 . GLN A 1 140 ? -11.432 -10.924 6.128   1.00 15.24 ? 139 GLN A OE1 1 
ATOM   1112 N  NE2 . GLN A 1 140 ? -11.808 -9.516  7.816   1.00 10.17 ? 139 GLN A NE2 1 
ATOM   1113 N  N   . LYS A 1 141 ? -13.022 -4.598  5.226   1.00 9.39  ? 140 LYS A N   1 
ATOM   1114 C  CA  . LYS A 1 141 ? -13.275 -3.250  5.689   1.00 11.17 ? 140 LYS A CA  1 
ATOM   1115 C  C   . LYS A 1 141 ? -13.534 -3.232  7.207   1.00 10.95 ? 140 LYS A C   1 
ATOM   1116 O  O   . LYS A 1 141 ? -14.366 -3.985  7.712   1.00 12.33 ? 140 LYS A O   1 
ATOM   1117 C  CB  . LYS A 1 141 ? -14.458 -2.687  4.870   1.00 10.51 ? 140 LYS A CB  1 
ATOM   1118 C  CG  . LYS A 1 141 ? -14.818 -1.248  5.184   1.00 12.35 ? 140 LYS A CG  1 
ATOM   1119 C  CD  . LYS A 1 141 ? -16.077 -0.784  4.433   1.00 9.66  ? 140 LYS A CD  1 
ATOM   1120 C  CE  . LYS A 1 141 ? -16.349 0.716   4.806   1.00 10.41 ? 140 LYS A CE  1 
ATOM   1121 N  NZ  . LYS A 1 141 ? -16.933 0.959   6.171   1.00 13.99 ? 140 LYS A NZ  1 
ATOM   1122 N  N   . ASP A 1 142 ? -12.758 -2.395  7.880   1.00 13.09 ? 141 ASP A N   1 
ATOM   1123 C  CA  . ASP A 1 142 ? -12.910 -2.164  9.317   1.00 15.10 ? 141 ASP A CA  1 
ATOM   1124 C  C   . ASP A 1 142 ? -12.655 -3.353  10.256  1.00 13.93 ? 141 ASP A C   1 
ATOM   1125 O  O   . ASP A 1 142 ? -12.982 -3.258  11.444  1.00 17.08 ? 141 ASP A O   1 
ATOM   1126 C  CB  . ASP A 1 142 ? -14.285 -1.548  9.589   1.00 15.73 ? 141 ASP A CB  1 
ATOM   1127 C  CG  . ASP A 1 142 ? -14.429 -0.126  9.005   1.00 17.74 ? 141 ASP A CG  1 
ATOM   1128 O  OD1 . ASP A 1 142 ? -13.443 0.686   8.947   1.00 22.02 ? 141 ASP A OD1 1 
ATOM   1129 O  OD2 . ASP A 1 142 ? -15.516 0.265   8.637   1.00 20.05 ? 141 ASP A OD2 1 
ATOM   1130 N  N   . ALA A 1 143 ? -12.105 -4.489  9.748   1.00 13.39 ? 142 ALA A N   1 
ATOM   1131 C  CA  . ALA A 1 143 ? -11.622 -5.585  10.636  1.00 11.85 ? 142 ALA A CA  1 
ATOM   1132 C  C   . ALA A 1 143 ? -10.515 -5.071  11.538  1.00 11.24 ? 142 ALA A C   1 
ATOM   1133 O  O   . ALA A 1 143 ? -9.739  -4.228  11.122  1.00 11.68 ? 142 ALA A O   1 
ATOM   1134 C  CB  . ALA A 1 143 ? -11.060 -6.723  9.838   1.00 10.97 ? 142 ALA A CB  1 
ATOM   1135 N  N   . GLU A 1 144 ? -10.408 -5.589  12.758  1.00 10.73 ? 143 GLU A N   1 
ATOM   1136 C  CA  . GLU A 1 144 ? -9.332  -5.195  13.681  1.00 10.48 ? 143 GLU A CA  1 
ATOM   1137 C  C   . GLU A 1 144 ? -8.020  -5.820  13.215  1.00 8.92  ? 143 GLU A C   1 
ATOM   1138 O  O   . GLU A 1 144 ? -7.969  -7.017  12.948  1.00 8.13  ? 143 GLU A O   1 
ATOM   1139 C  CB  . GLU A 1 144 ? -9.597  -5.638  15.129  1.00 11.33 ? 143 GLU A CB  1 
ATOM   1140 C  CG  . GLU A 1 144 ? -10.984 -5.288  15.673  1.00 13.42 ? 143 GLU A CG  1 
ATOM   1141 C  CD  . GLU A 1 144 ? -11.317 -3.781  15.708  1.00 16.57 ? 143 GLU A CD  1 
ATOM   1142 O  OE1 . GLU A 1 144 ? -10.379 -2.989  15.979  1.00 20.43 ? 143 GLU A OE1 1 
ATOM   1143 O  OE2 . GLU A 1 144 ? -12.544 -3.403  15.510  1.00 21.28 ? 143 GLU A OE2 1 
ATOM   1144 N  N   . PRO A 1 145 ? -6.920  -5.039  13.223  1.00 8.25  ? 144 PRO A N   1 
ATOM   1145 C  CA  . PRO A 1 145 ? -5.595  -5.638  12.914  1.00 7.83  ? 144 PRO A CA  1 
ATOM   1146 C  C   . PRO A 1 145 ? -5.198  -6.639  14.025  1.00 7.55  ? 144 PRO A C   1 
ATOM   1147 O  O   . PRO A 1 145 ? -5.646  -6.451  15.189  1.00 10.49 ? 144 PRO A O   1 
ATOM   1148 C  CB  . PRO A 1 145 ? -4.624  -4.434  12.909  1.00 8.51  ? 144 PRO A CB  1 
ATOM   1149 C  CG  . PRO A 1 145 ? -5.521  -3.162  12.951  1.00 7.68  ? 144 PRO A CG  1 
ATOM   1150 C  CD  . PRO A 1 145 ? -6.886  -3.581  13.442  1.00 7.36  ? 144 PRO A CD  1 
ATOM   1151 N  N   . SER A 1 146 ? -4.395  -7.644  13.667  1.00 6.38  ? 145 SER A N   1 
ATOM   1152 C  CA  . SER A 1 146 ? -3.919  -8.688  14.610  1.00 7.25  ? 145 SER A CA  1 
ATOM   1153 C  C   . SER A 1 146 ? -2.936  -8.131  15.656  1.00 8.31  ? 145 SER A C   1 
ATOM   1154 O  O   . SER A 1 146 ? -2.298  -7.049  15.448  1.00 7.07  ? 145 SER A O   1 
ATOM   1155 C  CB  . SER A 1 146 ? -3.285  -9.829  13.797  1.00 6.96  ? 145 SER A CB  1 
ATOM   1156 O  OG  . SER A 1 146 ? -2.051  -9.370  13.255  1.00 8.11  ? 145 SER A OG  1 
ATOM   1157 N  N   . ALA A 1 147 ? -2.884  -8.795  16.838  1.00 8.28  ? 146 ALA A N   1 
ATOM   1158 C  CA  . ALA A 1 147 ? -1.884  -8.408  17.833  1.00 8.71  ? 146 ALA A CA  1 
ATOM   1159 C  C   . ALA A 1 147 ? -0.505  -8.448  17.263  1.00 8.48  ? 146 ALA A C   1 
ATOM   1160 O  O   . ALA A 1 147 ? 0.350   -7.584  17.582  1.00 10.37 ? 146 ALA A O   1 
ATOM   1161 C  CB  . ALA A 1 147 ? -1.947  -9.326  19.045  1.00 9.44  ? 146 ALA A CB  1 
ATOM   1162 N  N   . LYS A 1 148 ? -0.244  -9.422  16.374  1.00 8.44  ? 147 LYS A N   1 
ATOM   1163 C  CA  . LYS A 1 148 ? 1.047   -9.535  15.773  1.00 8.71  ? 147 LYS A CA  1 
ATOM   1164 C  C   . LYS A 1 148 ? 1.463   -8.287  14.966  1.00 8.01  ? 147 LYS A C   1 
ATOM   1165 O  O   . LYS A 1 148 ? 2.614   -7.866  14.998  1.00 10.19 ? 147 LYS A O   1 
ATOM   1166 C  CB  . LYS A 1 148 ? 1.110   -10.799 14.913  1.00 9.12  ? 147 LYS A CB  1 
ATOM   1167 C  CG  . LYS A 1 148 ? 2.506   -11.109 14.404  1.00 12.73 ? 147 LYS A CG  1 
ATOM   1168 C  CD  . LYS A 1 148 ? 2.510   -12.221 13.338  1.00 19.60 ? 147 LYS A CD  1 
ATOM   1169 C  CE  . LYS A 1 148 ? 3.251   -13.456 13.720  1.00 25.54 ? 147 LYS A CE  1 
ATOM   1170 N  NZ  . LYS A 1 148 ? 2.694   -14.600 12.934  1.00 29.67 ? 147 LYS A NZ  1 
ATOM   1171 N  N   . VAL A 1 149 ? 0.554   -7.805  14.133  1.00 8.14  ? 148 VAL A N   1 
ATOM   1172 C  CA  . VAL A 1 149 ? 0.812   -6.652  13.299  1.00 6.16  ? 148 VAL A CA  1 
ATOM   1173 C  C   . VAL A 1 149 ? 0.906   -5.391  14.220  1.00 7.44  ? 148 VAL A C   1 
ATOM   1174 O  O   . VAL A 1 149 ? 1.708   -4.478  13.992  1.00 8.69  ? 148 VAL A O   1 
ATOM   1175 C  CB  . VAL A 1 149 ? -0.218  -6.503  12.135  1.00 5.76  ? 148 VAL A CB  1 
ATOM   1176 C  CG1 . VAL A 1 149 ? -0.225  -5.050  11.585  1.00 5.12  ? 148 VAL A CG1 1 
ATOM   1177 C  CG2 . VAL A 1 149 ? -0.070  -7.581  11.079  1.00 8.16  ? 148 VAL A CG2 1 
ATOM   1178 N  N   . LYS A 1 150 ? 0.080   -5.328  15.251  1.00 8.29  ? 149 LYS A N   1 
ATOM   1179 C  CA  . LYS A 1 150 ? 0.184   -4.216  16.207  1.00 8.17  ? 149 LYS A CA  1 
ATOM   1180 C  C   . LYS A 1 150 ? 1.586   -4.148  16.880  1.00 9.47  ? 149 LYS A C   1 
ATOM   1181 O  O   . LYS A 1 150 ? 2.161   -3.092  17.107  1.00 9.66  ? 149 LYS A O   1 
ATOM   1182 C  CB  . LYS A 1 150 ? -0.927  -4.264  17.270  1.00 8.27  ? 149 LYS A CB  1 
ATOM   1183 C  CG  . LYS A 1 150 ? -2.271  -3.829  16.799  1.00 9.43  ? 149 LYS A CG  1 
ATOM   1184 C  CD  . LYS A 1 150 ? -3.344  -3.965  17.880  1.00 11.18 ? 149 LYS A CD  1 
ATOM   1185 C  CE  . LYS A 1 150 ? -4.747  -3.693  17.382  1.00 12.73 ? 149 LYS A CE  1 
ATOM   1186 N  NZ  . LYS A 1 150 ? -5.867  -3.736  18.435  1.00 9.92  ? 149 LYS A NZ  1 
ATOM   1187 N  N   . SER A 1 151 ? 2.081   -5.320  17.264  1.00 10.23 ? 150 SER A N   1 
ATOM   1188 C  CA  . SER A 1 151 ? 3.422   -5.518  17.769  1.00 11.27 ? 150 SER A CA  1 
ATOM   1189 C  C   . SER A 1 151 ? 4.512   -5.048  16.780  1.00 9.97  ? 150 SER A C   1 
ATOM   1190 O  O   . SER A 1 151 ? 5.459   -4.345  17.208  1.00 10.31 ? 150 SER A O   1 
ATOM   1191 C  CB  . SER A 1 151 ? 3.597   -6.979  18.153  1.00 12.00 ? 150 SER A CB  1 
ATOM   1192 O  OG  . SER A 1 151 ? 4.886   -7.114  18.703  1.00 18.89 ? 150 SER A OG  1 
ATOM   1193 N  N   . ALA A 1 152 ? 4.328   -5.324  15.491  1.00 9.61  ? 151 ALA A N   1 
ATOM   1194 C  CA  . ALA A 1 152 ? 5.257   -4.903  14.415  1.00 9.99  ? 151 ALA A CA  1 
ATOM   1195 C  C   . ALA A 1 152 ? 5.308   -3.386  14.251  1.00 10.23 ? 151 ALA A C   1 
ATOM   1196 O  O   . ALA A 1 152 ? 6.347   -2.836  13.930  1.00 11.87 ? 151 ALA A O   1 
ATOM   1197 C  CB  . ALA A 1 152 ? 4.896   -5.525  13.103  1.00 9.92  ? 151 ALA A CB  1 
ATOM   1198 N  N   . VAL A 1 153 ? 4.186   -2.696  14.510  1.00 9.85  ? 152 VAL A N   1 
ATOM   1199 C  CA  . VAL A 1 153 ? 4.158   -1.202  14.497  1.00 9.92  ? 152 VAL A CA  1 
ATOM   1200 C  C   . VAL A 1 153 ? 5.129   -0.666  15.541  1.00 10.85 ? 152 VAL A C   1 
ATOM   1201 O  O   . VAL A 1 153 ? 5.937   0.184   15.261  1.00 10.88 ? 152 VAL A O   1 
ATOM   1202 C  CB  . VAL A 1 153 ? 2.698   -0.655  14.653  1.00 9.71  ? 152 VAL A CB  1 
ATOM   1203 C  CG1 . VAL A 1 153 ? 2.669   0.878   14.810  1.00 10.68 ? 152 VAL A CG1 1 
ATOM   1204 C  CG2 . VAL A 1 153 ? 1.879   -1.096  13.444  1.00 10.11 ? 152 VAL A CG2 1 
ATOM   1205 N  N   . THR A 1 154 ? 5.079   -1.247  16.727  1.00 11.71 ? 153 THR A N   1 
ATOM   1206 C  CA  . THR A 1 154 ? 5.898   -0.823  17.852  1.00 12.85 ? 153 THR A CA  1 
ATOM   1207 C  C   . THR A 1 154 ? 7.347   -1.237  17.550  1.00 14.48 ? 153 THR A C   1 
ATOM   1208 O  O   . THR A 1 154 ? 8.247   -0.430  17.737  1.00 13.92 ? 153 THR A O   1 
ATOM   1209 C  CB  . THR A 1 154 ? 5.313   -1.431  19.156  1.00 12.53 ? 153 THR A CB  1 
ATOM   1210 O  OG1 . THR A 1 154 ? 3.974   -0.970  19.415  1.00 10.67 ? 153 THR A OG1 1 
ATOM   1211 C  CG2 . THR A 1 154 ? 6.123   -1.005  20.420  1.00 15.03 ? 153 THR A CG2 1 
ATOM   1212 N  N   . GLN A 1 155 ? 7.563   -2.427  16.983  1.00 15.98 ? 154 GLN A N   1 
ATOM   1213 C  CA  . GLN A 1 155 ? 8.896   -2.915  16.544  1.00 19.33 ? 154 GLN A CA  1 
ATOM   1214 C  C   . GLN A 1 155 ? 9.548   -1.999  15.542  1.00 18.98 ? 154 GLN A C   1 
ATOM   1215 O  O   . GLN A 1 155 ? 10.780  -1.944  15.445  1.00 20.09 ? 154 GLN A O   1 
ATOM   1216 C  CB  . GLN A 1 155 ? 8.819   -4.319  15.912  1.00 19.74 ? 154 GLN A CB  1 
ATOM   1217 C  CG  . GLN A 1 155 ? 8.619   -5.501  16.868  1.00 24.76 ? 154 GLN A CG  1 
ATOM   1218 C  CD  . GLN A 1 155 ? 8.047   -6.793  16.157  1.00 30.15 ? 154 GLN A CD  1 
ATOM   1219 O  OE1 . GLN A 1 155 ? 8.112   -6.942  14.913  1.00 33.85 ? 154 GLN A OE1 1 
ATOM   1220 N  NE2 . GLN A 1 155 ? 7.474   -7.694  16.953  1.00 33.20 ? 154 GLN A NE2 1 
ATOM   1221 N  N   . ALA A 1 156 ? 8.731   -1.280  14.771  1.00 17.19 ? 155 ALA A N   1 
ATOM   1222 C  CA  . ALA A 1 156 ? 9.217   -0.466  13.674  1.00 17.16 ? 155 ALA A CA  1 
ATOM   1223 C  C   . ALA A 1 156 ? 9.630   0.910   14.168  1.00 16.35 ? 155 ALA A C   1 
ATOM   1224 O  O   . ALA A 1 156 ? 10.058  1.717   13.354  1.00 18.63 ? 155 ALA A O   1 
ATOM   1225 C  CB  . ALA A 1 156 ? 8.177   -0.375  12.555  1.00 16.94 ? 155 ALA A CB  1 
ATOM   1226 N  N   . GLY A 1 157 ? 9.477   1.142   15.476  1.00 16.03 ? 156 GLY A N   1 
ATOM   1227 C  CA  . GLY A 1 157 ? 9.739   2.405   16.174  1.00 15.38 ? 156 GLY A CA  1 
ATOM   1228 C  C   . GLY A 1 157 ? 8.581   3.426   16.223  1.00 13.99 ? 156 GLY A C   1 
ATOM   1229 O  O   . GLY A 1 157 ? 8.782   4.631   16.487  1.00 15.08 ? 156 GLY A O   1 
ATOM   1230 N  N   . LEU A 1 158 ? 7.383   2.968   15.902  1.00 12.09 ? 157 LEU A N   1 
ATOM   1231 C  CA  . LEU A 1 158 ? 6.217   3.831   15.691  1.00 11.13 ? 157 LEU A CA  1 
ATOM   1232 C  C   . LEU A 1 158 ? 5.180   3.708   16.837  1.00 9.64  ? 157 LEU A C   1 
ATOM   1233 O  O   . LEU A 1 158 ? 5.254   2.823   17.658  1.00 10.07 ? 157 LEU A O   1 
ATOM   1234 C  CB  . LEU A 1 158 ? 5.568   3.468   14.349  1.00 8.56  ? 157 LEU A CB  1 
ATOM   1235 C  CG  . LEU A 1 158 ? 6.525   3.491   13.154  1.00 10.97 ? 157 LEU A CG  1 
ATOM   1236 C  CD1 . LEU A 1 158 ? 5.765   3.053   11.885  1.00 13.08 ? 157 LEU A CD1 1 
ATOM   1237 C  CD2 . LEU A 1 158 ? 7.083   4.902   12.972  1.00 9.77  ? 157 LEU A CD2 1 
ATOM   1238 N  N   . GLN A 1 159 ? 4.205   4.596   16.824  1.00 10.64 ? 158 GLN A N   1 
ATOM   1239 C  CA  . GLN A 1 159 ? 3.095   4.646   17.782  1.00 9.89  ? 158 GLN A CA  1 
ATOM   1240 C  C   . GLN A 1 159 ? 1.816   4.535   16.907  1.00 8.70  ? 158 GLN A C   1 
ATOM   1241 O  O   . GLN A 1 159 ? 1.518   5.478   16.129  1.00 8.43  ? 158 GLN A O   1 
ATOM   1242 C  CB  . GLN A 1 159 ? 3.070   5.931   18.650  1.00 10.39 ? 158 GLN A CB  1 
ATOM   1243 C  CG  . GLN A 1 159 ? 3.922   5.850   19.903  1.00 13.16 ? 158 GLN A CG  1 
ATOM   1244 C  CD  . GLN A 1 159 ? 3.950   7.092   20.742  1.00 15.92 ? 158 GLN A CD  1 
ATOM   1245 O  OE1 . GLN A 1 159 ? 5.034   7.675   20.897  1.00 19.82 ? 158 GLN A OE1 1 
ATOM   1246 N  NE2 . GLN A 1 159 ? 2.776   7.521   21.317  1.00 15.68 ? 158 GLN A NE2 1 
ATOM   1247 N  N   . LEU A 1 160 ? 1.097   3.401   17.006  1.00 8.10  ? 159 LEU A N   1 
ATOM   1248 C  CA  . LEU A 1 160 ? -0.114  3.187   16.218  1.00 8.28  ? 159 LEU A CA  1 
ATOM   1249 C  C   . LEU A 1 160 ? -1.061  4.343   16.405  1.00 7.71  ? 159 LEU A C   1 
ATOM   1250 O  O   . LEU A 1 160 ? -1.674  4.801   15.463  1.00 8.46  ? 159 LEU A O   1 
ATOM   1251 C  CB  . LEU A 1 160 ? -0.834  1.840   16.559  1.00 8.10  ? 159 LEU A CB  1 
ATOM   1252 C  CG  . LEU A 1 160 ? -2.058  1.479   15.760  1.00 9.90  ? 159 LEU A CG  1 
ATOM   1253 C  CD1 . LEU A 1 160 ? -1.701  1.465   14.297  1.00 9.23  ? 159 LEU A CD1 1 
ATOM   1254 C  CD2 . LEU A 1 160 ? -2.662  0.152   16.194  1.00 11.20 ? 159 LEU A CD2 1 
ATOM   1255 N  N   . SER A 1 161 ? -1.148  4.883   17.624  1.00 10.65 ? 160 SER A N   1 
ATOM   1256 C  CA  . SER A 1 161 ? -2.064  5.972   17.908  1.00 13.14 ? 160 SER A CA  1 
ATOM   1257 C  C   . SER A 1 161 ? -1.847  7.211   17.049  1.00 13.08 ? 160 SER A C   1 
ATOM   1258 O  O   . SER A 1 161 ? -2.789  8.019   16.894  1.00 13.65 ? 160 SER A O   1 
ATOM   1259 C  CB  . SER A 1 161 ? -2.049  6.321   19.420  1.00 14.58 ? 160 SER A CB  1 
ATOM   1260 O  OG  . SER A 1 161 ? -0.870  6.963   19.843  1.00 16.71 ? 160 SER A OG  1 
ATOM   1261 N  N   . GLN A 1 162 ? -0.616  7.378   16.541  1.00 13.32 ? 161 GLN A N   1 
ATOM   1262 C  CA  . GLN A 1 162 ? -0.252  8.563   15.776  1.00 13.17 ? 161 GLN A CA  1 
ATOM   1263 C  C   . GLN A 1 162 ? -0.579  8.422   14.299  1.00 12.24 ? 161 GLN A C   1 
ATOM   1264 O  O   . GLN A 1 162 ? -0.594  9.403   13.554  1.00 14.07 ? 161 GLN A O   1 
ATOM   1265 C  CB  . GLN A 1 162 ? 1.216   8.925   15.991  1.00 13.91 ? 161 GLN A CB  1 
ATOM   1266 C  CG  . GLN A 1 162 ? 1.453   9.375   17.406  1.00 15.43 ? 161 GLN A CG  1 
ATOM   1267 C  CD  . GLN A 1 162 ? 2.914   9.704   17.695  1.00 21.12 ? 161 GLN A CD  1 
ATOM   1268 O  OE1 . GLN A 1 162 ? 3.736   9.738   16.799  1.00 21.23 ? 161 GLN A OE1 1 
ATOM   1269 N  NE2 . GLN A 1 162 ? 3.222   9.929   18.958  1.00 22.92 ? 161 GLN A NE2 1 
ATOM   1270 N  N   . PHE A 1 163 ? -0.903  7.209   13.874  1.00 8.46  ? 162 PHE A N   1 
ATOM   1271 C  CA  . PHE A 1 163 ? -1.459  7.021   12.549  1.00 8.30  ? 162 PHE A CA  1 
ATOM   1272 C  C   . PHE A 1 163 ? -2.852  7.665   12.415  1.00 8.35  ? 162 PHE A C   1 
ATOM   1273 O  O   . PHE A 1 163 ? -3.576  7.831   13.425  1.00 8.99  ? 162 PHE A O   1 
ATOM   1274 C  CB  . PHE A 1 163 ? -1.619  5.535   12.289  1.00 7.52  ? 162 PHE A CB  1 
ATOM   1275 C  CG  . PHE A 1 163 ? -0.352  4.751   12.033  1.00 7.74  ? 162 PHE A CG  1 
ATOM   1276 C  CD1 . PHE A 1 163 ? 0.698   4.754   12.944  1.00 10.21 ? 162 PHE A CD1 1 
ATOM   1277 C  CD2 . PHE A 1 163 ? -0.231  3.949   10.890  1.00 5.40  ? 162 PHE A CD2 1 
ATOM   1278 C  CE1 . PHE A 1 163 ? 1.849   4.004   12.714  1.00 10.99 ? 162 PHE A CE1 1 
ATOM   1279 C  CE2 . PHE A 1 163 ? 0.923   3.194   10.648  1.00 8.52  ? 162 PHE A CE2 1 
ATOM   1280 C  CZ  . PHE A 1 163 ? 1.921   3.210   11.590  1.00 10.09 ? 162 PHE A CZ  1 
ATOM   1281 N  N   . VAL A 1 164 ? -3.269  7.915   11.171  1.00 8.19  ? 163 VAL A N   1 
ATOM   1282 C  CA  . VAL A 1 164 ? -4.680  8.241   10.866  1.00 8.18  ? 163 VAL A CA  1 
ATOM   1283 C  C   . VAL A 1 164 ? -5.473  6.962   10.711  1.00 7.61  ? 163 VAL A C   1 
ATOM   1284 O  O   . VAL A 1 164 ? -5.206  6.151   9.843   1.00 8.40  ? 163 VAL A O   1 
ATOM   1285 C  CB  . VAL A 1 164 ? -4.848  9.149   9.602   1.00 8.75  ? 163 VAL A CB  1 
ATOM   1286 C  CG1 . VAL A 1 164 ? -6.320  9.362   9.239   1.00 9.67  ? 163 VAL A CG1 1 
ATOM   1287 C  CG2 . VAL A 1 164 ? -4.169  10.493  9.813   1.00 9.89  ? 163 VAL A CG2 1 
ATOM   1288 N  N   . GLY A 1 165 ? -6.528  6.800   11.516  1.00 8.35  ? 164 GLY A N   1 
ATOM   1289 C  CA  . GLY A 1 165 ? -7.474  5.702   11.410  1.00 9.20  ? 164 GLY A CA  1 
ATOM   1290 C  C   . GLY A 1 165 ? -8.477  5.975   10.305  1.00 11.58 ? 164 GLY A C   1 
ATOM   1291 O  O   . GLY A 1 165 ? -9.093  7.045   10.306  1.00 12.61 ? 164 GLY A O   1 
ATOM   1292 N  N   . THR A 1 166 ? -8.671  5.076   9.337   1.00 10.80 ? 165 THR A N   1 
ATOM   1293 C  CA  . THR A 1 166 ? -9.529  5.398   8.196   1.00 12.08 ? 165 THR A CA  1 
ATOM   1294 C  C   . THR A 1 166 ? -10.993 5.144   8.423   1.00 12.98 ? 165 THR A C   1 
ATOM   1295 O  O   . THR A 1 166 ? -11.819 5.624   7.635   1.00 13.78 ? 165 THR A O   1 
ATOM   1296 C  CB  . THR A 1 166 ? -9.141  4.590   6.945   1.00 10.78 ? 165 THR A CB  1 
ATOM   1297 O  OG1 . THR A 1 166 ? -9.229  3.200   7.250   1.00 11.91 ? 165 THR A OG1 1 
ATOM   1298 C  CG2 . THR A 1 166 ? -7.683  4.929   6.506   1.00 9.19  ? 165 THR A CG2 1 
ATOM   1299 N  N   . LYS A 1 167 ? -11.351 4.433   9.507   1.00 16.42 ? 166 LYS A N   1 
ATOM   1300 C  CA  . LYS A 1 167 ? -12.789 4.154   9.804   1.00 19.11 ? 166 LYS A CA  1 
ATOM   1301 C  C   . LYS A 1 167 ? -13.651 5.448   9.916   1.00 19.65 ? 166 LYS A C   1 
ATOM   1302 O  O   . LYS A 1 167 ? -14.744 5.541   9.334   1.00 23.24 ? 166 LYS A O   1 
ATOM   1303 C  CB  . LYS A 1 167 ? -12.983 3.319   11.069  1.00 20.24 ? 166 LYS A CB  1 
ATOM   1304 C  CG  . LYS A 1 167 ? -14.378 2.691   11.134  1.00 25.53 ? 166 LYS A CG  1 
ATOM   1305 C  CD  . LYS A 1 167 ? -15.036 2.715   12.529  1.00 28.97 ? 166 LYS A CD  1 
ATOM   1306 C  CE  . LYS A 1 167 ? -14.617 1.519   13.380  1.00 31.77 ? 166 LYS A CE  1 
ATOM   1307 N  NZ  . LYS A 1 167 ? -15.577 0.376   13.300  1.00 35.22 ? 166 LYS A NZ  1 
ATOM   1308 N  N   . ASP A 1 168 ? -13.099 6.468   10.566  1.00 19.82 ? 167 ASP A N   1 
ATOM   1309 C  CA  . ASP A 1 168 ? -13.842 7.726   10.745  1.00 20.59 ? 167 ASP A CA  1 
ATOM   1310 C  C   . ASP A 1 168 ? -13.888 8.630   9.505   1.00 19.07 ? 167 ASP A C   1 
ATOM   1311 O  O   . ASP A 1 168 ? -14.498 9.697   9.533   1.00 19.02 ? 167 ASP A O   1 
ATOM   1312 C  CB  . ASP A 1 168 ? -13.224 8.548   11.873  1.00 20.45 ? 167 ASP A CB  1 
ATOM   1313 C  CG  . ASP A 1 168 ? -13.420 7.933   13.264  1.00 25.45 ? 167 ASP A CG  1 
ATOM   1314 O  OD1 . ASP A 1 168 ? -14.356 7.107   13.495  1.00 29.95 ? 167 ASP A OD1 1 
ATOM   1315 O  OD2 . ASP A 1 168 ? -12.645 8.238   14.207  1.00 27.19 ? 167 ASP A OD2 1 
ATOM   1316 N  N   . LEU A 1 169 ? -13.226 8.240   8.422   1.00 16.82 ? 168 LEU A N   1 
ATOM   1317 C  CA  . LEU A 1 169 ? -13.151 9.093   7.244   1.00 15.63 ? 168 LEU A CA  1 
ATOM   1318 C  C   . LEU A 1 169 ? -14.381 9.018   6.334   1.00 14.46 ? 168 LEU A C   1 
ATOM   1319 O  O   . LEU A 1 169 ? -14.493 9.842   5.438   1.00 14.42 ? 168 LEU A O   1 
ATOM   1320 C  CB  . LEU A 1 169 ? -11.917 8.760   6.412   1.00 14.06 ? 168 LEU A CB  1 
ATOM   1321 C  CG  . LEU A 1 169 ? -10.569 9.105   7.092   1.00 15.15 ? 168 LEU A CG  1 
ATOM   1322 C  CD1 . LEU A 1 169 ? -9.435  8.786   6.149   1.00 13.74 ? 168 LEU A CD1 1 
ATOM   1323 C  CD2 . LEU A 1 169 ? -10.445 10.568  7.551   1.00 18.03 ? 168 LEU A CD2 1 
ATOM   1324 N  N   . GLY A 1 170 ? -15.250 8.031   6.521   1.00 16.45 ? 169 GLY A N   1 
ATOM   1325 C  CA  . GLY A 1 170 ? -16.406 7.858   5.662   1.00 15.55 ? 169 GLY A CA  1 
ATOM   1326 C  C   . GLY A 1 170 ? -16.024 7.260   4.324   1.00 14.91 ? 169 GLY A C   1 
ATOM   1327 O  O   . GLY A 1 170 ? -16.513 7.674   3.301   1.00 16.07 ? 169 GLY A O   1 
ATOM   1328 N  N   . CYS A 1 171 ? -15.099 6.310   4.349   1.00 13.72 ? 170 CYS A N   1 
ATOM   1329 C  CA  . CYS A 1 171 ? -14.544 5.680   3.147   1.00 13.93 ? 170 CYS A CA  1 
ATOM   1330 C  C   . CYS A 1 171 ? -15.592 5.067   2.227   1.00 13.70 ? 170 CYS A C   1 
ATOM   1331 O  O   . CYS A 1 171 ? -16.613 4.550   2.674   1.00 15.41 ? 170 CYS A O   1 
ATOM   1332 C  CB  . CYS A 1 171 ? -13.527 4.564   3.516   1.00 12.82 ? 170 CYS A CB  1 
ATOM   1333 S  SG  . CYS A 1 171 ? -12.093 5.115   4.443   1.00 10.76 ? 170 CYS A SG  1 
ATOM   1334 N  N   . GLN A 1 172 ? -15.277 5.093   0.934   1.00 13.52 ? 171 GLN A N   1 
ATOM   1335 C  CA  . GLN A 1 172 ? -16.041 4.409   -0.071  1.00 11.91 ? 171 GLN A CA  1 
ATOM   1336 C  C   . GLN A 1 172 ? -15.061 3.559   -0.924  1.00 11.85 ? 171 GLN A C   1 
ATOM   1337 O  O   . GLN A 1 172 ? -14.105 4.072   -1.423  1.00 13.05 ? 171 GLN A O   1 
ATOM   1338 C  CB  . GLN A 1 172 ? -16.841 5.367   -0.948  1.00 12.00 ? 171 GLN A CB  1 
ATOM   1339 C  CG  . GLN A 1 172 ? -17.826 6.235   -0.132  1.00 12.88 ? 171 GLN A CG  1 
ATOM   1340 C  CD  . GLN A 1 172 ? -19.043 5.493   0.408   1.00 16.84 ? 171 GLN A CD  1 
ATOM   1341 O  OE1 . GLN A 1 172 ? -19.841 6.091   1.168   1.00 19.62 ? 171 GLN A OE1 1 
ATOM   1342 N  NE2 . GLN A 1 172 ? -19.235 4.250   0.001   1.00 17.38 ? 171 GLN A NE2 1 
ATOM   1343 N  N   . TYR A 1 173 ? -15.339 2.276   -1.063  1.00 12.40 ? 172 TYR A N   1 
ATOM   1344 C  CA  . TYR A 1 173 ? -14.569 1.376   -1.859  1.00 11.53 ? 172 TYR A CA  1 
ATOM   1345 C  C   . TYR A 1 173 ? -15.291 0.958   -3.155  1.00 13.12 ? 172 TYR A C   1 
ATOM   1346 O  O   . TYR A 1 173 ? -16.484 1.171   -3.291  1.00 15.92 ? 172 TYR A O   1 
ATOM   1347 C  CB  . TYR A 1 173 ? -14.171 0.168   -1.027  1.00 10.69 ? 172 TYR A CB  1 
ATOM   1348 C  CG  . TYR A 1 173 ? -13.342 0.543   0.147   1.00 7.51  ? 172 TYR A CG  1 
ATOM   1349 C  CD1 . TYR A 1 173 ? -12.005 0.866   -0.014  1.00 9.11  ? 172 TYR A CD1 1 
ATOM   1350 C  CD2 . TYR A 1 173 ? -13.862 0.602   1.432   1.00 8.92  ? 172 TYR A CD2 1 
ATOM   1351 C  CE1 . TYR A 1 173 ? -11.211 1.210   1.036   1.00 7.58  ? 172 TYR A CE1 1 
ATOM   1352 C  CE2 . TYR A 1 173 ? -13.083 1.002   2.513   1.00 7.49  ? 172 TYR A CE2 1 
ATOM   1353 C  CZ  . TYR A 1 173 ? -11.747 1.281   2.335   1.00 7.67  ? 172 TYR A CZ  1 
ATOM   1354 O  OH  . TYR A 1 173 ? -10.975 1.698   3.413   1.00 9.93  ? 172 TYR A OH  1 
ATOM   1355 N  N   . ASP A 1 174 ? -14.542 0.458   -4.122  1.00 13.08 ? 173 ASP A N   1 
ATOM   1356 C  CA  . ASP A 1 174 ? -15.075 -0.131  -5.338  1.00 12.04 ? 173 ASP A CA  1 
ATOM   1357 C  C   . ASP A 1 174 ? -14.553 -1.569  -5.398  1.00 12.68 ? 173 ASP A C   1 
ATOM   1358 O  O   . ASP A 1 174 ? -13.460 -1.851  -5.893  1.00 9.22  ? 173 ASP A O   1 
ATOM   1359 C  CB  . ASP A 1 174 ? -14.671 0.705   -6.534  1.00 13.24 ? 173 ASP A CB  1 
ATOM   1360 C  CG  . ASP A 1 174 ? -15.243 0.207   -7.831  1.00 10.16 ? 173 ASP A CG  1 
ATOM   1361 O  OD1 . ASP A 1 174 ? -15.662 -0.972  -7.927  1.00 15.11 ? 173 ASP A OD1 1 
ATOM   1362 O  OD2 . ASP A 1 174 ? -15.188 0.942   -8.860  1.00 13.50 ? 173 ASP A OD2 1 
ATOM   1363 N  N   . ASP A 1 175 ? -15.345 -2.489  -4.850  1.00 12.33 ? 174 ASP A N   1 
ATOM   1364 C  CA  . ASP A 1 175 ? -14.906 -3.854  -4.777  1.00 12.09 ? 174 ASP A CA  1 
ATOM   1365 C  C   . ASP A 1 175 ? -14.986 -4.539  -6.123  1.00 12.60 ? 174 ASP A C   1 
ATOM   1366 O  O   . ASP A 1 175 ? -14.332 -5.529  -6.288  1.00 13.46 ? 174 ASP A O   1 
ATOM   1367 C  CB  . ASP A 1 175 ? -15.668 -4.672  -3.703  1.00 12.17 ? 174 ASP A CB  1 
ATOM   1368 C  CG  . ASP A 1 175 ? -15.288 -4.293  -2.269  1.00 14.21 ? 174 ASP A CG  1 
ATOM   1369 O  OD1 . ASP A 1 175 ? -14.108 -4.053  -1.927  1.00 10.77 ? 174 ASP A OD1 1 
ATOM   1370 O  OD2 . ASP A 1 175 ? -16.187 -4.255  -1.387  1.00 18.57 ? 174 ASP A OD2 1 
ATOM   1371 N  N   . GLN A 1 176 ? -15.769 -4.028  -7.072  1.00 12.21 ? 175 GLN A N   1 
ATOM   1372 C  CA  . GLN A 1 176 ? -15.706 -4.594  -8.456  1.00 14.21 ? 175 GLN A CA  1 
ATOM   1373 C  C   . GLN A 1 176 ? -14.316 -4.339  -9.097  1.00 12.93 ? 175 GLN A C   1 
ATOM   1374 O  O   . GLN A 1 176 ? -13.738 -5.241  -9.666  1.00 14.51 ? 175 GLN A O   1 
ATOM   1375 C  CB  . GLN A 1 176 ? -16.850 -4.090  -9.358  1.00 14.99 ? 175 GLN A CB  1 
ATOM   1376 C  CG  . GLN A 1 176 ? -18.254 -4.717  -9.060  1.00 22.17 ? 175 GLN A CG  1 
ATOM   1377 C  CD  . GLN A 1 176 ? -18.756 -4.550  -7.613  1.00 26.82 ? 175 GLN A CD  1 
ATOM   1378 O  OE1 . GLN A 1 176 ? -19.112 -5.555  -6.943  1.00 33.20 ? 175 GLN A OE1 1 
ATOM   1379 N  NE2 . GLN A 1 176 ? -18.813 -3.299  -7.130  1.00 30.89 ? 175 GLN A NE2 1 
ATOM   1380 N  N   . PHE A 1 177 ? -13.779 -3.116  -8.953  1.00 13.70 ? 176 PHE A N   1 
ATOM   1381 C  CA  . PHE A 1 177 ? -12.499 -2.741  -9.538  1.00 11.44 ? 176 PHE A CA  1 
ATOM   1382 C  C   . PHE A 1 177 ? -11.383 -3.632  -8.971  1.00 12.58 ? 176 PHE A C   1 
ATOM   1383 O  O   . PHE A 1 177 ? -10.556 -4.169  -9.708  1.00 12.53 ? 176 PHE A O   1 
ATOM   1384 C  CB  . PHE A 1 177 ? -12.159 -1.239  -9.248  1.00 10.80 ? 176 PHE A CB  1 
ATOM   1385 C  CG  . PHE A 1 177 ? -10.792 -0.840  -9.737  1.00 10.32 ? 176 PHE A CG  1 
ATOM   1386 C  CD1 . PHE A 1 177 ? -10.610 -0.480  -11.055 1.00 13.03 ? 176 PHE A CD1 1 
ATOM   1387 C  CD2 . PHE A 1 177 ? -9.673  -0.885  -8.915  1.00 11.60 ? 176 PHE A CD2 1 
ATOM   1388 C  CE1 . PHE A 1 177 ? -9.382  -0.172  -11.564 1.00 13.11 ? 176 PHE A CE1 1 
ATOM   1389 C  CE2 . PHE A 1 177 ? -8.420  -0.579  -9.431  1.00 14.29 ? 176 PHE A CE2 1 
ATOM   1390 C  CZ  . PHE A 1 177 ? -8.259  -0.212  -10.769 1.00 11.00 ? 176 PHE A CZ  1 
ATOM   1391 N  N   . THR A 1 178 ? -11.359 -3.815  -7.651  1.00 12.65 ? 177 THR A N   1 
ATOM   1392 C  CA  . THR A 1 178 ? -10.275 -4.611  -7.045  1.00 14.70 ? 177 THR A CA  1 
ATOM   1393 C  C   . THR A 1 178 ? -10.407 -6.115  -7.234  1.00 17.90 ? 177 THR A C   1 
ATOM   1394 O  O   . THR A 1 178 ? -9.430  -6.878  -6.951  1.00 18.88 ? 177 THR A O   1 
ATOM   1395 C  CB  . THR A 1 178 ? -10.052 -4.250  -5.546  1.00 12.40 ? 177 THR A CB  1 
ATOM   1396 O  OG1 . THR A 1 178 ? -11.298 -4.309  -4.801  1.00 11.14 ? 177 THR A OG1 1 
ATOM   1397 C  CG2 . THR A 1 178 ? -9.563  -2.809  -5.442  1.00 14.43 ? 177 THR A CG2 1 
ATOM   1398 N  N   . SER A 1 179 ? -11.562 -6.582  -7.735  1.00 20.02 ? 178 SER A N   1 
ATOM   1399 C  CA  . SER A 1 179 ? -11.784 -8.027  -7.854  1.00 23.82 ? 178 SER A CA  1 
ATOM   1400 C  C   . SER A 1 179 ? -11.157 -8.609  -9.102  1.00 26.81 ? 178 SER A C   1 
ATOM   1401 O  O   . SER A 1 179 ? -11.207 -8.029  -10.182 1.00 28.41 ? 178 SER A O   1 
ATOM   1402 C  CB  . SER A 1 179 ? -13.240 -8.389  -7.789  1.00 22.99 ? 178 SER A CB  1 
ATOM   1403 O  OG  . SER A 1 179 ? -13.529 -8.687  -6.451  1.00 23.01 ? 178 SER A OG  1 
ATOM   1404 N  N   . LEU A 1 180 ? -10.601 -9.799  -8.928  1.00 30.85 ? 179 LEU A N   1 
ATOM   1405 C  CA  . LEU A 1 180 ? -9.599  -10.379 -9.817  1.00 33.78 ? 179 LEU A CA  1 
ATOM   1406 C  C   . LEU A 1 180 ? -8.241  -9.663  -9.555  1.00 35.15 ? 179 LEU A C   1 
ATOM   1407 O  O   . LEU A 1 180 ? -7.246  -10.302 -9.112  1.00 36.61 ? 179 LEU A O   1 
ATOM   1408 C  CB  . LEU A 1 180 ? -10.042 -10.364 -11.300 1.00 34.11 ? 179 LEU A CB  1 
ATOM   1409 C  CG  . LEU A 1 180 ? -11.116 -11.387 -11.742 1.00 35.02 ? 179 LEU A CG  1 
ATOM   1410 C  CD1 . LEU A 1 180 ? -12.511 -11.139 -11.133 1.00 35.75 ? 179 LEU A CD1 1 
ATOM   1411 C  CD2 . LEU A 1 180 ? -11.203 -11.455 -13.304 1.00 36.20 ? 179 LEU A CD2 1 
ATOM   1412 O  OXT . LEU A 1 180 ? -8.110  -8.430  -9.732  1.00 36.61 ? 179 LEU A OXT 1 
HETATM 1413 C  CHA . HEM B 2 .   ? -0.628  8.778   -4.813  1.00 6.04  ? 201 HEM A CHA 1 
HETATM 1414 C  CHB . HEM B 2 .   ? -2.228  8.996   -0.261  1.00 7.06  ? 201 HEM A CHB 1 
HETATM 1415 C  CHC . HEM B 2 .   ? -2.169  4.123   -0.189  1.00 6.78  ? 201 HEM A CHC 1 
HETATM 1416 C  CHD . HEM B 2 .   ? 0.436   3.979   -4.364  1.00 6.61  ? 201 HEM A CHD 1 
HETATM 1417 C  C1A . HEM B 2 .   ? -1.068  9.261   -3.608  1.00 8.42  ? 201 HEM A C1A 1 
HETATM 1418 C  C2A . HEM B 2 .   ? -1.332  10.676  -3.292  1.00 9.14  ? 201 HEM A C2A 1 
HETATM 1419 C  C3A . HEM B 2 .   ? -1.776  10.713  -2.030  1.00 8.85  ? 201 HEM A C3A 1 
HETATM 1420 C  C4A . HEM B 2 .   ? -1.803  9.381   -1.494  1.00 6.42  ? 201 HEM A C4A 1 
HETATM 1421 C  CMA . HEM B 2 .   ? -2.196  11.948  -1.234  1.00 8.73  ? 201 HEM A CMA 1 
HETATM 1422 C  CAA . HEM B 2 .   ? -1.163  11.894  -4.231  1.00 8.90  ? 201 HEM A CAA 1 
HETATM 1423 C  CBA . HEM B 2 .   ? -2.505  12.191  -4.905  1.00 11.27 ? 201 HEM A CBA 1 
HETATM 1424 C  CGA . HEM B 2 .   ? -2.412  13.402  -5.831  1.00 15.78 ? 201 HEM A CGA 1 
HETATM 1425 O  O1A . HEM B 2 .   ? -2.366  14.609  -5.362  1.00 22.94 ? 201 HEM A O1A 1 
HETATM 1426 O  O2A . HEM B 2 .   ? -2.401  13.153  -7.042  1.00 16.08 ? 201 HEM A O2A 1 
HETATM 1427 C  C1B . HEM B 2 .   ? -2.373  7.683   0.149   1.00 8.50  ? 201 HEM A C1B 1 
HETATM 1428 C  C2B . HEM B 2 .   ? -2.936  7.219   1.404   1.00 5.65  ? 201 HEM A C2B 1 
HETATM 1429 C  C3B . HEM B 2 .   ? -2.955  5.889   1.408   1.00 7.22  ? 201 HEM A C3B 1 
HETATM 1430 C  C4B . HEM B 2 .   ? -2.400  5.427   0.162   1.00 7.50  ? 201 HEM A C4B 1 
HETATM 1431 C  CMB . HEM B 2 .   ? -3.429  8.168   2.490   1.00 5.83  ? 201 HEM A CMB 1 
HETATM 1432 C  CAB . HEM B 2 .   ? -3.489  4.961   2.490   1.00 10.56 ? 201 HEM A CAB 1 
HETATM 1433 C  CBB . HEM B 2 .   ? -4.710  5.152   2.988   1.00 13.25 ? 201 HEM A CBB 1 
HETATM 1434 C  C1C . HEM B 2 .   ? -1.370  3.652   -1.241  1.00 6.79  ? 201 HEM A C1C 1 
HETATM 1435 C  C2C . HEM B 2 .   ? -0.879  2.302   -1.414  1.00 9.79  ? 201 HEM A C2C 1 
HETATM 1436 C  C3C . HEM B 2 .   ? -0.202  2.279   -2.581  1.00 7.64  ? 201 HEM A C3C 1 
HETATM 1437 C  C4C . HEM B 2 .   ? -0.180  3.597   -3.169  1.00 8.94  ? 201 HEM A C4C 1 
HETATM 1438 C  CMC . HEM B 2 .   ? -1.154  1.128   -0.449  1.00 11.08 ? 201 HEM A CMC 1 
HETATM 1439 C  CAC . HEM B 2 .   ? 0.584   1.095   -3.258  1.00 10.00 ? 201 HEM A CAC 1 
HETATM 1440 C  CBC . HEM B 2 .   ? 0.132   -0.142  -3.147  1.00 13.04 ? 201 HEM A CBC 1 
HETATM 1441 C  C1D . HEM B 2 .   ? 0.282   5.249   -4.867  1.00 7.66  ? 201 HEM A C1D 1 
HETATM 1442 C  C2D . HEM B 2 .   ? 0.716   5.679   -6.163  1.00 9.71  ? 201 HEM A C2D 1 
HETATM 1443 C  C3D . HEM B 2 .   ? 0.368   7.126   -6.309  1.00 8.87  ? 201 HEM A C3D 1 
HETATM 1444 C  C4D . HEM B 2 .   ? -0.221  7.519   -5.070  1.00 6.26  ? 201 HEM A C4D 1 
HETATM 1445 C  CMD . HEM B 2 .   ? 1.342   4.818   -7.250  1.00 9.84  ? 201 HEM A CMD 1 
HETATM 1446 C  CAD . HEM B 2 .   ? 0.608   8.006   -7.549  1.00 9.53  ? 201 HEM A CAD 1 
HETATM 1447 C  CBD . HEM B 2 .   ? -0.693  8.260   -8.295  1.00 8.58  ? 201 HEM A CBD 1 
HETATM 1448 C  CGD . HEM B 2 .   ? -0.503  9.332   -9.359  1.00 11.65 ? 201 HEM A CGD 1 
HETATM 1449 O  O1D . HEM B 2 .   ? 0.591   10.000  -9.457  1.00 17.37 ? 201 HEM A O1D 1 
HETATM 1450 O  O2D . HEM B 2 .   ? -1.452  9.565   -10.107 1.00 11.74 ? 201 HEM A O2D 1 
HETATM 1451 N  NA  . HEM B 2 .   ? -1.377  8.492   -2.473  1.00 7.18  ? 201 HEM A NA  1 
HETATM 1452 N  NB  . HEM B 2 .   ? -2.063  6.544   -0.586  1.00 7.91  ? 201 HEM A NB  1 
HETATM 1453 N  NC  . HEM B 2 .   ? -0.915  4.392   -2.287  1.00 6.25  ? 201 HEM A NC  1 
HETATM 1454 N  ND  . HEM B 2 .   ? -0.235  6.407   -4.226  1.00 7.27  ? 201 HEM A ND  1 
HETATM 1455 FE FE  . HEM B 2 .   ? -1.135  6.471   -2.381  1.00 7.29  ? 201 HEM A FE  1 
HETATM 1456 N  N1  . IMD C 3 .   ? 0.763   6.790   -1.531  1.00 7.45  ? 202 IMD A N1  1 
HETATM 1457 C  C2  . IMD C 3 .   ? 1.126   7.903   -0.872  1.00 11.61 ? 202 IMD A C2  1 
HETATM 1458 N  N3  . IMD C 3 .   ? 2.395   7.717   -0.494  1.00 10.33 ? 202 IMD A N3  1 
HETATM 1459 C  C4  . IMD C 3 .   ? 2.793   6.494   -0.832  1.00 9.49  ? 202 IMD A C4  1 
HETATM 1460 C  C5  . IMD C 3 .   ? 1.756   5.902   -1.516  1.00 10.45 ? 202 IMD A C5  1 
HETATM 1461 O  O   . HOH D 4 .   ? -5.047  4.290   -7.198  1.00 5.70  ? 301 HOH A O   1 
HETATM 1462 O  O   . HOH D 4 .   ? 9.620   0.755   1.032   1.00 8.28  ? 302 HOH A O   1 
HETATM 1463 O  O   . HOH D 4 .   ? -3.276  -13.222 4.743   1.00 9.41  ? 308 HOH A O   1 
HETATM 1464 O  O   . HOH D 4 .   ? -0.400  -14.332 -6.016  1.00 19.73 ? 309 HOH A O   1 
HETATM 1465 O  O   . HOH D 4 .   ? -9.759  -10.180 1.398   1.00 12.32 ? 310 HOH A O   1 
HETATM 1466 O  O   . HOH D 4 .   ? -9.468  2.571   11.102  1.00 15.31 ? 311 HOH A O   1 
HETATM 1467 O  O   . HOH D 4 .   ? -8.505  2.919   3.637   1.00 7.15  ? 312 HOH A O   1 
HETATM 1468 O  O   . HOH D 4 .   ? -11.697 -3.009  -2.712  1.00 9.82  ? 313 HOH A O   1 
HETATM 1469 O  O   . HOH D 4 .   ? -11.688 -0.336  -3.659  1.00 16.28 ? 314 HOH A O   1 
HETATM 1470 O  O   . HOH D 4 .   ? -3.482  7.987   -10.685 1.00 11.41 ? 316 HOH A O   1 
HETATM 1471 O  O   . HOH D 4 .   ? -7.409  7.110   -12.306 1.00 9.16  ? 317 HOH A O   1 
HETATM 1472 O  O   . HOH D 4 .   ? -11.879 6.810   -19.760 1.00 10.20 ? 318 HOH A O   1 
HETATM 1473 O  O   . HOH D 4 .   ? -7.473  6.158   -22.704 1.00 10.16 ? 319 HOH A O   1 
HETATM 1474 O  O   . HOH D 4 .   ? 0.803   6.122   -15.166 1.00 14.57 ? 320 HOH A O   1 
HETATM 1475 O  O   . HOH D 4 .   ? 5.273   4.337   -13.852 1.00 14.35 ? 321 HOH A O   1 
HETATM 1476 O  O   . HOH D 4 .   ? -7.789  -11.028 13.115  1.00 15.50 ? 322 HOH A O   1 
HETATM 1477 O  O   . HOH D 4 .   ? -1.775  -12.012 16.480  1.00 13.23 ? 323 HOH A O   1 
HETATM 1478 O  O   . HOH D 4 .   ? -4.222  -13.304 12.251  1.00 10.86 ? 324 HOH A O   1 
HETATM 1479 O  O   . HOH D 4 .   ? 3.049   9.968   1.277   1.00 23.51 ? 325 HOH A O   1 
HETATM 1480 O  O   . HOH D 4 .   ? -3.618  -17.267 5.086   1.00 16.36 ? 347 HOH A O   1 
HETATM 1481 O  O   . HOH D 4 .   ? 5.796   -20.803 -12.499 1.00 25.12 ? 348 HOH A O   1 
HETATM 1482 O  O   . HOH D 4 .   ? 2.955   -20.120 -11.977 1.00 25.52 ? 349 HOH A O   1 
HETATM 1483 O  O   . HOH D 4 .   ? 12.346  -4.444  -7.607  1.00 16.67 ? 350 HOH A O   1 
HETATM 1484 O  O   . HOH D 4 .   ? 17.804  -7.601  -5.676  1.00 10.52 ? 351 HOH A O   1 
HETATM 1485 O  O   . HOH D 4 .   ? 3.529   6.710   -14.134 1.00 22.07 ? 352 HOH A O   1 
HETATM 1486 O  O   . HOH D 4 .   ? 2.385   0.309   -18.943 1.00 22.83 ? 353 HOH A O   1 
HETATM 1487 O  O   . HOH D 4 .   ? 13.314  7.853   -9.532  1.00 26.02 ? 354 HOH A O   1 
HETATM 1488 O  O   . HOH D 4 .   ? 11.113  6.553   -9.860  1.00 17.81 ? 355 HOH A O   1 
HETATM 1489 O  O   . HOH D 4 .   ? 15.012  5.289   -9.139  1.00 20.52 ? 356 HOH A O   1 
HETATM 1490 O  O   . HOH D 4 .   ? -8.800  -11.825 7.468   1.00 10.81 ? 357 HOH A O   1 
HETATM 1491 O  O   . HOH D 4 .   ? -9.175  -9.212  8.187   1.00 11.69 ? 358 HOH A O   1 
HETATM 1492 O  O   . HOH D 4 .   ? 12.450  4.135   1.886   1.00 14.07 ? 359 HOH A O   1 
HETATM 1493 O  O   . HOH D 4 .   ? 10.868  3.750   -5.914  1.00 14.73 ? 360 HOH A O   1 
HETATM 1494 O  O   . HOH D 4 .   ? 5.287   8.918   -8.910  1.00 15.47 ? 361 HOH A O   1 
HETATM 1495 O  O   . HOH D 4 .   ? 10.773  1.496   10.465  1.00 18.28 ? 362 HOH A O   1 
HETATM 1496 O  O   . HOH D 4 .   ? 0.323   -6.641  20.309  1.00 13.48 ? 363 HOH A O   1 
HETATM 1497 O  O   . HOH D 4 .   ? -1.849  8.570   -22.829 1.00 14.86 ? 365 HOH A O   1 
HETATM 1498 O  O   . HOH D 4 .   ? -17.145 -1.249  8.813   1.00 34.48 ? 366 HOH A O   1 
HETATM 1499 O  O   . HOH D 4 .   ? -17.788 3.698   6.347   1.00 12.68 ? 367 HOH A O   1 
HETATM 1500 O  O   . HOH D 4 .   ? -14.013 1.978   6.639   1.00 15.05 ? 368 HOH A O   1 
HETATM 1501 O  O   . HOH D 4 .   ? -18.965 4.209   3.945   1.00 13.32 ? 369 HOH A O   1 
HETATM 1502 O  O   . HOH D 4 .   ? 0.655   -0.935  18.088  1.00 8.21  ? 370 HOH A O   1 
HETATM 1503 O  O   . HOH D 4 .   ? 4.895   7.011   15.241  1.00 13.03 ? 371 HOH A O   1 
HETATM 1504 O  O   . HOH D 4 .   ? 4.665   13.880  1.031   1.00 25.37 ? 421 HOH A O   1 
HETATM 1505 O  O   . HOH D 4 .   ? 12.756  -2.218  8.552   1.00 23.50 ? 422 HOH A O   1 
HETATM 1506 O  O   . HOH D 4 .   ? 15.769  -2.561  2.069   1.00 16.98 ? 423 HOH A O   1 
HETATM 1507 O  O   . HOH D 4 .   ? 10.655  -11.159 3.168   1.00 18.97 ? 424 HOH A O   1 
HETATM 1508 O  O   . HOH D 4 .   ? -8.575  -12.563 2.463   1.00 27.29 ? 425 HOH A O   1 
HETATM 1509 O  O   . HOH D 4 .   ? -0.846  10.177  8.745   1.00 14.72 ? 426 HOH A O   1 
HETATM 1510 O  O   . HOH D 4 .   ? 5.751   8.116   7.269   1.00 18.46 ? 427 HOH A O   1 
HETATM 1511 O  O   . HOH D 4 .   ? 5.235   11.861  3.089   1.00 17.08 ? 428 HOH A O   1 
HETATM 1512 O  O   . HOH D 4 .   ? 2.549   -16.176 -5.519  1.00 17.77 ? 429 HOH A O   1 
HETATM 1513 O  O   . HOH D 4 .   ? 7.150   -15.852 -16.039 1.00 17.66 ? 430 HOH A O   1 
HETATM 1514 O  O   . HOH D 4 .   ? -19.641 12.067  -5.336  1.00 28.17 ? 431 HOH A O   1 
HETATM 1515 O  O   . HOH D 4 .   ? -15.845 16.953  -5.145  1.00 23.80 ? 432 HOH A O   1 
HETATM 1516 O  O   . HOH D 4 .   ? -10.387 6.085   -22.252 1.00 11.31 ? 433 HOH A O   1 
HETATM 1517 O  O   . HOH D 4 .   ? -13.373 3.019   -20.568 1.00 19.07 ? 434 HOH A O   1 
HETATM 1518 O  O   . HOH D 4 .   ? -14.900 5.298   -17.805 0.50 14.47 ? 435 HOH A O   1 
HETATM 1519 O  O   . HOH D 4 .   ? -15.355 -0.673  -11.316 1.00 19.58 ? 436 HOH A O   1 
HETATM 1520 O  O   . HOH D 4 .   ? -12.510 -2.612  -13.158 1.00 22.91 ? 437 HOH A O   1 
HETATM 1521 O  O   . HOH D 4 .   ? 0.582   6.101   -22.274 1.00 12.23 ? 438 HOH A O   1 
HETATM 1522 O  O   . HOH D 4 .   ? 16.236  2.301   1.692   1.00 23.73 ? 439 HOH A O   1 
HETATM 1523 O  O   . HOH D 4 .   ? 12.238  1.557   0.600   1.00 13.22 ? 440 HOH A O   1 
HETATM 1524 O  O   . HOH D 4 .   ? 13.560  2.199   -1.744  1.00 15.44 ? 441 HOH A O   1 
HETATM 1525 O  O   . HOH D 4 .   ? 14.452  0.324   1.634   1.00 13.84 ? 442 HOH A O   1 
HETATM 1526 O  O   . HOH D 4 .   ? 15.203  4.694   0.926   1.00 18.00 ? 443 HOH A O   1 
HETATM 1527 O  O   . HOH D 4 .   ? 17.675  12.898  -4.880  1.00 22.60 ? 444 HOH A O   1 
HETATM 1528 O  O   . HOH D 4 .   ? -10.849 -0.725  6.790   1.00 18.56 ? 445 HOH A O   1 
HETATM 1529 O  O   . HOH D 4 .   ? -6.278  -7.589  17.566  1.00 22.19 ? 446 HOH A O   1 
HETATM 1530 O  O   . HOH D 4 .   ? 0.838   5.764   21.729  1.00 16.56 ? 447 HOH A O   1 
HETATM 1531 O  O   . HOH D 4 .   ? 1.637   1.592   19.276  1.00 14.24 ? 448 HOH A O   1 
HETATM 1532 O  O   . HOH D 4 .   ? -15.011 4.673   6.710   1.00 18.76 ? 449 HOH A O   1 
HETATM 1533 O  O   . HOH D 4 .   ? -15.647 11.022  2.693   1.00 24.14 ? 450 HOH A O   1 
HETATM 1534 O  O   . HOH D 4 .   ? -13.970 12.376  5.858   1.00 18.93 ? 451 HOH A O   1 
HETATM 1535 O  O   . HOH D 4 .   ? -15.335 3.367   -8.346  1.00 18.44 ? 452 HOH A O   1 
HETATM 1536 O  O   . HOH D 4 .   ? 2.435   -11.209 -12.193 1.00 19.17 ? 453 HOH A O   1 
HETATM 1537 O  O   . HOH D 4 .   ? -5.776  9.261   -12.084 1.00 12.18 ? 454 HOH A O   1 
HETATM 1538 O  O   . HOH D 4 .   ? -3.791  11.027  -13.688 0.50 12.64 ? 455 HOH A O   1 
HETATM 1539 O  O   . HOH D 4 .   ? -1.481  9.538   -12.849 1.00 21.04 ? 456 HOH A O   1 
HETATM 1540 O  O   . HOH D 4 .   ? 2.960   10.697  -8.311  1.00 21.64 ? 459 HOH A O   1 
HETATM 1541 O  O   . HOH D 4 .   ? 1.862   12.081  -6.396  1.00 28.61 ? 460 HOH A O   1 
HETATM 1542 O  O   . HOH D 4 .   ? 4.073   14.647  -3.163  1.00 40.79 ? 461 HOH A O   1 
HETATM 1543 O  O   . HOH D 4 .   ? 15.819  5.219   -4.868  1.00 21.56 ? 462 HOH A O   1 
HETATM 1544 O  O   . HOH D 4 .   ? 0.143   -21.963 5.927   1.00 30.75 ? 463 HOH A O   1 
HETATM 1545 O  O   . HOH D 4 .   ? 14.794  13.506  -12.254 1.00 40.20 ? 464 HOH A O   1 
HETATM 1546 O  O   . HOH D 4 .   ? 14.453  13.557  -2.460  1.00 29.21 ? 465 HOH A O   1 
HETATM 1547 O  O   . HOH D 4 .   ? 12.894  14.308  5.102   1.00 32.71 ? 466 HOH A O   1 
HETATM 1548 O  O   . HOH D 4 .   ? -7.843  -8.466  10.462  1.00 11.63 ? 467 HOH A O   1 
HETATM 1549 O  O   . HOH D 4 .   ? -13.605 -8.089  -0.013  1.00 26.77 ? 468 HOH A O   1 
HETATM 1550 O  O   . HOH D 4 .   ? -11.651 -10.537 -0.546  1.00 21.00 ? 470 HOH A O   1 
HETATM 1551 O  O   . HOH D 4 .   ? -11.257 1.891   5.957   1.00 18.86 ? 471 HOH A O   1 
HETATM 1552 O  O   . HOH D 4 .   ? -10.763 0.341   9.910   1.00 22.97 ? 472 HOH A O   1 
HETATM 1553 O  O   . HOH D 4 .   ? -12.141 -7.767  13.444  1.00 21.63 ? 475 HOH A O   1 
HETATM 1554 O  O   . HOH D 4 .   ? 3.109   -14.465 9.907   1.00 25.48 ? 476 HOH A O   1 
HETATM 1555 O  O   . HOH D 4 .   ? 5.037   -13.369 11.161  1.00 27.37 ? 477 HOH A O   1 
HETATM 1556 O  O   . HOH D 4 .   ? 5.250   -8.810  14.831  1.00 16.45 ? 478 HOH A O   1 
HETATM 1557 O  O   . HOH D 4 .   ? -16.025 4.177   -5.423  1.00 22.26 ? 480 HOH A O   1 
HETATM 1558 O  O   . HOH D 4 .   ? 15.119  -7.978  6.006   1.00 30.27 ? 481 HOH A O   1 
HETATM 1559 O  O   . HOH D 4 .   ? 3.788   -14.335 6.625   1.00 31.94 ? 482 HOH A O   1 
HETATM 1560 O  O   . HOH D 4 .   ? -10.277 -11.403 -2.843  1.00 31.52 ? 483 HOH A O   1 
HETATM 1561 O  O   . HOH D 4 .   ? 6.190   14.246  10.356  1.00 29.11 ? 484 HOH A O   1 
HETATM 1562 O  O   . HOH D 4 .   ? 3.990   12.068  11.078  1.00 28.72 ? 485 HOH A O   1 
HETATM 1563 O  O   . HOH D 4 .   ? 0.739   -2.413  -14.821 1.00 21.11 ? 486 HOH A O   1 
HETATM 1564 O  O   . HOH D 4 .   ? 11.529  -3.922  -10.595 1.00 22.71 ? 487 HOH A O   1 
HETATM 1565 O  O   . HOH D 4 .   ? 13.094  -2.248  -4.079  1.00 15.00 ? 488 HOH A O   1 
HETATM 1566 O  O   . HOH D 4 .   ? -17.350 7.152   -12.469 1.00 18.26 ? 489 HOH A O   1 
HETATM 1567 O  O   . HOH D 4 .   ? 0.835   -16.293 10.403  1.00 29.17 ? 490 HOH A O   1 
HETATM 1568 O  O   . HOH D 4 .   ? -1.738  -13.252 13.854  1.00 18.72 ? 491 HOH A O   1 
HETATM 1569 O  O   . HOH D 4 .   ? -0.348  11.215  11.539  1.00 18.61 ? 492 HOH A O   1 
HETATM 1570 O  O   . HOH D 4 .   ? -1.366  12.471  7.401   1.00 19.09 ? 493 HOH A O   1 
HETATM 1571 O  O   . HOH D 4 .   ? 15.281  -2.259  -7.574  1.00 20.62 ? 494 HOH A O   1 
HETATM 1572 O  O   . HOH D 4 .   ? 7.632   2.202   19.066  1.00 22.56 ? 495 HOH A O   1 
HETATM 1573 O  O   . HOH D 4 .   ? 3.938   1.661   19.901  1.00 15.54 ? 496 HOH A O   1 
HETATM 1574 O  O   . HOH D 4 .   ? -13.715 5.279   14.899  1.00 40.47 ? 497 HOH A O   1 
HETATM 1575 O  O   . HOH D 4 .   ? -10.728 6.547   12.166  1.00 30.86 ? 498 HOH A O   1 
HETATM 1576 O  O   . HOH D 4 .   ? -18.876 0.673   -2.801  1.00 27.79 ? 499 HOH A O   1 
HETATM 1577 O  O   . HOH D 4 .   ? -3.353  20.901  0.948   1.00 32.04 ? 500 HOH A O   1 
HETATM 1578 O  O   . HOH D 4 .   ? 1.448   12.881  0.908   1.00 26.00 ? 501 HOH A O   1 
HETATM 1579 O  O   . HOH D 4 .   ? 1.784   11.293  -1.567  1.00 24.80 ? 502 HOH A O   1 
HETATM 1580 O  O   . HOH D 4 .   ? -1.981  12.487  4.648   1.00 25.19 ? 503 HOH A O   1 
HETATM 1581 O  O   . HOH D 4 .   ? -3.895  11.576  2.900   1.00 23.10 ? 504 HOH A O   1 
HETATM 1582 O  O   . HOH D 4 .   ? -0.473  -16.627 -12.663 1.00 26.53 ? 505 HOH A O   1 
HETATM 1583 O  O   . HOH D 4 .   ? -4.880  -7.727  -9.012  1.00 31.56 ? 506 HOH A O   1 
HETATM 1584 O  O   . HOH D 4 .   ? 0.313   12.420  -10.790 1.00 26.51 ? 507 HOH A O   1 
HETATM 1585 O  O   . HOH D 4 .   ? 2.101   9.512   -12.191 1.00 22.29 ? 508 HOH A O   1 
HETATM 1586 O  O   . HOH D 4 .   ? -11.287 13.481  5.434   1.00 21.19 ? 509 HOH A O   1 
HETATM 1587 O  O   . HOH D 4 .   ? -2.867  -20.179 7.513   1.00 30.86 ? 510 HOH A O   1 
HETATM 1588 O  O   . HOH D 4 .   ? 15.102  7.646   -1.056  1.00 24.14 ? 511 HOH A O   1 
HETATM 1589 O  O   . HOH D 4 .   ? 11.030  4.193   12.997  1.00 21.59 ? 512 HOH A O   1 
HETATM 1590 O  O   . HOH D 4 .   ? 0.105   11.548  -13.932 1.00 23.81 ? 514 HOH A O   1 
HETATM 1591 O  O   . HOH D 4 .   ? 10.959  14.959  -9.694  1.00 32.26 ? 515 HOH A O   1 
HETATM 1592 O  O   . HOH D 4 .   ? 3.187   12.782  -12.301 1.00 35.16 ? 516 HOH A O   1 
HETATM 1593 O  O   . HOH D 4 .   ? -10.268 -1.408  11.985  1.00 25.39 ? 517 HOH A O   1 
HETATM 1594 O  O   . HOH D 4 .   ? 7.543   6.111   19.028  1.00 40.50 ? 518 HOH A O   1 
HETATM 1595 O  O   . HOH D 4 .   ? 10.514  15.651  -1.350  1.00 27.32 ? 519 HOH A O   1 
HETATM 1596 O  O   . HOH D 4 .   ? 12.136  -5.242  8.796   1.00 27.72 ? 520 HOH A O   1 
HETATM 1597 O  O   . HOH D 4 .   ? -6.269  16.529  7.225   1.00 25.46 ? 521 HOH A O   1 
HETATM 1598 O  O   . HOH D 4 .   ? -2.664  14.567  3.717   1.00 25.11 ? 522 HOH A O   1 
HETATM 1599 O  O   . HOH D 4 .   ? -7.428  13.382  -5.693  1.00 23.87 ? 523 HOH A O   1 
HETATM 1600 O  O   . HOH D 4 .   ? -1.472  -14.818 -10.926 1.00 37.82 ? 524 HOH A O   1 
HETATM 1601 O  O   . HOH D 4 .   ? 8.501   -16.127 -7.133  1.00 31.69 ? 525 HOH A O   1 
HETATM 1602 O  O   . HOH D 4 .   ? -1.421  -15.819 -8.550  1.00 22.49 ? 526 HOH A O   1 
HETATM 1603 O  O   . HOH D 4 .   ? 3.011   -1.777  -16.175 1.00 26.39 ? 527 HOH A O   1 
HETATM 1604 O  O   . HOH D 4 .   ? 3.557   10.428  -16.134 1.00 31.32 ? 528 HOH A O   1 
HETATM 1605 O  O   . HOH D 4 .   ? -1.299  -20.258 10.457  1.00 24.49 ? 529 HOH A O   1 
HETATM 1606 O  O   . HOH D 4 .   ? -1.932  8.988   20.222  1.00 14.44 ? 530 HOH A O   1 
HETATM 1607 O  O   . HOH D 4 .   ? -4.212  5.300   14.930  1.00 23.90 ? 531 HOH A O   1 
HETATM 1608 O  O   . HOH D 4 .   ? -17.088 -6.819  -1.261  1.00 29.67 ? 532 HOH A O   1 
HETATM 1609 O  O   . HOH D 4 .   ? -18.425 -2.151  -4.574  1.00 25.38 ? 533 HOH A O   1 
HETATM 1610 O  O   . HOH D 4 .   ? -14.519 -8.109  -2.723  1.00 24.22 ? 534 HOH A O   1 
HETATM 1611 O  O   . HOH D 4 .   ? 9.250   -6.579  10.492  1.00 33.69 ? 535 HOH A O   1 
HETATM 1612 O  O   . HOH D 4 .   ? -17.047 -3.631  10.292  1.00 27.32 ? 536 HOH A O   1 
HETATM 1613 O  O   . HOH D 4 .   ? 0.904   9.997   20.742  1.00 23.13 ? 537 HOH A O   1 
HETATM 1614 O  O   . HOH D 4 .   ? -18.573 1.499   -5.901  1.00 31.91 ? 538 HOH A O   1 
HETATM 1615 O  O   . HOH D 4 .   ? 2.527   12.570  -3.640  1.00 29.82 ? 539 HOH A O   1 
HETATM 1616 O  O   . HOH D 4 .   ? 7.260   -17.546 0.480   1.00 29.67 ? 540 HOH A O   1 
HETATM 1617 O  O   . HOH D 4 .   ? -15.638 8.022   -5.759  1.00 29.12 ? 543 HOH A O   1 
HETATM 1618 O  O   . HOH D 4 .   ? -15.828 8.322   -8.436  1.00 27.04 ? 544 HOH A O   1 
HETATM 1619 O  O   . HOH D 4 .   ? -6.464  0.158   -22.442 1.00 25.27 ? 545 HOH A O   1 
HETATM 1620 O  O   . HOH D 4 .   ? -2.456  0.553   -23.481 1.00 31.80 ? 546 HOH A O   1 
HETATM 1621 O  O   . HOH D 4 .   ? 3.213   7.624   -19.314 1.00 32.78 ? 547 HOH A O   1 
HETATM 1622 O  O   . HOH D 4 .   ? 8.334   -3.912  12.084  1.00 23.77 ? 548 HOH A O   1 
HETATM 1623 O  O   . HOH D 4 .   ? 0.059   12.232  14.784  1.00 24.30 ? 549 HOH A O   1 
HETATM 1624 O  O   . HOH D 4 .   ? -7.655  9.173   13.135  1.00 27.20 ? 550 HOH A O   1 
HETATM 1625 O  O   . HOH D 4 .   ? -18.006 -1.567  -1.934  1.00 30.02 ? 551 HOH A O   1 
HETATM 1626 O  O   . HOH D 4 .   ? -13.126 0.209   -21.024 1.00 24.85 ? 552 HOH A O   1 
HETATM 1627 O  O   . HOH D 4 .   ? -9.072  -0.404  -22.611 1.00 30.25 ? 553 HOH A O   1 
HETATM 1628 O  O   . HOH D 4 .   ? -10.813 -1.918  -19.803 1.00 31.67 ? 554 HOH A O   1 
HETATM 1629 O  O   . HOH D 4 .   ? -6.186  3.025   -23.596 1.00 31.00 ? 555 HOH A O   1 
# 
_atom_site_anisotrop.id                   1455 
_atom_site_anisotrop.type_symbol          FE 
_atom_site_anisotrop.pdbx_label_atom_id   FE 
_atom_site_anisotrop.pdbx_label_alt_id    . 
_atom_site_anisotrop.pdbx_label_comp_id   HEM 
_atom_site_anisotrop.pdbx_label_asym_id   B 
_atom_site_anisotrop.pdbx_label_seq_id    . 
_atom_site_anisotrop.pdbx_PDB_ins_code    ? 
_atom_site_anisotrop.U[1][1]              0.0822 
_atom_site_anisotrop.U[2][2]              0.1016 
_atom_site_anisotrop.U[3][3]              0.0931 
_atom_site_anisotrop.U[1][2]              -0.0020 
_atom_site_anisotrop.U[1][3]              0.0036 
_atom_site_anisotrop.U[2][3]              0.0070 
_atom_site_anisotrop.pdbx_auth_seq_id     201 
_atom_site_anisotrop.pdbx_auth_comp_id    HEM 
_atom_site_anisotrop.pdbx_auth_asym_id    A 
_atom_site_anisotrop.pdbx_auth_atom_id    FE 
# 
